data_4KYY
# 
_entry.id   4KYY 
# 
_audit_conform.dict_name       mmcif_pdbx.dic 
_audit_conform.dict_version    5.389 
_audit_conform.dict_location   http://mmcif.pdb.org/dictionaries/ascii/mmcif_pdbx.dic 
# 
loop_
_database_2.database_id 
_database_2.database_code 
_database_2.pdbx_database_accession 
_database_2.pdbx_DOI 
PDB   4KYY         pdb_00004kyy 10.2210/pdb4kyy/pdb 
NDB   NA2480       ?            ?                   
RCSB  RCSB079970   ?            ?                   
WWPDB D_1000079970 ?            ?                   
# 
loop_
_pdbx_audit_revision_history.ordinal 
_pdbx_audit_revision_history.data_content_type 
_pdbx_audit_revision_history.major_revision 
_pdbx_audit_revision_history.minor_revision 
_pdbx_audit_revision_history.revision_date 
1 'Structure model' 1 0 2013-06-12 
2 'Structure model' 1 1 2024-02-28 
3 'Structure model' 1 2 2024-04-03 
# 
_pdbx_audit_revision_details.ordinal             1 
_pdbx_audit_revision_details.revision_ordinal    1 
_pdbx_audit_revision_details.data_content_type   'Structure model' 
_pdbx_audit_revision_details.provider            repository 
_pdbx_audit_revision_details.type                'Initial release' 
_pdbx_audit_revision_details.description         ? 
_pdbx_audit_revision_details.details             ? 
# 
loop_
_pdbx_audit_revision_group.ordinal 
_pdbx_audit_revision_group.revision_ordinal 
_pdbx_audit_revision_group.data_content_type 
_pdbx_audit_revision_group.group 
1 2 'Structure model' 'Data collection'        
2 2 'Structure model' 'Database references'    
3 2 'Structure model' 'Derived calculations'   
4 3 'Structure model' 'Refinement description' 
# 
loop_
_pdbx_audit_revision_category.ordinal 
_pdbx_audit_revision_category.revision_ordinal 
_pdbx_audit_revision_category.data_content_type 
_pdbx_audit_revision_category.category 
1 2 'Structure model' chem_comp_atom                
2 2 'Structure model' chem_comp_bond                
3 2 'Structure model' database_2                    
4 2 'Structure model' pdbx_struct_conn_angle        
5 2 'Structure model' struct_conn                   
6 2 'Structure model' struct_site                   
7 3 'Structure model' pdbx_initial_refinement_model 
# 
loop_
_pdbx_audit_revision_item.ordinal 
_pdbx_audit_revision_item.revision_ordinal 
_pdbx_audit_revision_item.data_content_type 
_pdbx_audit_revision_item.item 
1  2 'Structure model' '_database_2.pdbx_DOI'                        
2  2 'Structure model' '_database_2.pdbx_database_accession'         
3  2 'Structure model' '_pdbx_struct_conn_angle.ptnr1_auth_asym_id'  
4  2 'Structure model' '_pdbx_struct_conn_angle.ptnr1_auth_comp_id'  
5  2 'Structure model' '_pdbx_struct_conn_angle.ptnr1_auth_seq_id'   
6  2 'Structure model' '_pdbx_struct_conn_angle.ptnr1_label_asym_id' 
7  2 'Structure model' '_pdbx_struct_conn_angle.ptnr1_label_atom_id' 
8  2 'Structure model' '_pdbx_struct_conn_angle.ptnr1_label_comp_id' 
9  2 'Structure model' '_pdbx_struct_conn_angle.ptnr1_label_seq_id'  
10 2 'Structure model' '_pdbx_struct_conn_angle.ptnr2_auth_asym_id'  
11 2 'Structure model' '_pdbx_struct_conn_angle.ptnr2_auth_seq_id'   
12 2 'Structure model' '_pdbx_struct_conn_angle.ptnr2_label_asym_id' 
13 2 'Structure model' '_pdbx_struct_conn_angle.ptnr3_auth_asym_id'  
14 2 'Structure model' '_pdbx_struct_conn_angle.ptnr3_auth_comp_id'  
15 2 'Structure model' '_pdbx_struct_conn_angle.ptnr3_auth_seq_id'   
16 2 'Structure model' '_pdbx_struct_conn_angle.ptnr3_label_asym_id' 
17 2 'Structure model' '_pdbx_struct_conn_angle.ptnr3_label_atom_id' 
18 2 'Structure model' '_pdbx_struct_conn_angle.ptnr3_label_comp_id' 
19 2 'Structure model' '_pdbx_struct_conn_angle.ptnr3_label_seq_id'  
20 2 'Structure model' '_pdbx_struct_conn_angle.value'               
21 2 'Structure model' '_struct_conn.pdbx_dist_value'                
22 2 'Structure model' '_struct_conn.ptnr1_auth_asym_id'             
23 2 'Structure model' '_struct_conn.ptnr1_auth_comp_id'             
24 2 'Structure model' '_struct_conn.ptnr1_auth_seq_id'              
25 2 'Structure model' '_struct_conn.ptnr1_label_asym_id'            
26 2 'Structure model' '_struct_conn.ptnr1_label_atom_id'            
27 2 'Structure model' '_struct_conn.ptnr1_label_comp_id'            
28 2 'Structure model' '_struct_conn.ptnr1_label_seq_id'             
29 2 'Structure model' '_struct_conn.ptnr2_auth_asym_id'             
30 2 'Structure model' '_struct_conn.ptnr2_auth_comp_id'             
31 2 'Structure model' '_struct_conn.ptnr2_auth_seq_id'              
32 2 'Structure model' '_struct_conn.ptnr2_label_asym_id'            
33 2 'Structure model' '_struct_conn.ptnr2_label_atom_id'            
34 2 'Structure model' '_struct_conn.ptnr2_label_comp_id'            
35 2 'Structure model' '_struct_conn.ptnr2_label_seq_id'             
36 2 'Structure model' '_struct_site.pdbx_auth_asym_id'              
37 2 'Structure model' '_struct_site.pdbx_auth_comp_id'              
38 2 'Structure model' '_struct_site.pdbx_auth_seq_id'               
# 
_pdbx_database_status.status_code                     REL 
_pdbx_database_status.entry_id                        4KYY 
_pdbx_database_status.recvd_initial_deposition_date   2013-05-29 
_pdbx_database_status.deposit_site                    RCSB 
_pdbx_database_status.process_site                    RCSB 
_pdbx_database_status.status_code_sf                  REL 
_pdbx_database_status.status_code_mr                  ? 
_pdbx_database_status.SG_entry                        ? 
_pdbx_database_status.status_code_cs                  ? 
_pdbx_database_status.methods_development_category    ? 
_pdbx_database_status.pdb_format_compatible           Y 
_pdbx_database_status.status_code_nmr_data            ? 
# 
loop_
_audit_author.name 
_audit_author.pdbx_ordinal 
'Smith, P.C.' 1 
'Shuman, S.'  2 
# 
_citation.id                        primary 
_citation.title                     'Crystal Structure of RNA 17-mer UUCGGUUUUGAUCCGGA duplex' 
_citation.journal_abbrev            'To be Published' 
_citation.journal_volume            ? 
_citation.page_first                ? 
_citation.page_last                 ? 
_citation.year                      ? 
_citation.journal_id_ASTM           ? 
_citation.country                   ? 
_citation.journal_id_ISSN           ? 
_citation.journal_id_CSD            0353 
_citation.book_publisher            ? 
_citation.pdbx_database_id_PubMed   ? 
_citation.pdbx_database_id_DOI      ? 
# 
loop_
_citation_author.citation_id 
_citation_author.name 
_citation_author.ordinal 
_citation_author.identifier_ORCID 
primary 'Smith, P.C.' 1 ? 
primary 'Shuman, S.'  2 ? 
# 
loop_
_entity.id 
_entity.type 
_entity.src_method 
_entity.pdbx_description 
_entity.formula_weight 
_entity.pdbx_number_of_molecules 
_entity.pdbx_ec 
_entity.pdbx_mutation 
_entity.pdbx_fragment 
_entity.details 
1 polymer     syn 'RNA 17-mer'    5398.189 2  ? ? ? ? 
2 non-polymer syn 'POTASSIUM ION' 39.098   7  ? ? ? ? 
3 water       nat water           18.015   85 ? ? ? ? 
# 
_entity_poly.entity_id                      1 
_entity_poly.type                           polyribonucleotide 
_entity_poly.nstd_linkage                   no 
_entity_poly.nstd_monomer                   no 
_entity_poly.pdbx_seq_one_letter_code       UUCGGUUUUGAUCCGGA 
_entity_poly.pdbx_seq_one_letter_code_can   UUCGGUUUUGAUCCGGA 
_entity_poly.pdbx_strand_id                 A,B 
_entity_poly.pdbx_target_identifier         ? 
# 
loop_
_pdbx_entity_nonpoly.entity_id 
_pdbx_entity_nonpoly.name 
_pdbx_entity_nonpoly.comp_id 
2 'POTASSIUM ION' K   
3 water           HOH 
# 
loop_
_entity_poly_seq.entity_id 
_entity_poly_seq.num 
_entity_poly_seq.mon_id 
_entity_poly_seq.hetero 
1 1  U n 
1 2  U n 
1 3  C n 
1 4  G n 
1 5  G n 
1 6  U n 
1 7  U n 
1 8  U n 
1 9  U n 
1 10 G n 
1 11 A n 
1 12 U n 
1 13 C n 
1 14 C n 
1 15 G n 
1 16 G n 
1 17 A n 
# 
loop_
_chem_comp.id 
_chem_comp.type 
_chem_comp.mon_nstd_flag 
_chem_comp.name 
_chem_comp.pdbx_synonyms 
_chem_comp.formula 
_chem_comp.formula_weight 
A   'RNA linking' y "ADENOSINE-5'-MONOPHOSPHATE" ? 'C10 H14 N5 O7 P' 347.221 
C   'RNA linking' y "CYTIDINE-5'-MONOPHOSPHATE"  ? 'C9 H14 N3 O8 P'  323.197 
G   'RNA linking' y "GUANOSINE-5'-MONOPHOSPHATE" ? 'C10 H14 N5 O8 P' 363.221 
HOH non-polymer   . WATER                        ? 'H2 O'            18.015  
K   non-polymer   . 'POTASSIUM ION'              ? 'K 1'             39.098  
U   'RNA linking' y "URIDINE-5'-MONOPHOSPHATE"   ? 'C9 H13 N2 O9 P'  324.181 
# 
loop_
_pdbx_poly_seq_scheme.asym_id 
_pdbx_poly_seq_scheme.entity_id 
_pdbx_poly_seq_scheme.seq_id 
_pdbx_poly_seq_scheme.mon_id 
_pdbx_poly_seq_scheme.ndb_seq_num 
_pdbx_poly_seq_scheme.pdb_seq_num 
_pdbx_poly_seq_scheme.auth_seq_num 
_pdbx_poly_seq_scheme.pdb_mon_id 
_pdbx_poly_seq_scheme.auth_mon_id 
_pdbx_poly_seq_scheme.pdb_strand_id 
_pdbx_poly_seq_scheme.pdb_ins_code 
_pdbx_poly_seq_scheme.hetero 
A 1 1  U 1  1  1  U U A . n 
A 1 2  U 2  2  2  U U A . n 
A 1 3  C 3  3  3  C C A . n 
A 1 4  G 4  4  4  G G A . n 
A 1 5  G 5  5  5  G G A . n 
A 1 6  U 6  6  6  U U A . n 
A 1 7  U 7  7  7  U U A . n 
A 1 8  U 8  8  8  U U A . n 
A 1 9  U 9  9  9  U U A . n 
A 1 10 G 10 10 10 G G A . n 
A 1 11 A 11 11 11 A A A . n 
A 1 12 U 12 12 12 U U A . n 
A 1 13 C 13 13 13 C C A . n 
A 1 14 C 14 14 14 C C A . n 
A 1 15 G 15 15 15 G G A . n 
A 1 16 G 16 16 16 G G A . n 
A 1 17 A 17 17 17 A A A . n 
B 1 1  U 1  1  1  U U B . n 
B 1 2  U 2  2  2  U U B . n 
B 1 3  C 3  3  3  C C B . n 
B 1 4  G 4  4  4  G G B . n 
B 1 5  G 5  5  5  G G B . n 
B 1 6  U 6  6  6  U U B . n 
B 1 7  U 7  7  7  U U B . n 
B 1 8  U 8  8  8  U U B . n 
B 1 9  U 9  9  9  U U B . n 
B 1 10 G 10 10 10 G G B . n 
B 1 11 A 11 11 11 A A B . n 
B 1 12 U 12 12 12 U U B . n 
B 1 13 C 13 13 13 C C B . n 
B 1 14 C 14 14 14 C C B . n 
B 1 15 G 15 15 15 G G B . n 
B 1 16 G 16 16 16 G G B . n 
B 1 17 A 17 17 17 A A B . n 
# 
loop_
_pdbx_nonpoly_scheme.asym_id 
_pdbx_nonpoly_scheme.entity_id 
_pdbx_nonpoly_scheme.mon_id 
_pdbx_nonpoly_scheme.ndb_seq_num 
_pdbx_nonpoly_scheme.pdb_seq_num 
_pdbx_nonpoly_scheme.auth_seq_num 
_pdbx_nonpoly_scheme.pdb_mon_id 
_pdbx_nonpoly_scheme.auth_mon_id 
_pdbx_nonpoly_scheme.pdb_strand_id 
_pdbx_nonpoly_scheme.pdb_ins_code 
C 2 K   1  101 1  K   K   A . 
D 2 K   1  102 2  K   K   A . 
E 2 K   1  103 4  K   K   A . 
F 2 K   1  104 5  K   K   A . 
G 2 K   1  105 6  K   K   A . 
H 2 K   1  101 3  K   K   B . 
I 2 K   1  102 7  K   K   B . 
J 3 HOH 1  201 1  HOH HOH A . 
J 3 HOH 2  202 4  HOH HOH A . 
J 3 HOH 3  203 5  HOH HOH A . 
J 3 HOH 4  204 7  HOH HOH A . 
J 3 HOH 5  205 10 HOH HOH A . 
J 3 HOH 6  206 11 HOH HOH A . 
J 3 HOH 7  207 12 HOH HOH A . 
J 3 HOH 8  208 13 HOH HOH A . 
J 3 HOH 9  209 22 HOH HOH A . 
J 3 HOH 10 210 25 HOH HOH A . 
J 3 HOH 11 211 30 HOH HOH A . 
J 3 HOH 12 212 35 HOH HOH A . 
J 3 HOH 13 213 37 HOH HOH A . 
J 3 HOH 14 214 38 HOH HOH A . 
J 3 HOH 15 215 40 HOH HOH A . 
J 3 HOH 16 216 42 HOH HOH A . 
J 3 HOH 17 217 45 HOH HOH A . 
J 3 HOH 18 218 48 HOH HOH A . 
J 3 HOH 19 219 49 HOH HOH A . 
J 3 HOH 20 220 53 HOH HOH A . 
J 3 HOH 21 221 54 HOH HOH A . 
J 3 HOH 22 222 55 HOH HOH A . 
J 3 HOH 23 223 56 HOH HOH A . 
J 3 HOH 24 224 57 HOH HOH A . 
J 3 HOH 25 225 62 HOH HOH A . 
J 3 HOH 26 226 63 HOH HOH A . 
J 3 HOH 27 227 65 HOH HOH A . 
J 3 HOH 28 228 66 HOH HOH A . 
J 3 HOH 29 229 70 HOH HOH A . 
J 3 HOH 30 230 71 HOH HOH A . 
J 3 HOH 31 231 77 HOH HOH A . 
J 3 HOH 32 232 79 HOH HOH A . 
J 3 HOH 33 233 82 HOH HOH A . 
J 3 HOH 34 234 83 HOH HOH A . 
J 3 HOH 35 235 85 HOH HOH A . 
K 3 HOH 1  201 2  HOH HOH B . 
K 3 HOH 2  202 3  HOH HOH B . 
K 3 HOH 3  203 6  HOH HOH B . 
K 3 HOH 4  204 8  HOH HOH B . 
K 3 HOH 5  205 9  HOH HOH B . 
K 3 HOH 6  206 14 HOH HOH B . 
K 3 HOH 7  207 15 HOH HOH B . 
K 3 HOH 8  208 16 HOH HOH B . 
K 3 HOH 9  209 17 HOH HOH B . 
K 3 HOH 10 210 18 HOH HOH B . 
K 3 HOH 11 211 19 HOH HOH B . 
K 3 HOH 12 212 20 HOH HOH B . 
K 3 HOH 13 213 21 HOH HOH B . 
K 3 HOH 14 214 23 HOH HOH B . 
K 3 HOH 15 215 24 HOH HOH B . 
K 3 HOH 16 216 26 HOH HOH B . 
K 3 HOH 17 217 27 HOH HOH B . 
K 3 HOH 18 218 28 HOH HOH B . 
K 3 HOH 19 219 29 HOH HOH B . 
K 3 HOH 20 220 31 HOH HOH B . 
K 3 HOH 21 221 32 HOH HOH B . 
K 3 HOH 22 222 33 HOH HOH B . 
K 3 HOH 23 223 34 HOH HOH B . 
K 3 HOH 24 224 36 HOH HOH B . 
K 3 HOH 25 225 39 HOH HOH B . 
K 3 HOH 26 226 41 HOH HOH B . 
K 3 HOH 27 227 43 HOH HOH B . 
K 3 HOH 28 228 44 HOH HOH B . 
K 3 HOH 29 229 46 HOH HOH B . 
K 3 HOH 30 230 47 HOH HOH B . 
K 3 HOH 31 231 50 HOH HOH B . 
K 3 HOH 32 232 51 HOH HOH B . 
K 3 HOH 33 233 52 HOH HOH B . 
K 3 HOH 34 234 58 HOH HOH B . 
K 3 HOH 35 235 59 HOH HOH B . 
K 3 HOH 36 236 60 HOH HOH B . 
K 3 HOH 37 237 61 HOH HOH B . 
K 3 HOH 38 238 64 HOH HOH B . 
K 3 HOH 39 239 67 HOH HOH B . 
K 3 HOH 40 240 68 HOH HOH B . 
K 3 HOH 41 241 69 HOH HOH B . 
K 3 HOH 42 242 72 HOH HOH B . 
K 3 HOH 43 243 73 HOH HOH B . 
K 3 HOH 44 244 74 HOH HOH B . 
K 3 HOH 45 245 75 HOH HOH B . 
K 3 HOH 46 246 76 HOH HOH B . 
K 3 HOH 47 247 78 HOH HOH B . 
K 3 HOH 48 248 80 HOH HOH B . 
K 3 HOH 49 249 81 HOH HOH B . 
K 3 HOH 50 250 84 HOH HOH B . 
# 
loop_
_software.name 
_software.classification 
_software.version 
_software.citation_id 
_software.pdbx_ordinal 
CBASS  'data collection' .                             ? 1 
PHENIX 'model building'  .                             ? 2 
PHENIX refinement        '(phenix.refine: 1.8.1_1168)' ? 3 
XDS    'data reduction'  .                             ? 4 
XDS    'data scaling'    .                             ? 5 
PHENIX phasing           .                             ? 6 
# 
_cell.entry_id           4KYY 
_cell.length_a           44.010 
_cell.length_b           44.010 
_cell.length_c           91.670 
_cell.angle_alpha        90.00 
_cell.angle_beta         90.00 
_cell.angle_gamma        120.00 
_cell.Z_PDB              12 
_cell.pdbx_unique_axis   ? 
_cell.length_a_esd       ? 
_cell.length_b_esd       ? 
_cell.length_c_esd       ? 
_cell.angle_alpha_esd    ? 
_cell.angle_beta_esd     ? 
_cell.angle_gamma_esd    ? 
# 
_symmetry.entry_id                         4KYY 
_symmetry.space_group_name_H-M             'P 31 2 1' 
_symmetry.pdbx_full_space_group_name_H-M   ? 
_symmetry.cell_setting                     ? 
_symmetry.Int_Tables_number                152 
_symmetry.space_group_name_Hall            ? 
# 
_exptl.entry_id          4KYY 
_exptl.method            'X-RAY DIFFRACTION' 
_exptl.crystals_number   ? 
# 
_exptl_crystal.id                    1 
_exptl_crystal.density_meas          ? 
_exptl_crystal.density_Matthews      2.37 
_exptl_crystal.density_percent_sol   48.18 
_exptl_crystal.description           ? 
_exptl_crystal.F_000                 ? 
_exptl_crystal.preparation           ? 
# 
_exptl_crystal_grow.crystal_id      1 
_exptl_crystal_grow.method          'VAPOR DIFFUSION, SITTING DROP' 
_exptl_crystal_grow.temp            294 
_exptl_crystal_grow.temp_details    ? 
_exptl_crystal_grow.pH              7.0 
_exptl_crystal_grow.pdbx_details    
'0.2M KF, 40%(w/v) hexelene glycol (MPD), pH 7.0, VAPOR DIFFUSION, SITTING DROP, temperature 294K' 
_exptl_crystal_grow.pdbx_pH_range   ? 
# 
_diffrn.id                     1 
_diffrn.ambient_temp           130 
_diffrn.ambient_temp_details   ? 
_diffrn.crystal_id             1 
# 
_diffrn_detector.diffrn_id              1 
_diffrn_detector.detector               PIXEL 
_diffrn_detector.type                   'DECTRIS PILATUS 6M' 
_diffrn_detector.pdbx_collection_date   2013-05-03 
_diffrn_detector.details                'See Beamline Documendation (SI 111)' 
# 
_diffrn_radiation.diffrn_id                        1 
_diffrn_radiation.wavelength_id                    1 
_diffrn_radiation.pdbx_monochromatic_or_laue_m_l   M 
_diffrn_radiation.monochromator                    'Si 111' 
_diffrn_radiation.pdbx_diffrn_protocol             'SINGLE WAVELENGTH' 
_diffrn_radiation.pdbx_scattering_type             x-ray 
# 
_diffrn_radiation_wavelength.id           1 
_diffrn_radiation_wavelength.wavelength   1.1 
_diffrn_radiation_wavelength.wt           1.0 
# 
_diffrn_source.diffrn_id                   1 
_diffrn_source.source                      SYNCHROTRON 
_diffrn_source.type                        'NSLS BEAMLINE X25' 
_diffrn_source.pdbx_synchrotron_site       NSLS 
_diffrn_source.pdbx_synchrotron_beamline   X25 
_diffrn_source.pdbx_wavelength             ? 
_diffrn_source.pdbx_wavelength_list        1.1 
# 
_reflns.entry_id                     4KYY 
_reflns.observed_criterion_sigma_I   -999 
_reflns.observed_criterion_sigma_F   -999 
_reflns.d_resolution_low             99 
_reflns.d_resolution_high            2.35 
_reflns.number_obs                   4651 
_reflns.number_all                   4659 
_reflns.percent_possible_obs         99.8 
_reflns.pdbx_Rmerge_I_obs            ? 
_reflns.pdbx_Rsym_value              0.06 
_reflns.pdbx_netI_over_sigmaI        20.81 
_reflns.B_iso_Wilson_estimate        ? 
_reflns.pdbx_redundancy              9.1 
_reflns.R_free_details               ? 
_reflns.limit_h_max                  ? 
_reflns.limit_h_min                  ? 
_reflns.limit_k_max                  ? 
_reflns.limit_k_min                  ? 
_reflns.limit_l_max                  ? 
_reflns.limit_l_min                  ? 
_reflns.observed_criterion_F_max     ? 
_reflns.observed_criterion_F_min     ? 
_reflns.pdbx_chi_squared             ? 
_reflns.pdbx_scaling_rejects         ? 
_reflns.pdbx_ordinal                 1 
_reflns.pdbx_diffrn_id               1 
# 
_refine.entry_id                                 4KYY 
_refine.ls_number_reflns_obs                     4621 
_refine.ls_number_reflns_all                     ? 
_refine.pdbx_ls_sigma_I                          ? 
_refine.pdbx_ls_sigma_F                          1.35 
_refine.pdbx_data_cutoff_high_absF               ? 
_refine.pdbx_data_cutoff_low_absF                ? 
_refine.pdbx_data_cutoff_high_rms_absF           ? 
_refine.ls_d_res_low                             35.193 
_refine.ls_d_res_high                            2.35 
_refine.ls_percent_reflns_obs                    99.23 
_refine.ls_R_factor_obs                          0.1994 
_refine.ls_R_factor_all                          ? 
_refine.ls_R_factor_R_work                       0.1949 
_refine.ls_R_factor_R_free                       0.2393 
_refine.ls_R_factor_R_free_error                 ? 
_refine.ls_R_factor_R_free_error_details         ? 
_refine.ls_percent_reflns_R_free                 9.65 
_refine.ls_number_reflns_R_free                  446 
_refine.ls_number_parameters                     ? 
_refine.ls_number_restraints                     ? 
_refine.occupancy_min                            ? 
_refine.occupancy_max                            ? 
_refine.correlation_coeff_Fo_to_Fc               ? 
_refine.correlation_coeff_Fo_to_Fc_free          ? 
_refine.B_iso_mean                               ? 
_refine.aniso_B[1][1]                            ? 
_refine.aniso_B[2][2]                            ? 
_refine.aniso_B[3][3]                            ? 
_refine.aniso_B[1][2]                            ? 
_refine.aniso_B[1][3]                            ? 
_refine.aniso_B[2][3]                            ? 
_refine.solvent_model_details                    'FLAT BULK SOLVENT MODEL' 
_refine.solvent_model_param_ksol                 ? 
_refine.solvent_model_param_bsol                 ? 
_refine.pdbx_solvent_vdw_probe_radii             1.11 
_refine.pdbx_solvent_ion_probe_radii             ? 
_refine.pdbx_solvent_shrinkage_radii             0.90 
_refine.pdbx_ls_cross_valid_method               ? 
_refine.details                                  ? 
_refine.pdbx_starting_model                      'UUCGG RNA duplex idealized structure' 
_refine.pdbx_method_to_determine_struct          'MOLECULAR REPLACEMENT' 
_refine.pdbx_isotropic_thermal_model             ? 
_refine.pdbx_stereochemistry_target_values       ML 
_refine.pdbx_stereochem_target_val_spec_case     ? 
_refine.pdbx_R_Free_selection_details            Random 
_refine.pdbx_overall_ESU_R                       ? 
_refine.pdbx_overall_ESU_R_Free                  ? 
_refine.overall_SU_ML                            0.39 
_refine.pdbx_overall_phase_error                 29.41 
_refine.overall_SU_B                             ? 
_refine.overall_SU_R_Cruickshank_DPI             ? 
_refine.ls_redundancy_reflns_obs                 ? 
_refine.B_iso_min                                ? 
_refine.B_iso_max                                ? 
_refine.overall_SU_R_free                        ? 
_refine.ls_wR_factor_R_free                      ? 
_refine.ls_wR_factor_R_work                      ? 
_refine.overall_FOM_free_R_set                   ? 
_refine.overall_FOM_work_R_set                   ? 
_refine.pdbx_diffrn_id                           1 
_refine.pdbx_refine_id                           'X-RAY DIFFRACTION' 
_refine.pdbx_TLS_residual_ADP_flag               ? 
_refine.pdbx_overall_SU_R_free_Cruickshank_DPI   ? 
_refine.pdbx_overall_SU_R_Blow_DPI               ? 
_refine.pdbx_overall_SU_R_free_Blow_DPI          ? 
# 
_refine_hist.pdbx_refine_id                   'X-RAY DIFFRACTION' 
_refine_hist.cycle_id                         LAST 
_refine_hist.pdbx_number_atoms_protein        0 
_refine_hist.pdbx_number_atoms_nucleic_acid   712 
_refine_hist.pdbx_number_atoms_ligand         7 
_refine_hist.number_atoms_solvent             85 
_refine_hist.number_atoms_total               804 
_refine_hist.d_res_high                       2.35 
_refine_hist.d_res_low                        35.193 
# 
loop_
_refine_ls_restr.type 
_refine_ls_restr.dev_ideal 
_refine_ls_restr.dev_ideal_target 
_refine_ls_restr.weight 
_refine_ls_restr.number 
_refine_ls_restr.pdbx_restraint_function 
_refine_ls_restr.pdbx_refine_id 
f_bond_d           0.004  ? ? 792  ? 'X-RAY DIFFRACTION' 
f_angle_d          0.776  ? ? 1230 ? 'X-RAY DIFFRACTION' 
f_dihedral_angle_d 10.568 ? ? 400  ? 'X-RAY DIFFRACTION' 
f_chiral_restr     0.031  ? ? 168  ? 'X-RAY DIFFRACTION' 
f_plane_restr      0.005  ? ? 34   ? 'X-RAY DIFFRACTION' 
# 
loop_
_refine_ls_shell.pdbx_total_number_of_bins_used 
_refine_ls_shell.d_res_high 
_refine_ls_shell.d_res_low 
_refine_ls_shell.number_reflns_R_work 
_refine_ls_shell.R_factor_R_work 
_refine_ls_shell.percent_reflns_obs 
_refine_ls_shell.R_factor_R_free 
_refine_ls_shell.R_factor_R_free_error 
_refine_ls_shell.percent_reflns_R_free 
_refine_ls_shell.number_reflns_R_free 
_refine_ls_shell.number_reflns_all 
_refine_ls_shell.R_factor_all 
_refine_ls_shell.number_reflns_obs 
_refine_ls_shell.redundancy_reflns_obs 
_refine_ls_shell.pdbx_refine_id 
. 2.35   2.6849  1347 0.3019 100.00 0.4170 . . 157 . . . . 'X-RAY DIFFRACTION' 
. 2.6849 3.3822  1374 0.2352 99.00  0.2716 . . 138 . . . . 'X-RAY DIFFRACTION' 
. 3.3822 35.1971 1454 0.1517 99.00  0.1852 . . 151 . . . . 'X-RAY DIFFRACTION' 
# 
_struct.entry_id                  4KYY 
_struct.title                     'Crystal Structure of RNA 17-mer UUCGGUUUUGAUCCGGA duplex' 
_struct.pdbx_model_details        ? 
_struct.pdbx_CASP_flag            ? 
_struct.pdbx_model_type_details   ? 
# 
_struct_keywords.entry_id        4KYY 
_struct_keywords.pdbx_keywords   RNA 
_struct_keywords.text            'RNA duplex, RNA' 
# 
loop_
_struct_asym.id 
_struct_asym.pdbx_blank_PDB_chainid_flag 
_struct_asym.pdbx_modified 
_struct_asym.entity_id 
_struct_asym.details 
A N N 1 ? 
B N N 1 ? 
C N N 2 ? 
D N N 2 ? 
E N N 2 ? 
F N N 2 ? 
G N N 2 ? 
H N N 2 ? 
I N N 2 ? 
J N N 3 ? 
K N N 3 ? 
# 
_struct_ref.id                         1 
_struct_ref.db_name                    PDB 
_struct_ref.db_code                    4KYY 
_struct_ref.pdbx_db_accession          4KYY 
_struct_ref.entity_id                  1 
_struct_ref.pdbx_align_begin           ? 
_struct_ref.pdbx_seq_one_letter_code   ? 
_struct_ref.pdbx_db_isoform            ? 
# 
loop_
_struct_ref_seq.align_id 
_struct_ref_seq.ref_id 
_struct_ref_seq.pdbx_PDB_id_code 
_struct_ref_seq.pdbx_strand_id 
_struct_ref_seq.seq_align_beg 
_struct_ref_seq.pdbx_seq_align_beg_ins_code 
_struct_ref_seq.seq_align_end 
_struct_ref_seq.pdbx_seq_align_end_ins_code 
_struct_ref_seq.pdbx_db_accession 
_struct_ref_seq.db_align_beg 
_struct_ref_seq.pdbx_db_align_beg_ins_code 
_struct_ref_seq.db_align_end 
_struct_ref_seq.pdbx_db_align_end_ins_code 
_struct_ref_seq.pdbx_auth_seq_align_beg 
_struct_ref_seq.pdbx_auth_seq_align_end 
1 1 4KYY A 1 ? 17 ? 4KYY 1 ? 17 ? 1 17 
2 1 4KYY B 1 ? 17 ? 4KYY 1 ? 17 ? 1 17 
# 
_pdbx_struct_assembly.id                   1 
_pdbx_struct_assembly.details              author_and_software_defined_assembly 
_pdbx_struct_assembly.method_details       PISA 
_pdbx_struct_assembly.oligomeric_details   dimeric 
_pdbx_struct_assembly.oligomeric_count     2 
# 
loop_
_pdbx_struct_assembly_prop.biol_id 
_pdbx_struct_assembly_prop.type 
_pdbx_struct_assembly_prop.value 
_pdbx_struct_assembly_prop.details 
1 'ABSA (A^2)' 4070 ? 
1 MORE         -41  ? 
1 'SSA (A^2)'  5260 ? 
# 
_pdbx_struct_assembly_gen.assembly_id       1 
_pdbx_struct_assembly_gen.oper_expression   1 
_pdbx_struct_assembly_gen.asym_id_list      A,B,C,D,E,F,G,H,I,J,K 
# 
_pdbx_struct_oper_list.id                   1 
_pdbx_struct_oper_list.type                 'identity operation' 
_pdbx_struct_oper_list.name                 1_555 
_pdbx_struct_oper_list.symmetry_operation   x,y,z 
_pdbx_struct_oper_list.matrix[1][1]         1.0000000000 
_pdbx_struct_oper_list.matrix[1][2]         0.0000000000 
_pdbx_struct_oper_list.matrix[1][3]         0.0000000000 
_pdbx_struct_oper_list.vector[1]            0.0000000000 
_pdbx_struct_oper_list.matrix[2][1]         0.0000000000 
_pdbx_struct_oper_list.matrix[2][2]         1.0000000000 
_pdbx_struct_oper_list.matrix[2][3]         0.0000000000 
_pdbx_struct_oper_list.vector[2]            0.0000000000 
_pdbx_struct_oper_list.matrix[3][1]         0.0000000000 
_pdbx_struct_oper_list.matrix[3][2]         0.0000000000 
_pdbx_struct_oper_list.matrix[3][3]         1.0000000000 
_pdbx_struct_oper_list.vector[3]            0.0000000000 
# 
_struct_biol.id        1 
_struct_biol.details   ? 
# 
loop_
_struct_conn.id 
_struct_conn.conn_type_id 
_struct_conn.pdbx_leaving_atom_flag 
_struct_conn.pdbx_PDB_id 
_struct_conn.ptnr1_label_asym_id 
_struct_conn.ptnr1_label_comp_id 
_struct_conn.ptnr1_label_seq_id 
_struct_conn.ptnr1_label_atom_id 
_struct_conn.pdbx_ptnr1_label_alt_id 
_struct_conn.pdbx_ptnr1_PDB_ins_code 
_struct_conn.pdbx_ptnr1_standard_comp_id 
_struct_conn.ptnr1_symmetry 
_struct_conn.ptnr2_label_asym_id 
_struct_conn.ptnr2_label_comp_id 
_struct_conn.ptnr2_label_seq_id 
_struct_conn.ptnr2_label_atom_id 
_struct_conn.pdbx_ptnr2_label_alt_id 
_struct_conn.pdbx_ptnr2_PDB_ins_code 
_struct_conn.ptnr1_auth_asym_id 
_struct_conn.ptnr1_auth_comp_id 
_struct_conn.ptnr1_auth_seq_id 
_struct_conn.ptnr2_auth_asym_id 
_struct_conn.ptnr2_auth_comp_id 
_struct_conn.ptnr2_auth_seq_id 
_struct_conn.ptnr2_symmetry 
_struct_conn.pdbx_ptnr3_label_atom_id 
_struct_conn.pdbx_ptnr3_label_seq_id 
_struct_conn.pdbx_ptnr3_label_comp_id 
_struct_conn.pdbx_ptnr3_label_asym_id 
_struct_conn.pdbx_ptnr3_label_alt_id 
_struct_conn.pdbx_ptnr3_PDB_ins_code 
_struct_conn.details 
_struct_conn.pdbx_dist_value 
_struct_conn.pdbx_value_order 
_struct_conn.pdbx_role 
metalc1  metalc ? ? A U   1  O4 ? ? ? 1_555 D K   .  K  ? ? A U   1   A K   102 1_555 ? ? ? ? ? ? ?             3.462 ? ? 
metalc2  metalc ? ? A U   2  O4 ? ? ? 1_555 D K   .  K  ? ? A U   2   A K   102 1_555 ? ? ? ? ? ? ?             2.896 ? ? 
metalc3  metalc ? ? A G   5  O6 ? ? ? 1_555 G K   .  K  ? ? A G   5   A K   105 1_555 ? ? ? ? ? ? ?             2.919 ? ? 
metalc4  metalc ? ? A U   6  O4 ? ? ? 1_555 G K   .  K  ? ? A U   6   A K   105 1_555 ? ? ? ? ? ? ?             2.970 ? ? 
metalc5  metalc ? ? A U   7  O4 ? ? ? 1_555 C K   .  K  ? ? A U   7   A K   101 1_555 ? ? ? ? ? ? ?             3.171 ? ? 
metalc6  metalc ? ? A U   8  O4 ? ? ? 1_555 C K   .  K  ? ? A U   8   A K   101 1_555 ? ? ? ? ? ? ?             2.702 ? ? 
metalc7  metalc ? ? A U   9  O4 ? ? ? 1_555 E K   .  K  ? ? A U   9   A K   103 1_555 ? ? ? ? ? ? ?             2.948 ? ? 
metalc8  metalc ? ? A G   10 O6 ? ? ? 1_555 E K   .  K  ? ? A G   10  A K   103 1_555 ? ? ? ? ? ? ?             2.929 ? ? 
metalc9  metalc ? ? A U   12 O4 ? ? ? 1_555 H K   .  K  ? ? A U   12  B K   101 1_555 ? ? ? ? ? ? ?             2.722 ? ? 
metalc10 metalc ? ? A G   15 O6 ? ? ? 1_555 F K   .  K  ? ? A G   15  A K   104 1_555 ? ? ? ? ? ? ?             3.210 ? ? 
metalc11 metalc ? ? A G   16 O6 ? ? ? 1_555 F K   .  K  ? ? A G   16  A K   104 1_555 ? ? ? ? ? ? ?             2.666 ? ? 
metalc12 metalc ? ? C K   .  K  ? ? ? 1_555 B G   10 O6 ? ? A K   101 B G   10  1_555 ? ? ? ? ? ? ?             2.817 ? ? 
metalc13 metalc ? ? C K   .  K  ? ? ? 1_555 K HOH .  O  ? ? A K   101 B HOH 207 1_555 ? ? ? ? ? ? ?             3.275 ? ? 
metalc14 metalc ? ? C K   .  K  ? ? ? 1_555 K HOH .  O  ? ? A K   101 B HOH 236 1_555 ? ? ? ? ? ? ?             2.585 ? ? 
metalc15 metalc ? ? C K   .  K  ? ? ? 1_555 K HOH .  O  ? ? A K   101 B HOH 238 1_555 ? ? ? ? ? ? ?             2.759 ? ? 
metalc16 metalc ? ? D K   .  K  ? ? ? 1_555 J HOH .  O  ? ? A K   102 A HOH 222 1_555 ? ? ? ? ? ? ?             2.912 ? ? 
metalc17 metalc ? ? D K   .  K  ? ? ? 1_555 B G   15 O6 ? ? A K   102 B G   15  1_555 ? ? ? ? ? ? ?             2.912 ? ? 
metalc18 metalc ? ? D K   .  K  ? ? ? 1_555 B G   16 O6 ? ? A K   102 B G   16  1_555 ? ? ? ? ? ? ?             2.929 ? ? 
metalc19 metalc ? ? D K   .  K  ? ? ? 1_555 K HOH .  O  ? ? A K   102 B HOH 241 1_555 ? ? ? ? ? ? ?             2.923 ? ? 
metalc20 metalc ? ? D K   .  K  ? ? ? 1_555 K HOH .  O  ? ? A K   102 B HOH 242 1_555 ? ? ? ? ? ? ?             3.454 ? ? 
metalc21 metalc ? ? E K   .  K  ? ? ? 1_555 J HOH .  O  ? ? A K   103 A HOH 201 1_555 ? ? ? ? ? ? ?             3.333 ? ? 
metalc22 metalc ? ? E K   .  K  ? ? ? 1_555 J HOH .  O  ? ? A K   103 A HOH 205 1_555 ? ? ? ? ? ? ?             2.843 ? ? 
metalc23 metalc ? ? E K   .  K  ? ? ? 1_555 J HOH .  O  ? ? A K   103 A HOH 226 1_555 ? ? ? ? ? ? ?             3.005 ? ? 
metalc24 metalc ? ? E K   .  K  ? ? ? 1_555 B U   8  O4 ? ? A K   103 B U   8   1_555 ? ? ? ? ? ? ?             2.939 ? ? 
metalc25 metalc ? ? E K   .  K  ? ? ? 1_555 K HOH .  O  ? ? A K   103 B HOH 217 1_555 ? ? ? ? ? ? ?             3.261 ? ? 
metalc26 metalc ? ? F K   .  K  ? ? ? 1_555 J HOH .  O  ? ? A K   104 A HOH 227 1_555 ? ? ? ? ? ? ?             2.868 ? ? 
metalc27 metalc ? ? F K   .  K  ? ? ? 1_555 J HOH .  O  ? ? A K   104 A HOH 230 1_555 ? ? ? ? ? ? ?             3.019 ? ? 
metalc28 metalc ? ? F K   .  K  ? ? ? 1_555 B U   1  O4 ? ? A K   104 B U   1   1_555 ? ? ? ? ? ? ?             3.429 ? ? 
metalc29 metalc ? ? F K   .  K  ? ? ? 1_555 B U   2  O4 ? ? A K   104 B U   2   1_555 ? ? ? ? ? ? ?             2.733 ? ? 
metalc30 metalc ? ? G K   .  K  ? ? ? 1_555 J HOH .  O  ? ? A K   105 A HOH 207 1_555 ? ? ? ? ? ? ?             2.902 ? ? 
metalc31 metalc ? ? G K   .  K  ? ? ? 1_555 J HOH .  O  ? ? A K   105 A HOH 208 1_555 ? ? ? ? ? ? ?             3.029 ? ? 
metalc32 metalc ? ? G K   .  K  ? ? ? 1_555 J HOH .  O  ? ? A K   105 A HOH 217 1_555 ? ? ? ? ? ? ?             2.866 ? ? 
metalc33 metalc ? ? G K   .  K  ? ? ? 1_555 B U   12 O4 ? ? A K   105 B U   12  1_555 ? ? ? ? ? ? ?             2.842 ? ? 
metalc34 metalc ? ? G K   .  K  ? ? ? 1_555 K HOH .  O  ? ? A K   105 B HOH 223 1_555 ? ? ? ? ? ? ?             2.921 ? ? 
metalc35 metalc ? ? J HOH .  O  ? ? ? 1_555 H K   .  K  ? ? A HOH 225 B K   101 1_555 ? ? ? ? ? ? ?             3.084 ? ? 
metalc36 metalc ? ? J HOH .  O  ? ? ? 1_555 H K   .  K  ? ? A HOH 228 B K   101 1_555 ? ? ? ? ? ? ?             2.979 ? ? 
metalc37 metalc ? ? J HOH .  O  ? ? ? 1_555 I K   .  K  ? ? A HOH 228 B K   102 1_555 ? ? ? ? ? ? ?             2.733 ? ? 
metalc38 metalc ? ? B G   4  O6 ? ? ? 1_555 I K   .  K  ? ? B G   4   B K   102 1_555 ? ? ? ? ? ? ?             2.790 ? ? 
metalc39 metalc ? ? B G   5  O6 ? ? ? 1_555 H K   .  K  ? ? B G   5   B K   101 1_555 ? ? ? ? ? ? ?             2.751 ? ? 
metalc40 metalc ? ? B G   5  O6 ? ? ? 1_555 I K   .  K  ? ? B G   5   B K   102 1_555 ? ? ? ? ? ? ?             2.869 ? ? 
metalc41 metalc ? ? B U   6  O4 ? ? ? 1_555 H K   .  K  ? ? B U   6   B K   101 1_555 ? ? ? ? ? ? ?             2.705 ? ? 
metalc42 metalc ? ? H K   .  K  ? ? ? 1_555 K HOH .  O  ? ? B K   101 B HOH 237 1_555 ? ? ? ? ? ? ?             2.938 ? ? 
metalc43 metalc ? ? I K   .  K  ? ? ? 1_555 K HOH .  O  ? ? B K   102 B HOH 203 1_555 ? ? ? ? ? ? ?             3.177 ? ? 
metalc44 metalc ? ? I K   .  K  ? ? ? 1_555 K HOH .  O  ? ? B K   102 B HOH 216 1_555 ? ? ? ? ? ? ?             3.072 ? ? 
metalc45 metalc ? ? I K   .  K  ? ? ? 1_555 K HOH .  O  ? ? B K   102 B HOH 237 1_555 ? ? ? ? ? ? ?             3.440 ? ? 
metalc46 metalc ? ? I K   .  K  ? ? ? 1_555 K HOH .  O  ? ? B K   102 B HOH 244 1_555 ? ? ? ? ? ? ?             2.864 ? ? 
hydrog1  hydrog ? ? A U   1  N3 ? ? ? 1_555 B A   17 N1 ? ? A U   1   B A   17  1_555 ? ? ? ? ? ? WATSON-CRICK  ?     ? ? 
hydrog2  hydrog ? ? A U   1  O4 ? ? ? 1_555 B A   17 N6 ? ? A U   1   B A   17  1_555 ? ? ? ? ? ? WATSON-CRICK  ?     ? ? 
hydrog3  hydrog ? ? A U   2  N3 ? ? ? 1_555 B G   16 O6 ? ? A U   2   B G   16  1_555 ? ? ? ? ? ? TYPE_28_PAIR  ?     ? ? 
hydrog4  hydrog ? ? A U   2  O2 ? ? ? 1_555 B G   16 N1 ? ? A U   2   B G   16  1_555 ? ? ? ? ? ? TYPE_28_PAIR  ?     ? ? 
hydrog5  hydrog ? ? A C   3  N3 ? ? ? 1_555 B G   15 N1 ? ? A C   3   B G   15  1_555 ? ? ? ? ? ? WATSON-CRICK  ?     ? ? 
hydrog6  hydrog ? ? A C   3  N4 ? ? ? 1_555 B G   15 O6 ? ? A C   3   B G   15  1_555 ? ? ? ? ? ? WATSON-CRICK  ?     ? ? 
hydrog7  hydrog ? ? A C   3  O2 ? ? ? 1_555 B G   15 N2 ? ? A C   3   B G   15  1_555 ? ? ? ? ? ? WATSON-CRICK  ?     ? ? 
hydrog8  hydrog ? ? A G   4  N1 ? ? ? 1_555 B C   14 N3 ? ? A G   4   B C   14  1_555 ? ? ? ? ? ? WATSON-CRICK  ?     ? ? 
hydrog9  hydrog ? ? A G   4  N2 ? ? ? 1_555 B C   14 O2 ? ? A G   4   B C   14  1_555 ? ? ? ? ? ? WATSON-CRICK  ?     ? ? 
hydrog10 hydrog ? ? A G   4  O6 ? ? ? 1_555 B C   14 N4 ? ? A G   4   B C   14  1_555 ? ? ? ? ? ? WATSON-CRICK  ?     ? ? 
hydrog11 hydrog ? ? A G   5  N1 ? ? ? 1_555 B C   13 N3 ? ? A G   5   B C   13  1_555 ? ? ? ? ? ? WATSON-CRICK  ?     ? ? 
hydrog12 hydrog ? ? A G   5  N2 ? ? ? 1_555 B C   13 O2 ? ? A G   5   B C   13  1_555 ? ? ? ? ? ? WATSON-CRICK  ?     ? ? 
hydrog13 hydrog ? ? A G   5  O6 ? ? ? 1_555 B C   13 N4 ? ? A G   5   B C   13  1_555 ? ? ? ? ? ? WATSON-CRICK  ?     ? ? 
hydrog14 hydrog ? ? A U   6  N3 ? ? ? 1_555 B U   12 O2 ? ? A U   6   B U   12  1_555 ? ? ? ? ? ? TYPE_16_PAIR  ?     ? ? 
hydrog15 hydrog ? ? A U   6  O4 ? ? ? 1_555 B U   12 N3 ? ? A U   6   B U   12  1_555 ? ? ? ? ? ? TYPE_16_PAIR  ?     ? ? 
hydrog16 hydrog ? ? A U   7  N3 ? ? ? 1_555 B A   11 N1 ? ? A U   7   B A   11  1_555 ? ? ? ? ? ? WATSON-CRICK  ?     ? ? 
hydrog17 hydrog ? ? A U   7  O4 ? ? ? 1_555 B A   11 N6 ? ? A U   7   B A   11  1_555 ? ? ? ? ? ? WATSON-CRICK  ?     ? ? 
hydrog18 hydrog ? ? A U   8  N3 ? ? ? 1_555 B G   10 O6 ? ? A U   8   B G   10  1_555 ? ? ? ? ? ? TYPE_28_PAIR  ?     ? ? 
hydrog19 hydrog ? ? A U   8  O2 ? ? ? 1_555 B G   10 N1 ? ? A U   8   B G   10  1_555 ? ? ? ? ? ? TYPE_28_PAIR  ?     ? ? 
hydrog20 hydrog ? ? A U   9  N3 ? ? ? 1_555 B U   9  O4 ? ? A U   9   B U   9   1_555 ? ? ? ? ? ? 'U-U MISPAIR' ?     ? ? 
hydrog21 hydrog ? ? A G   10 N1 ? ? ? 1_555 B U   8  O2 ? ? A G   10  B U   8   1_555 ? ? ? ? ? ? TYPE_28_PAIR  ?     ? ? 
hydrog22 hydrog ? ? A G   10 O6 ? ? ? 1_555 B U   8  N3 ? ? A G   10  B U   8   1_555 ? ? ? ? ? ? TYPE_28_PAIR  ?     ? ? 
hydrog23 hydrog ? ? A A   11 N1 ? ? ? 1_555 B U   7  N3 ? ? A A   11  B U   7   1_555 ? ? ? ? ? ? WATSON-CRICK  ?     ? ? 
hydrog24 hydrog ? ? A A   11 N6 ? ? ? 1_555 B U   7  O4 ? ? A A   11  B U   7   1_555 ? ? ? ? ? ? WATSON-CRICK  ?     ? ? 
hydrog25 hydrog ? ? A U   12 N3 ? ? ? 1_555 B U   6  O4 ? ? A U   12  B U   6   1_555 ? ? ? ? ? ? TYPE_16_PAIR  ?     ? ? 
hydrog26 hydrog ? ? A U   12 O2 ? ? ? 1_555 B U   6  N3 ? ? A U   12  B U   6   1_555 ? ? ? ? ? ? TYPE_16_PAIR  ?     ? ? 
hydrog27 hydrog ? ? A C   13 N3 ? ? ? 1_555 B G   5  N1 ? ? A C   13  B G   5   1_555 ? ? ? ? ? ? WATSON-CRICK  ?     ? ? 
hydrog28 hydrog ? ? A C   13 N4 ? ? ? 1_555 B G   5  O6 ? ? A C   13  B G   5   1_555 ? ? ? ? ? ? WATSON-CRICK  ?     ? ? 
hydrog29 hydrog ? ? A C   13 O2 ? ? ? 1_555 B G   5  N2 ? ? A C   13  B G   5   1_555 ? ? ? ? ? ? WATSON-CRICK  ?     ? ? 
hydrog30 hydrog ? ? A C   14 N3 ? ? ? 1_555 B G   4  N1 ? ? A C   14  B G   4   1_555 ? ? ? ? ? ? WATSON-CRICK  ?     ? ? 
hydrog31 hydrog ? ? A C   14 N4 ? ? ? 1_555 B G   4  O6 ? ? A C   14  B G   4   1_555 ? ? ? ? ? ? WATSON-CRICK  ?     ? ? 
hydrog32 hydrog ? ? A C   14 O2 ? ? ? 1_555 B G   4  N2 ? ? A C   14  B G   4   1_555 ? ? ? ? ? ? WATSON-CRICK  ?     ? ? 
hydrog33 hydrog ? ? A G   15 N1 ? ? ? 1_555 B C   3  N3 ? ? A G   15  B C   3   1_555 ? ? ? ? ? ? WATSON-CRICK  ?     ? ? 
hydrog34 hydrog ? ? A G   15 N2 ? ? ? 1_555 B C   3  O2 ? ? A G   15  B C   3   1_555 ? ? ? ? ? ? WATSON-CRICK  ?     ? ? 
hydrog35 hydrog ? ? A G   15 O6 ? ? ? 1_555 B C   3  N4 ? ? A G   15  B C   3   1_555 ? ? ? ? ? ? WATSON-CRICK  ?     ? ? 
hydrog36 hydrog ? ? A G   16 N1 ? ? ? 1_555 B U   2  O2 ? ? A G   16  B U   2   1_555 ? ? ? ? ? ? TYPE_28_PAIR  ?     ? ? 
hydrog37 hydrog ? ? A G   16 O6 ? ? ? 1_555 B U   2  N3 ? ? A G   16  B U   2   1_555 ? ? ? ? ? ? TYPE_28_PAIR  ?     ? ? 
hydrog38 hydrog ? ? A A   17 N1 ? ? ? 1_555 B U   1  N3 ? ? A A   17  B U   1   1_555 ? ? ? ? ? ? WATSON-CRICK  ?     ? ? 
hydrog39 hydrog ? ? A A   17 N6 ? ? ? 1_555 B U   1  O4 ? ? A A   17  B U   1   1_555 ? ? ? ? ? ? WATSON-CRICK  ?     ? ? 
# 
loop_
_struct_conn_type.id 
_struct_conn_type.criteria 
_struct_conn_type.reference 
metalc ? ? 
hydrog ? ? 
# 
loop_
_pdbx_struct_conn_angle.id 
_pdbx_struct_conn_angle.ptnr1_label_atom_id 
_pdbx_struct_conn_angle.ptnr1_label_alt_id 
_pdbx_struct_conn_angle.ptnr1_label_asym_id 
_pdbx_struct_conn_angle.ptnr1_label_comp_id 
_pdbx_struct_conn_angle.ptnr1_label_seq_id 
_pdbx_struct_conn_angle.ptnr1_auth_atom_id 
_pdbx_struct_conn_angle.ptnr1_auth_asym_id 
_pdbx_struct_conn_angle.ptnr1_auth_comp_id 
_pdbx_struct_conn_angle.ptnr1_auth_seq_id 
_pdbx_struct_conn_angle.ptnr1_PDB_ins_code 
_pdbx_struct_conn_angle.ptnr1_symmetry 
_pdbx_struct_conn_angle.ptnr2_label_atom_id 
_pdbx_struct_conn_angle.ptnr2_label_alt_id 
_pdbx_struct_conn_angle.ptnr2_label_asym_id 
_pdbx_struct_conn_angle.ptnr2_label_comp_id 
_pdbx_struct_conn_angle.ptnr2_label_seq_id 
_pdbx_struct_conn_angle.ptnr2_auth_atom_id 
_pdbx_struct_conn_angle.ptnr2_auth_asym_id 
_pdbx_struct_conn_angle.ptnr2_auth_comp_id 
_pdbx_struct_conn_angle.ptnr2_auth_seq_id 
_pdbx_struct_conn_angle.ptnr2_PDB_ins_code 
_pdbx_struct_conn_angle.ptnr2_symmetry 
_pdbx_struct_conn_angle.ptnr3_label_atom_id 
_pdbx_struct_conn_angle.ptnr3_label_alt_id 
_pdbx_struct_conn_angle.ptnr3_label_asym_id 
_pdbx_struct_conn_angle.ptnr3_label_comp_id 
_pdbx_struct_conn_angle.ptnr3_label_seq_id 
_pdbx_struct_conn_angle.ptnr3_auth_atom_id 
_pdbx_struct_conn_angle.ptnr3_auth_asym_id 
_pdbx_struct_conn_angle.ptnr3_auth_comp_id 
_pdbx_struct_conn_angle.ptnr3_auth_seq_id 
_pdbx_struct_conn_angle.ptnr3_PDB_ins_code 
_pdbx_struct_conn_angle.ptnr3_symmetry 
_pdbx_struct_conn_angle.value 
_pdbx_struct_conn_angle.value_esd 
1   O4 ? A U   1  ? A U   1   ? 1_555 K ? D K . ? A K 102 ? 1_555 O4 ? A U   2  ? A U   2   ? 1_555 65.1  ? 
2   O4 ? A U   1  ? A U   1   ? 1_555 K ? D K . ? A K 102 ? 1_555 O  ? J HOH .  ? A HOH 222 ? 1_555 55.8  ? 
3   O4 ? A U   2  ? A U   2   ? 1_555 K ? D K . ? A K 102 ? 1_555 O  ? J HOH .  ? A HOH 222 ? 1_555 113.3 ? 
4   O4 ? A U   1  ? A U   1   ? 1_555 K ? D K . ? A K 102 ? 1_555 O6 ? B G   15 ? B G   15  ? 1_555 160.9 ? 
5   O4 ? A U   2  ? A U   2   ? 1_555 K ? D K . ? A K 102 ? 1_555 O6 ? B G   15 ? B G   15  ? 1_555 97.1  ? 
6   O  ? J HOH .  ? A HOH 222 ? 1_555 K ? D K . ? A K 102 ? 1_555 O6 ? B G   15 ? B G   15  ? 1_555 143.0 ? 
7   O4 ? A U   1  ? A U   1   ? 1_555 K ? D K . ? A K 102 ? 1_555 O6 ? B G   16 ? B G   16  ? 1_555 91.1  ? 
8   O4 ? A U   2  ? A U   2   ? 1_555 K ? D K . ? A K 102 ? 1_555 O6 ? B G   16 ? B G   16  ? 1_555 76.3  ? 
9   O  ? J HOH .  ? A HOH 222 ? 1_555 K ? D K . ? A K 102 ? 1_555 O6 ? B G   16 ? B G   16  ? 1_555 128.7 ? 
10  O6 ? B G   15 ? B G   15  ? 1_555 K ? D K . ? A K 102 ? 1_555 O6 ? B G   16 ? B G   16  ? 1_555 77.3  ? 
11  O4 ? A U   1  ? A U   1   ? 1_555 K ? D K . ? A K 102 ? 1_555 O  ? K HOH .  ? B HOH 241 ? 1_555 111.2 ? 
12  O4 ? A U   2  ? A U   2   ? 1_555 K ? D K . ? A K 102 ? 1_555 O  ? K HOH .  ? B HOH 241 ? 1_555 152.7 ? 
13  O  ? J HOH .  ? A HOH 222 ? 1_555 K ? D K . ? A K 102 ? 1_555 O  ? K HOH .  ? B HOH 241 ? 1_555 80.7  ? 
14  O6 ? B G   15 ? B G   15  ? 1_555 K ? D K . ? A K 102 ? 1_555 O  ? K HOH .  ? B HOH 241 ? 1_555 81.2  ? 
15  O6 ? B G   16 ? B G   16  ? 1_555 K ? D K . ? A K 102 ? 1_555 O  ? K HOH .  ? B HOH 241 ? 1_555 76.8  ? 
16  O4 ? A U   1  ? A U   1   ? 1_555 K ? D K . ? A K 102 ? 1_555 O  ? K HOH .  ? B HOH 242 ? 1_555 121.5 ? 
17  O4 ? A U   2  ? A U   2   ? 1_555 K ? D K . ? A K 102 ? 1_555 O  ? K HOH .  ? B HOH 242 ? 1_555 139.8 ? 
18  O  ? J HOH .  ? A HOH 222 ? 1_555 K ? D K . ? A K 102 ? 1_555 O  ? K HOH .  ? B HOH 242 ? 1_555 66.8  ? 
19  O6 ? B G   15 ? B G   15  ? 1_555 K ? D K . ? A K 102 ? 1_555 O  ? K HOH .  ? B HOH 242 ? 1_555 76.4  ? 
20  O6 ? B G   16 ? B G   16  ? 1_555 K ? D K . ? A K 102 ? 1_555 O  ? K HOH .  ? B HOH 242 ? 1_555 137.3 ? 
21  O  ? K HOH .  ? B HOH 241 ? 1_555 K ? D K . ? A K 102 ? 1_555 O  ? K HOH .  ? B HOH 242 ? 1_555 66.5  ? 
22  O6 ? A G   5  ? A G   5   ? 1_555 K ? G K . ? A K 105 ? 1_555 O4 ? A U   6  ? A U   6   ? 1_555 67.8  ? 
23  O6 ? A G   5  ? A G   5   ? 1_555 K ? G K . ? A K 105 ? 1_555 O  ? J HOH .  ? A HOH 207 ? 1_555 101.6 ? 
24  O4 ? A U   6  ? A U   6   ? 1_555 K ? G K . ? A K 105 ? 1_555 O  ? J HOH .  ? A HOH 207 ? 1_555 70.3  ? 
25  O6 ? A G   5  ? A G   5   ? 1_555 K ? G K . ? A K 105 ? 1_555 O  ? J HOH .  ? A HOH 208 ? 1_555 95.4  ? 
26  O4 ? A U   6  ? A U   6   ? 1_555 K ? G K . ? A K 105 ? 1_555 O  ? J HOH .  ? A HOH 208 ? 1_555 145.6 ? 
27  O  ? J HOH .  ? A HOH 207 ? 1_555 K ? G K . ? A K 105 ? 1_555 O  ? J HOH .  ? A HOH 208 ? 1_555 144.1 ? 
28  O6 ? A G   5  ? A G   5   ? 1_555 K ? G K . ? A K 105 ? 1_555 O  ? J HOH .  ? A HOH 217 ? 1_555 101.8 ? 
29  O4 ? A U   6  ? A U   6   ? 1_555 K ? G K . ? A K 105 ? 1_555 O  ? J HOH .  ? A HOH 217 ? 1_555 131.1 ? 
30  O  ? J HOH .  ? A HOH 207 ? 1_555 K ? G K . ? A K 105 ? 1_555 O  ? J HOH .  ? A HOH 217 ? 1_555 65.3  ? 
31  O  ? J HOH .  ? A HOH 208 ? 1_555 K ? G K . ? A K 105 ? 1_555 O  ? J HOH .  ? A HOH 217 ? 1_555 80.4  ? 
32  O6 ? A G   5  ? A G   5   ? 1_555 K ? G K . ? A K 105 ? 1_555 O4 ? B U   12 ? B U   12  ? 1_555 87.3  ? 
33  O4 ? A U   6  ? A U   6   ? 1_555 K ? G K . ? A K 105 ? 1_555 O4 ? B U   12 ? B U   12  ? 1_555 73.3  ? 
34  O  ? J HOH .  ? A HOH 207 ? 1_555 K ? G K . ? A K 105 ? 1_555 O4 ? B U   12 ? B U   12  ? 1_555 135.4 ? 
35  O  ? J HOH .  ? A HOH 208 ? 1_555 K ? G K . ? A K 105 ? 1_555 O4 ? B U   12 ? B U   12  ? 1_555 76.3  ? 
36  O  ? J HOH .  ? A HOH 217 ? 1_555 K ? G K . ? A K 105 ? 1_555 O4 ? B U   12 ? B U   12  ? 1_555 155.6 ? 
37  O6 ? A G   5  ? A G   5   ? 1_555 K ? G K . ? A K 105 ? 1_555 O  ? K HOH .  ? B HOH 223 ? 1_555 170.6 ? 
38  O4 ? A U   6  ? A U   6   ? 1_555 K ? G K . ? A K 105 ? 1_555 O  ? K HOH .  ? B HOH 223 ? 1_555 115.6 ? 
39  O  ? J HOH .  ? A HOH 207 ? 1_555 K ? G K . ? A K 105 ? 1_555 O  ? K HOH .  ? B HOH 223 ? 1_555 87.8  ? 
40  O  ? J HOH .  ? A HOH 208 ? 1_555 K ? G K . ? A K 105 ? 1_555 O  ? K HOH .  ? B HOH 223 ? 1_555 77.0  ? 
41  O  ? J HOH .  ? A HOH 217 ? 1_555 K ? G K . ? A K 105 ? 1_555 O  ? K HOH .  ? B HOH 223 ? 1_555 82.6  ? 
42  O4 ? B U   12 ? B U   12  ? 1_555 K ? G K . ? A K 105 ? 1_555 O  ? K HOH .  ? B HOH 223 ? 1_555 85.4  ? 
43  O4 ? A U   7  ? A U   7   ? 1_555 K ? C K . ? A K 101 ? 1_555 O4 ? A U   8  ? A U   8   ? 1_555 63.5  ? 
44  O4 ? A U   7  ? A U   7   ? 1_555 K ? C K . ? A K 101 ? 1_555 O6 ? B G   10 ? B G   10  ? 1_555 89.2  ? 
45  O4 ? A U   8  ? A U   8   ? 1_555 K ? C K . ? A K 101 ? 1_555 O6 ? B G   10 ? B G   10  ? 1_555 79.7  ? 
46  O4 ? A U   7  ? A U   7   ? 1_555 K ? C K . ? A K 101 ? 1_555 O  ? K HOH .  ? B HOH 207 ? 1_555 98.1  ? 
47  O4 ? A U   8  ? A U   8   ? 1_555 K ? C K . ? A K 101 ? 1_555 O  ? K HOH .  ? B HOH 207 ? 1_555 91.6  ? 
48  O6 ? B G   10 ? B G   10  ? 1_555 K ? C K . ? A K 101 ? 1_555 O  ? K HOH .  ? B HOH 207 ? 1_555 164.9 ? 
49  O4 ? A U   7  ? A U   7   ? 1_555 K ? C K . ? A K 101 ? 1_555 O  ? K HOH .  ? B HOH 236 ? 1_555 150.0 ? 
50  O4 ? A U   8  ? A U   8   ? 1_555 K ? C K . ? A K 101 ? 1_555 O  ? K HOH .  ? B HOH 236 ? 1_555 86.7  ? 
51  O6 ? B G   10 ? B G   10  ? 1_555 K ? C K . ? A K 101 ? 1_555 O  ? K HOH .  ? B HOH 236 ? 1_555 89.1  ? 
52  O  ? K HOH .  ? B HOH 207 ? 1_555 K ? C K . ? A K 101 ? 1_555 O  ? K HOH .  ? B HOH 236 ? 1_555 77.9  ? 
53  O4 ? A U   7  ? A U   7   ? 1_555 K ? C K . ? A K 101 ? 1_555 O  ? K HOH .  ? B HOH 238 ? 1_555 111.9 ? 
54  O4 ? A U   8  ? A U   8   ? 1_555 K ? C K . ? A K 101 ? 1_555 O  ? K HOH .  ? B HOH 238 ? 1_555 164.4 ? 
55  O6 ? B G   10 ? B G   10  ? 1_555 K ? C K . ? A K 101 ? 1_555 O  ? K HOH .  ? B HOH 238 ? 1_555 85.4  ? 
56  O  ? K HOH .  ? B HOH 207 ? 1_555 K ? C K . ? A K 101 ? 1_555 O  ? K HOH .  ? B HOH 238 ? 1_555 103.9 ? 
57  O  ? K HOH .  ? B HOH 236 ? 1_555 K ? C K . ? A K 101 ? 1_555 O  ? K HOH .  ? B HOH 238 ? 1_555 97.8  ? 
58  O4 ? A U   9  ? A U   9   ? 1_555 K ? E K . ? A K 103 ? 1_555 O6 ? A G   10 ? A G   10  ? 1_555 71.2  ? 
59  O4 ? A U   9  ? A U   9   ? 1_555 K ? E K . ? A K 103 ? 1_555 O  ? J HOH .  ? A HOH 201 ? 1_555 83.1  ? 
60  O6 ? A G   10 ? A G   10  ? 1_555 K ? E K . ? A K 103 ? 1_555 O  ? J HOH .  ? A HOH 201 ? 1_555 78.1  ? 
61  O4 ? A U   9  ? A U   9   ? 1_555 K ? E K . ? A K 103 ? 1_555 O  ? J HOH .  ? A HOH 205 ? 1_555 89.7  ? 
62  O6 ? A G   10 ? A G   10  ? 1_555 K ? E K . ? A K 103 ? 1_555 O  ? J HOH .  ? A HOH 205 ? 1_555 145.2 ? 
63  O  ? J HOH .  ? A HOH 201 ? 1_555 K ? E K . ? A K 103 ? 1_555 O  ? J HOH .  ? A HOH 205 ? 1_555 70.8  ? 
64  O4 ? A U   9  ? A U   9   ? 1_555 K ? E K . ? A K 103 ? 1_555 O  ? J HOH .  ? A HOH 226 ? 1_555 87.4  ? 
65  O6 ? A G   10 ? A G   10  ? 1_555 K ? E K . ? A K 103 ? 1_555 O  ? J HOH .  ? A HOH 226 ? 1_555 122.2 ? 
66  O  ? J HOH .  ? A HOH 201 ? 1_555 K ? E K . ? A K 103 ? 1_555 O  ? J HOH .  ? A HOH 226 ? 1_555 153.2 ? 
67  O  ? J HOH .  ? A HOH 205 ? 1_555 K ? E K . ? A K 103 ? 1_555 O  ? J HOH .  ? A HOH 226 ? 1_555 84.2  ? 
68  O4 ? A U   9  ? A U   9   ? 1_555 K ? E K . ? A K 103 ? 1_555 O4 ? B U   8  ? B U   8   ? 1_555 117.8 ? 
69  O6 ? A G   10 ? A G   10  ? 1_555 K ? E K . ? A K 103 ? 1_555 O4 ? B U   8  ? B U   8   ? 1_555 79.2  ? 
70  O  ? J HOH .  ? A HOH 201 ? 1_555 K ? E K . ? A K 103 ? 1_555 O4 ? B U   8  ? B U   8   ? 1_555 141.6 ? 
71  O  ? J HOH .  ? A HOH 205 ? 1_555 K ? E K . ? A K 103 ? 1_555 O4 ? B U   8  ? B U   8   ? 1_555 135.4 ? 
72  O  ? J HOH .  ? A HOH 226 ? 1_555 K ? E K . ? A K 103 ? 1_555 O4 ? B U   8  ? B U   8   ? 1_555 64.4  ? 
73  O4 ? A U   9  ? A U   9   ? 1_555 K ? E K . ? A K 103 ? 1_555 O  ? K HOH .  ? B HOH 217 ? 1_555 166.8 ? 
74  O6 ? A G   10 ? A G   10  ? 1_555 K ? E K . ? A K 103 ? 1_555 O  ? K HOH .  ? B HOH 217 ? 1_555 113.5 ? 
75  O  ? J HOH .  ? A HOH 201 ? 1_555 K ? E K . ? A K 103 ? 1_555 O  ? K HOH .  ? B HOH 217 ? 1_555 85.9  ? 
76  O  ? J HOH .  ? A HOH 205 ? 1_555 K ? E K . ? A K 103 ? 1_555 O  ? K HOH .  ? B HOH 217 ? 1_555 79.8  ? 
77  O  ? J HOH .  ? A HOH 226 ? 1_555 K ? E K . ? A K 103 ? 1_555 O  ? K HOH .  ? B HOH 217 ? 1_555 99.3  ? 
78  O4 ? B U   8  ? B U   8   ? 1_555 K ? E K . ? A K 103 ? 1_555 O  ? K HOH .  ? B HOH 217 ? 1_555 75.4  ? 
79  O4 ? A U   12 ? A U   12  ? 1_555 K ? H K . ? B K 101 ? 1_555 O  ? J HOH .  ? A HOH 225 ? 1_555 81.7  ? 
80  O4 ? A U   12 ? A U   12  ? 1_555 K ? H K . ? B K 101 ? 1_555 O  ? J HOH .  ? A HOH 228 ? 1_555 72.8  ? 
81  O  ? J HOH .  ? A HOH 225 ? 1_555 K ? H K . ? B K 101 ? 1_555 O  ? J HOH .  ? A HOH 228 ? 1_555 83.1  ? 
82  O4 ? A U   12 ? A U   12  ? 1_555 K ? H K . ? B K 101 ? 1_555 O6 ? B G   5  ? B G   5   ? 1_555 86.5  ? 
83  O  ? J HOH .  ? A HOH 225 ? 1_555 K ? H K . ? B K 101 ? 1_555 O6 ? B G   5  ? B G   5   ? 1_555 165.8 ? 
84  O  ? J HOH .  ? A HOH 228 ? 1_555 K ? H K . ? B K 101 ? 1_555 O6 ? B G   5  ? B G   5   ? 1_555 85.8  ? 
85  O4 ? A U   12 ? A U   12  ? 1_555 K ? H K . ? B K 101 ? 1_555 O4 ? B U   6  ? B U   6   ? 1_555 77.5  ? 
86  O  ? J HOH .  ? A HOH 225 ? 1_555 K ? H K . ? B K 101 ? 1_555 O4 ? B U   6  ? B U   6   ? 1_555 117.3 ? 
87  O  ? J HOH .  ? A HOH 228 ? 1_555 K ? H K . ? B K 101 ? 1_555 O4 ? B U   6  ? B U   6   ? 1_555 140.9 ? 
88  O6 ? B G   5  ? B G   5   ? 1_555 K ? H K . ? B K 101 ? 1_555 O4 ? B U   6  ? B U   6   ? 1_555 67.4  ? 
89  O4 ? A U   12 ? A U   12  ? 1_555 K ? H K . ? B K 101 ? 1_555 O  ? K HOH .  ? B HOH 237 ? 1_555 145.4 ? 
90  O  ? J HOH .  ? A HOH 225 ? 1_555 K ? H K . ? B K 101 ? 1_555 O  ? K HOH .  ? B HOH 237 ? 1_555 103.9 ? 
91  O  ? J HOH .  ? A HOH 228 ? 1_555 K ? H K . ? B K 101 ? 1_555 O  ? K HOH .  ? B HOH 237 ? 1_555 74.1  ? 
92  O6 ? B G   5  ? B G   5   ? 1_555 K ? H K . ? B K 101 ? 1_555 O  ? K HOH .  ? B HOH 237 ? 1_555 81.4  ? 
93  O4 ? B U   6  ? B U   6   ? 1_555 K ? H K . ? B K 101 ? 1_555 O  ? K HOH .  ? B HOH 237 ? 1_555 125.7 ? 
94  O6 ? A G   15 ? A G   15  ? 1_555 K ? F K . ? A K 104 ? 1_555 O6 ? A G   16 ? A G   16  ? 1_555 71.2  ? 
95  O6 ? A G   15 ? A G   15  ? 1_555 K ? F K . ? A K 104 ? 1_555 O  ? J HOH .  ? A HOH 227 ? 1_555 88.8  ? 
96  O6 ? A G   16 ? A G   16  ? 1_555 K ? F K . ? A K 104 ? 1_555 O  ? J HOH .  ? A HOH 227 ? 1_555 86.8  ? 
97  O6 ? A G   15 ? A G   15  ? 1_555 K ? F K . ? A K 104 ? 1_555 O  ? J HOH .  ? A HOH 230 ? 1_555 106.9 ? 
98  O6 ? A G   16 ? A G   16  ? 1_555 K ? F K . ? A K 104 ? 1_555 O  ? J HOH .  ? A HOH 230 ? 1_555 150.1 ? 
99  O  ? J HOH .  ? A HOH 227 ? 1_555 K ? F K . ? A K 104 ? 1_555 O  ? J HOH .  ? A HOH 230 ? 1_555 63.3  ? 
100 O6 ? A G   15 ? A G   15  ? 1_555 K ? F K . ? A K 104 ? 1_555 O4 ? B U   1  ? B U   1   ? 1_555 141.2 ? 
101 O6 ? A G   16 ? A G   16  ? 1_555 K ? F K . ? A K 104 ? 1_555 O4 ? B U   1  ? B U   1   ? 1_555 79.2  ? 
102 O  ? J HOH .  ? A HOH 227 ? 1_555 K ? F K . ? A K 104 ? 1_555 O4 ? B U   1  ? B U   1   ? 1_555 114.5 ? 
103 O  ? J HOH .  ? A HOH 230 ? 1_555 K ? F K . ? A K 104 ? 1_555 O4 ? B U   1  ? B U   1   ? 1_555 111.2 ? 
104 O6 ? A G   15 ? A G   15  ? 1_555 K ? F K . ? A K 104 ? 1_555 O4 ? B U   2  ? B U   2   ? 1_555 86.4  ? 
105 O6 ? A G   16 ? A G   16  ? 1_555 K ? F K . ? A K 104 ? 1_555 O4 ? B U   2  ? B U   2   ? 1_555 73.9  ? 
106 O  ? J HOH .  ? A HOH 227 ? 1_555 K ? F K . ? A K 104 ? 1_555 O4 ? B U   2  ? B U   2   ? 1_555 160.6 ? 
107 O  ? J HOH .  ? A HOH 230 ? 1_555 K ? F K . ? A K 104 ? 1_555 O4 ? B U   2  ? B U   2   ? 1_555 135.9 ? 
108 O4 ? B U   1  ? B U   1   ? 1_555 K ? F K . ? A K 104 ? 1_555 O4 ? B U   2  ? B U   2   ? 1_555 61.1  ? 
109 O  ? J HOH .  ? A HOH 228 ? 1_555 K ? I K . ? B K 102 ? 1_555 O6 ? B G   4  ? B G   4   ? 1_555 158.8 ? 
110 O  ? J HOH .  ? A HOH 228 ? 1_555 K ? I K . ? B K 102 ? 1_555 O6 ? B G   5  ? B G   5   ? 1_555 88.3  ? 
111 O6 ? B G   4  ? B G   4   ? 1_555 K ? I K . ? B K 102 ? 1_555 O6 ? B G   5  ? B G   5   ? 1_555 70.5  ? 
112 O  ? J HOH .  ? A HOH 228 ? 1_555 K ? I K . ? B K 102 ? 1_555 O  ? K HOH .  ? B HOH 203 ? 1_555 111.9 ? 
113 O6 ? B G   4  ? B G   4   ? 1_555 K ? I K . ? B K 102 ? 1_555 O  ? K HOH .  ? B HOH 203 ? 1_555 79.1  ? 
114 O6 ? B G   5  ? B G   5   ? 1_555 K ? I K . ? B K 102 ? 1_555 O  ? K HOH .  ? B HOH 203 ? 1_555 114.3 ? 
115 O  ? J HOH .  ? A HOH 228 ? 1_555 K ? I K . ? B K 102 ? 1_555 O  ? K HOH .  ? B HOH 216 ? 1_555 80.8  ? 
116 O6 ? B G   4  ? B G   4   ? 1_555 K ? I K . ? B K 102 ? 1_555 O  ? K HOH .  ? B HOH 216 ? 1_555 120.0 ? 
117 O6 ? B G   5  ? B G   5   ? 1_555 K ? I K . ? B K 102 ? 1_555 O  ? K HOH .  ? B HOH 216 ? 1_555 162.9 ? 
118 O  ? K HOH .  ? B HOH 203 ? 1_555 K ? I K . ? B K 102 ? 1_555 O  ? K HOH .  ? B HOH 216 ? 1_555 59.1  ? 
119 O  ? J HOH .  ? A HOH 228 ? 1_555 K ? I K . ? B K 102 ? 1_555 O  ? K HOH .  ? B HOH 237 ? 1_555 69.4  ? 
120 O6 ? B G   4  ? B G   4   ? 1_555 K ? I K . ? B K 102 ? 1_555 O  ? K HOH .  ? B HOH 237 ? 1_555 101.6 ? 
121 O6 ? B G   5  ? B G   5   ? 1_555 K ? I K . ? B K 102 ? 1_555 O  ? K HOH .  ? B HOH 237 ? 1_555 71.5  ? 
122 O  ? K HOH .  ? B HOH 203 ? 1_555 K ? I K . ? B K 102 ? 1_555 O  ? K HOH .  ? B HOH 237 ? 1_555 173.9 ? 
123 O  ? K HOH .  ? B HOH 216 ? 1_555 K ? I K . ? B K 102 ? 1_555 O  ? K HOH .  ? B HOH 237 ? 1_555 116.0 ? 
124 O  ? J HOH .  ? A HOH 228 ? 1_555 K ? I K . ? B K 102 ? 1_555 O  ? K HOH .  ? B HOH 244 ? 1_555 105.0 ? 
125 O6 ? B G   4  ? B G   4   ? 1_555 K ? I K . ? B K 102 ? 1_555 O  ? K HOH .  ? B HOH 244 ? 1_555 84.8  ? 
126 O6 ? B G   5  ? B G   5   ? 1_555 K ? I K . ? B K 102 ? 1_555 O  ? K HOH .  ? B HOH 244 ? 1_555 118.1 ? 
127 O  ? K HOH .  ? B HOH 203 ? 1_555 K ? I K . ? B K 102 ? 1_555 O  ? K HOH .  ? B HOH 244 ? 1_555 115.2 ? 
128 O  ? K HOH .  ? B HOH 216 ? 1_555 K ? I K . ? B K 102 ? 1_555 O  ? K HOH .  ? B HOH 244 ? 1_555 77.7  ? 
129 O  ? K HOH .  ? B HOH 237 ? 1_555 K ? I K . ? B K 102 ? 1_555 O  ? K HOH .  ? B HOH 244 ? 1_555 59.0  ? 
# 
loop_
_struct_site.id 
_struct_site.pdbx_evidence_code 
_struct_site.pdbx_auth_asym_id 
_struct_site.pdbx_auth_comp_id 
_struct_site.pdbx_auth_seq_id 
_struct_site.pdbx_auth_ins_code 
_struct_site.pdbx_num_residues 
_struct_site.details 
AC1 Software A K 101 ? 6 'BINDING SITE FOR RESIDUE K A 101' 
AC2 Software A K 102 ? 7 'BINDING SITE FOR RESIDUE K A 102' 
AC3 Software A K 103 ? 5 'BINDING SITE FOR RESIDUE K A 103' 
AC4 Software A K 104 ? 6 'BINDING SITE FOR RESIDUE K A 104' 
AC5 Software A K 105 ? 7 'BINDING SITE FOR RESIDUE K A 105' 
AC6 Software B K 101 ? 7 'BINDING SITE FOR RESIDUE K B 101' 
AC7 Software B K 102 ? 6 'BINDING SITE FOR RESIDUE K B 102' 
# 
loop_
_struct_site_gen.id 
_struct_site_gen.site_id 
_struct_site_gen.pdbx_num_res 
_struct_site_gen.label_comp_id 
_struct_site_gen.label_asym_id 
_struct_site_gen.label_seq_id 
_struct_site_gen.pdbx_auth_ins_code 
_struct_site_gen.auth_comp_id 
_struct_site_gen.auth_asym_id 
_struct_site_gen.auth_seq_id 
_struct_site_gen.label_atom_id 
_struct_site_gen.label_alt_id 
_struct_site_gen.symmetry 
_struct_site_gen.details 
1  AC1 6 U   A 7  ? U   A 7   . ? 1_555 ? 
2  AC1 6 U   A 8  ? U   A 8   . ? 1_555 ? 
3  AC1 6 G   B 10 ? G   B 10  . ? 1_555 ? 
4  AC1 6 A   B 11 ? A   B 11  . ? 1_555 ? 
5  AC1 6 HOH K .  ? HOH B 236 . ? 1_555 ? 
6  AC1 6 HOH K .  ? HOH B 238 . ? 1_555 ? 
7  AC2 7 U   A 1  ? U   A 1   . ? 1_555 ? 
8  AC2 7 U   A 2  ? U   A 2   . ? 1_555 ? 
9  AC2 7 HOH J .  ? HOH A 222 . ? 1_555 ? 
10 AC2 7 G   B 15 ? G   B 15  . ? 1_555 ? 
11 AC2 7 G   B 16 ? G   B 16  . ? 1_555 ? 
12 AC2 7 A   B 17 ? A   B 17  . ? 1_555 ? 
13 AC2 7 HOH K .  ? HOH B 241 . ? 1_555 ? 
14 AC3 5 U   A 9  ? U   A 9   . ? 1_555 ? 
15 AC3 5 G   A 10 ? G   A 10  . ? 1_555 ? 
16 AC3 5 HOH J .  ? HOH A 205 . ? 1_555 ? 
17 AC3 5 HOH J .  ? HOH A 226 . ? 1_555 ? 
18 AC3 5 U   B 8  ? U   B 8   . ? 1_555 ? 
19 AC4 6 G   A 15 ? G   A 15  . ? 1_555 ? 
20 AC4 6 G   A 16 ? G   A 16  . ? 1_555 ? 
21 AC4 6 HOH J .  ? HOH A 227 . ? 1_555 ? 
22 AC4 6 HOH J .  ? HOH A 230 . ? 1_555 ? 
23 AC4 6 U   B 1  ? U   B 1   . ? 1_555 ? 
24 AC4 6 U   B 2  ? U   B 2   . ? 1_555 ? 
25 AC5 7 G   A 5  ? G   A 5   . ? 1_555 ? 
26 AC5 7 U   A 6  ? U   A 6   . ? 1_555 ? 
27 AC5 7 HOH J .  ? HOH A 207 . ? 1_555 ? 
28 AC5 7 HOH J .  ? HOH A 208 . ? 1_555 ? 
29 AC5 7 HOH J .  ? HOH A 217 . ? 1_555 ? 
30 AC5 7 U   B 12 ? U   B 12  . ? 1_555 ? 
31 AC5 7 HOH K .  ? HOH B 223 . ? 1_555 ? 
32 AC6 7 A   A 11 ? A   A 11  . ? 1_555 ? 
33 AC6 7 U   A 12 ? U   A 12  . ? 1_555 ? 
34 AC6 7 HOH J .  ? HOH A 225 . ? 1_555 ? 
35 AC6 7 HOH J .  ? HOH A 228 . ? 1_555 ? 
36 AC6 7 G   B 5  ? G   B 5   . ? 1_555 ? 
37 AC6 7 U   B 6  ? U   B 6   . ? 1_555 ? 
38 AC6 7 HOH K .  ? HOH B 237 . ? 1_555 ? 
39 AC7 6 HOH J .  ? HOH A 228 . ? 1_555 ? 
40 AC7 6 C   B 3  ? C   B 3   . ? 1_555 ? 
41 AC7 6 G   B 4  ? G   B 4   . ? 1_555 ? 
42 AC7 6 G   B 5  ? G   B 5   . ? 1_555 ? 
43 AC7 6 HOH K .  ? HOH B 216 . ? 1_555 ? 
44 AC7 6 HOH K .  ? HOH B 244 . ? 1_555 ? 
# 
_pdbx_validate_symm_contact.id                1 
_pdbx_validate_symm_contact.PDB_model_num     1 
_pdbx_validate_symm_contact.auth_atom_id_1    "O2'" 
_pdbx_validate_symm_contact.auth_asym_id_1    A 
_pdbx_validate_symm_contact.auth_comp_id_1    G 
_pdbx_validate_symm_contact.auth_seq_id_1     16 
_pdbx_validate_symm_contact.PDB_ins_code_1    ? 
_pdbx_validate_symm_contact.label_alt_id_1    ? 
_pdbx_validate_symm_contact.site_symmetry_1   1_555 
_pdbx_validate_symm_contact.auth_atom_id_2    OP1 
_pdbx_validate_symm_contact.auth_asym_id_2    B 
_pdbx_validate_symm_contact.auth_comp_id_2    G 
_pdbx_validate_symm_contact.auth_seq_id_2     10 
_pdbx_validate_symm_contact.PDB_ins_code_2    ? 
_pdbx_validate_symm_contact.label_alt_id_2    ? 
_pdbx_validate_symm_contact.site_symmetry_2   5_569 
_pdbx_validate_symm_contact.dist              2.09 
# 
loop_
_pdbx_refine_tls.pdbx_refine_id 
_pdbx_refine_tls.id 
_pdbx_refine_tls.details 
_pdbx_refine_tls.method 
_pdbx_refine_tls.origin_x 
_pdbx_refine_tls.origin_y 
_pdbx_refine_tls.origin_z 
_pdbx_refine_tls.T[1][1] 
_pdbx_refine_tls.T[2][2] 
_pdbx_refine_tls.T[3][3] 
_pdbx_refine_tls.T[1][2] 
_pdbx_refine_tls.T[1][3] 
_pdbx_refine_tls.T[2][3] 
_pdbx_refine_tls.L[1][1] 
_pdbx_refine_tls.L[2][2] 
_pdbx_refine_tls.L[3][3] 
_pdbx_refine_tls.L[1][2] 
_pdbx_refine_tls.L[1][3] 
_pdbx_refine_tls.L[2][3] 
_pdbx_refine_tls.S[1][1] 
_pdbx_refine_tls.S[1][2] 
_pdbx_refine_tls.S[1][3] 
_pdbx_refine_tls.S[2][1] 
_pdbx_refine_tls.S[2][2] 
_pdbx_refine_tls.S[2][3] 
_pdbx_refine_tls.S[3][1] 
_pdbx_refine_tls.S[3][2] 
_pdbx_refine_tls.S[3][3] 
'X-RAY DIFFRACTION' 1 ? refined -0.7226 8.7737   1.2694  0.3107 0.3321 0.4274 -0.0048 -0.0358 0.0047  0.5034 0.3153 0.3138 0.0495  0.0525  0.3376  -0.0426 -0.1093 -0.1191 -0.0506 0.1870  -0.7700 0.3618 -0.1296 0.1430  
'X-RAY DIFFRACTION' 2 ? refined 2.3605  -13.7734 -4.5299 0.4621 0.4296 0.4020 0.0562  -0.1908 -0.1159 2.2900 0.3602 0.8883 0.3618  0.1380  -0.4714 0.7999  0.7056  -1.1336 -0.1493 0.1157  0.2030  0.5963 0.0757  -0.1666 
'X-RAY DIFFRACTION' 3 ? refined 2.8291  -10.3369 0.0480  0.4380 0.3985 0.4530 -0.2120 -0.0301 -0.1100 0.8238 0.8058 0.7865 -0.3369 -0.0815 0.7586  0.9863  0.1600  0.1358  0.8011  -0.0700 1.2449  0.9366 0.0845  0.3258  
'X-RAY DIFFRACTION' 4 ? refined -3.4823 11.9389  2.7203  0.2981 0.3490 0.4707 -0.0806 -0.0295 0.0079  0.1698 0.5062 0.0147 0.3949  -0.0476 -0.0774 0.2141  -0.4141 0.2898  0.3085  -0.1807 0.8660  0.1157 -0.1854 0.3489  
# 
loop_
_pdbx_refine_tls_group.pdbx_refine_id 
_pdbx_refine_tls_group.id 
_pdbx_refine_tls_group.refine_tls_id 
_pdbx_refine_tls_group.beg_auth_asym_id 
_pdbx_refine_tls_group.beg_auth_seq_id 
_pdbx_refine_tls_group.beg_label_asym_id 
_pdbx_refine_tls_group.beg_label_seq_id 
_pdbx_refine_tls_group.end_auth_asym_id 
_pdbx_refine_tls_group.end_auth_seq_id 
_pdbx_refine_tls_group.end_label_asym_id 
_pdbx_refine_tls_group.end_label_seq_id 
_pdbx_refine_tls_group.selection 
_pdbx_refine_tls_group.selection_details 
'X-RAY DIFFRACTION' 1 1 ? ? ? ? ? ? ? ? ? 
;chain 'A' and (resid 1 through 9 )
;
'X-RAY DIFFRACTION' 2 2 ? ? ? ? ? ? ? ? ? 
;chain 'A' and (resid 10 through 17 )
;
'X-RAY DIFFRACTION' 3 3 ? ? ? ? ? ? ? ? ? 
;chain 'B' and (resid 1 through 8 )
;
'X-RAY DIFFRACTION' 4 4 ? ? ? ? ? ? ? ? ? 
;chain 'B' and (resid 9 through 17 )
;
# 
loop_
_chem_comp_atom.comp_id 
_chem_comp_atom.atom_id 
_chem_comp_atom.type_symbol 
_chem_comp_atom.pdbx_aromatic_flag 
_chem_comp_atom.pdbx_stereo_config 
_chem_comp_atom.pdbx_ordinal 
A   OP3    O N N 1   
A   P      P N N 2   
A   OP1    O N N 3   
A   OP2    O N N 4   
A   "O5'"  O N N 5   
A   "C5'"  C N N 6   
A   "C4'"  C N R 7   
A   "O4'"  O N N 8   
A   "C3'"  C N S 9   
A   "O3'"  O N N 10  
A   "C2'"  C N R 11  
A   "O2'"  O N N 12  
A   "C1'"  C N R 13  
A   N9     N Y N 14  
A   C8     C Y N 15  
A   N7     N Y N 16  
A   C5     C Y N 17  
A   C6     C Y N 18  
A   N6     N N N 19  
A   N1     N Y N 20  
A   C2     C Y N 21  
A   N3     N Y N 22  
A   C4     C Y N 23  
A   HOP3   H N N 24  
A   HOP2   H N N 25  
A   "H5'"  H N N 26  
A   "H5''" H N N 27  
A   "H4'"  H N N 28  
A   "H3'"  H N N 29  
A   "HO3'" H N N 30  
A   "H2'"  H N N 31  
A   "HO2'" H N N 32  
A   "H1'"  H N N 33  
A   H8     H N N 34  
A   H61    H N N 35  
A   H62    H N N 36  
A   H2     H N N 37  
C   OP3    O N N 38  
C   P      P N N 39  
C   OP1    O N N 40  
C   OP2    O N N 41  
C   "O5'"  O N N 42  
C   "C5'"  C N N 43  
C   "C4'"  C N R 44  
C   "O4'"  O N N 45  
C   "C3'"  C N S 46  
C   "O3'"  O N N 47  
C   "C2'"  C N R 48  
C   "O2'"  O N N 49  
C   "C1'"  C N R 50  
C   N1     N N N 51  
C   C2     C N N 52  
C   O2     O N N 53  
C   N3     N N N 54  
C   C4     C N N 55  
C   N4     N N N 56  
C   C5     C N N 57  
C   C6     C N N 58  
C   HOP3   H N N 59  
C   HOP2   H N N 60  
C   "H5'"  H N N 61  
C   "H5''" H N N 62  
C   "H4'"  H N N 63  
C   "H3'"  H N N 64  
C   "HO3'" H N N 65  
C   "H2'"  H N N 66  
C   "HO2'" H N N 67  
C   "H1'"  H N N 68  
C   H41    H N N 69  
C   H42    H N N 70  
C   H5     H N N 71  
C   H6     H N N 72  
G   OP3    O N N 73  
G   P      P N N 74  
G   OP1    O N N 75  
G   OP2    O N N 76  
G   "O5'"  O N N 77  
G   "C5'"  C N N 78  
G   "C4'"  C N R 79  
G   "O4'"  O N N 80  
G   "C3'"  C N S 81  
G   "O3'"  O N N 82  
G   "C2'"  C N R 83  
G   "O2'"  O N N 84  
G   "C1'"  C N R 85  
G   N9     N Y N 86  
G   C8     C Y N 87  
G   N7     N Y N 88  
G   C5     C Y N 89  
G   C6     C N N 90  
G   O6     O N N 91  
G   N1     N N N 92  
G   C2     C N N 93  
G   N2     N N N 94  
G   N3     N N N 95  
G   C4     C Y N 96  
G   HOP3   H N N 97  
G   HOP2   H N N 98  
G   "H5'"  H N N 99  
G   "H5''" H N N 100 
G   "H4'"  H N N 101 
G   "H3'"  H N N 102 
G   "HO3'" H N N 103 
G   "H2'"  H N N 104 
G   "HO2'" H N N 105 
G   "H1'"  H N N 106 
G   H8     H N N 107 
G   H1     H N N 108 
G   H21    H N N 109 
G   H22    H N N 110 
HOH O      O N N 111 
HOH H1     H N N 112 
HOH H2     H N N 113 
K   K      K N N 114 
U   OP3    O N N 115 
U   P      P N N 116 
U   OP1    O N N 117 
U   OP2    O N N 118 
U   "O5'"  O N N 119 
U   "C5'"  C N N 120 
U   "C4'"  C N R 121 
U   "O4'"  O N N 122 
U   "C3'"  C N S 123 
U   "O3'"  O N N 124 
U   "C2'"  C N R 125 
U   "O2'"  O N N 126 
U   "C1'"  C N R 127 
U   N1     N N N 128 
U   C2     C N N 129 
U   O2     O N N 130 
U   N3     N N N 131 
U   C4     C N N 132 
U   O4     O N N 133 
U   C5     C N N 134 
U   C6     C N N 135 
U   HOP3   H N N 136 
U   HOP2   H N N 137 
U   "H5'"  H N N 138 
U   "H5''" H N N 139 
U   "H4'"  H N N 140 
U   "H3'"  H N N 141 
U   "HO3'" H N N 142 
U   "H2'"  H N N 143 
U   "HO2'" H N N 144 
U   "H1'"  H N N 145 
U   H3     H N N 146 
U   H5     H N N 147 
U   H6     H N N 148 
# 
loop_
_chem_comp_bond.comp_id 
_chem_comp_bond.atom_id_1 
_chem_comp_bond.atom_id_2 
_chem_comp_bond.value_order 
_chem_comp_bond.pdbx_aromatic_flag 
_chem_comp_bond.pdbx_stereo_config 
_chem_comp_bond.pdbx_ordinal 
A   OP3   P      sing N N 1   
A   OP3   HOP3   sing N N 2   
A   P     OP1    doub N N 3   
A   P     OP2    sing N N 4   
A   P     "O5'"  sing N N 5   
A   OP2   HOP2   sing N N 6   
A   "O5'" "C5'"  sing N N 7   
A   "C5'" "C4'"  sing N N 8   
A   "C5'" "H5'"  sing N N 9   
A   "C5'" "H5''" sing N N 10  
A   "C4'" "O4'"  sing N N 11  
A   "C4'" "C3'"  sing N N 12  
A   "C4'" "H4'"  sing N N 13  
A   "O4'" "C1'"  sing N N 14  
A   "C3'" "O3'"  sing N N 15  
A   "C3'" "C2'"  sing N N 16  
A   "C3'" "H3'"  sing N N 17  
A   "O3'" "HO3'" sing N N 18  
A   "C2'" "O2'"  sing N N 19  
A   "C2'" "C1'"  sing N N 20  
A   "C2'" "H2'"  sing N N 21  
A   "O2'" "HO2'" sing N N 22  
A   "C1'" N9     sing N N 23  
A   "C1'" "H1'"  sing N N 24  
A   N9    C8     sing Y N 25  
A   N9    C4     sing Y N 26  
A   C8    N7     doub Y N 27  
A   C8    H8     sing N N 28  
A   N7    C5     sing Y N 29  
A   C5    C6     sing Y N 30  
A   C5    C4     doub Y N 31  
A   C6    N6     sing N N 32  
A   C6    N1     doub Y N 33  
A   N6    H61    sing N N 34  
A   N6    H62    sing N N 35  
A   N1    C2     sing Y N 36  
A   C2    N3     doub Y N 37  
A   C2    H2     sing N N 38  
A   N3    C4     sing Y N 39  
C   OP3   P      sing N N 40  
C   OP3   HOP3   sing N N 41  
C   P     OP1    doub N N 42  
C   P     OP2    sing N N 43  
C   P     "O5'"  sing N N 44  
C   OP2   HOP2   sing N N 45  
C   "O5'" "C5'"  sing N N 46  
C   "C5'" "C4'"  sing N N 47  
C   "C5'" "H5'"  sing N N 48  
C   "C5'" "H5''" sing N N 49  
C   "C4'" "O4'"  sing N N 50  
C   "C4'" "C3'"  sing N N 51  
C   "C4'" "H4'"  sing N N 52  
C   "O4'" "C1'"  sing N N 53  
C   "C3'" "O3'"  sing N N 54  
C   "C3'" "C2'"  sing N N 55  
C   "C3'" "H3'"  sing N N 56  
C   "O3'" "HO3'" sing N N 57  
C   "C2'" "O2'"  sing N N 58  
C   "C2'" "C1'"  sing N N 59  
C   "C2'" "H2'"  sing N N 60  
C   "O2'" "HO2'" sing N N 61  
C   "C1'" N1     sing N N 62  
C   "C1'" "H1'"  sing N N 63  
C   N1    C2     sing N N 64  
C   N1    C6     sing N N 65  
C   C2    O2     doub N N 66  
C   C2    N3     sing N N 67  
C   N3    C4     doub N N 68  
C   C4    N4     sing N N 69  
C   C4    C5     sing N N 70  
C   N4    H41    sing N N 71  
C   N4    H42    sing N N 72  
C   C5    C6     doub N N 73  
C   C5    H5     sing N N 74  
C   C6    H6     sing N N 75  
G   OP3   P      sing N N 76  
G   OP3   HOP3   sing N N 77  
G   P     OP1    doub N N 78  
G   P     OP2    sing N N 79  
G   P     "O5'"  sing N N 80  
G   OP2   HOP2   sing N N 81  
G   "O5'" "C5'"  sing N N 82  
G   "C5'" "C4'"  sing N N 83  
G   "C5'" "H5'"  sing N N 84  
G   "C5'" "H5''" sing N N 85  
G   "C4'" "O4'"  sing N N 86  
G   "C4'" "C3'"  sing N N 87  
G   "C4'" "H4'"  sing N N 88  
G   "O4'" "C1'"  sing N N 89  
G   "C3'" "O3'"  sing N N 90  
G   "C3'" "C2'"  sing N N 91  
G   "C3'" "H3'"  sing N N 92  
G   "O3'" "HO3'" sing N N 93  
G   "C2'" "O2'"  sing N N 94  
G   "C2'" "C1'"  sing N N 95  
G   "C2'" "H2'"  sing N N 96  
G   "O2'" "HO2'" sing N N 97  
G   "C1'" N9     sing N N 98  
G   "C1'" "H1'"  sing N N 99  
G   N9    C8     sing Y N 100 
G   N9    C4     sing Y N 101 
G   C8    N7     doub Y N 102 
G   C8    H8     sing N N 103 
G   N7    C5     sing Y N 104 
G   C5    C6     sing N N 105 
G   C5    C4     doub Y N 106 
G   C6    O6     doub N N 107 
G   C6    N1     sing N N 108 
G   N1    C2     sing N N 109 
G   N1    H1     sing N N 110 
G   C2    N2     sing N N 111 
G   C2    N3     doub N N 112 
G   N2    H21    sing N N 113 
G   N2    H22    sing N N 114 
G   N3    C4     sing N N 115 
HOH O     H1     sing N N 116 
HOH O     H2     sing N N 117 
U   OP3   P      sing N N 118 
U   OP3   HOP3   sing N N 119 
U   P     OP1    doub N N 120 
U   P     OP2    sing N N 121 
U   P     "O5'"  sing N N 122 
U   OP2   HOP2   sing N N 123 
U   "O5'" "C5'"  sing N N 124 
U   "C5'" "C4'"  sing N N 125 
U   "C5'" "H5'"  sing N N 126 
U   "C5'" "H5''" sing N N 127 
U   "C4'" "O4'"  sing N N 128 
U   "C4'" "C3'"  sing N N 129 
U   "C4'" "H4'"  sing N N 130 
U   "O4'" "C1'"  sing N N 131 
U   "C3'" "O3'"  sing N N 132 
U   "C3'" "C2'"  sing N N 133 
U   "C3'" "H3'"  sing N N 134 
U   "O3'" "HO3'" sing N N 135 
U   "C2'" "O2'"  sing N N 136 
U   "C2'" "C1'"  sing N N 137 
U   "C2'" "H2'"  sing N N 138 
U   "O2'" "HO2'" sing N N 139 
U   "C1'" N1     sing N N 140 
U   "C1'" "H1'"  sing N N 141 
U   N1    C2     sing N N 142 
U   N1    C6     sing N N 143 
U   C2    O2     doub N N 144 
U   C2    N3     sing N N 145 
U   N3    C4     sing N N 146 
U   N3    H3     sing N N 147 
U   C4    O4     doub N N 148 
U   C4    C5     sing N N 149 
U   C5    C6     doub N N 150 
U   C5    H5     sing N N 151 
U   C6    H6     sing N N 152 
# 
loop_
_ndb_struct_conf_na.entry_id 
_ndb_struct_conf_na.feature 
4KYY 'double helix'         
4KYY 'a-form double helix'  
4KYY 'mismatched base pair' 
# 
loop_
_ndb_struct_na_base_pair.model_number 
_ndb_struct_na_base_pair.i_label_asym_id 
_ndb_struct_na_base_pair.i_label_comp_id 
_ndb_struct_na_base_pair.i_label_seq_id 
_ndb_struct_na_base_pair.i_symmetry 
_ndb_struct_na_base_pair.j_label_asym_id 
_ndb_struct_na_base_pair.j_label_comp_id 
_ndb_struct_na_base_pair.j_label_seq_id 
_ndb_struct_na_base_pair.j_symmetry 
_ndb_struct_na_base_pair.shear 
_ndb_struct_na_base_pair.stretch 
_ndb_struct_na_base_pair.stagger 
_ndb_struct_na_base_pair.buckle 
_ndb_struct_na_base_pair.propeller 
_ndb_struct_na_base_pair.opening 
_ndb_struct_na_base_pair.pair_number 
_ndb_struct_na_base_pair.pair_name 
_ndb_struct_na_base_pair.i_auth_asym_id 
_ndb_struct_na_base_pair.i_auth_seq_id 
_ndb_struct_na_base_pair.i_PDB_ins_code 
_ndb_struct_na_base_pair.j_auth_asym_id 
_ndb_struct_na_base_pair.j_auth_seq_id 
_ndb_struct_na_base_pair.j_PDB_ins_code 
_ndb_struct_na_base_pair.hbond_type_28 
_ndb_struct_na_base_pair.hbond_type_12 
1 A U 1  1_555 B A 17 1_555 -0.118 0.000  -0.015 5.328  -13.524 0.974   1  A_U1:A17_B A 1  ? B 17 ? 20 1 
1 A U 2  1_555 B G 16 1_555 2.140  -0.586 0.392  -0.175 -18.682 -3.602  2  A_U2:G16_B A 2  ? B 16 ? 28 1 
1 A C 3  1_555 B G 15 1_555 0.008  -0.087 0.059  4.037  -14.649 0.040   3  A_C3:G15_B A 3  ? B 15 ? 19 1 
1 A G 4  1_555 B C 14 1_555 -0.460 -0.164 0.128  -2.121 -10.704 -0.571  4  A_G4:C14_B A 4  ? B 14 ? 19 1 
1 A G 5  1_555 B C 13 1_555 -0.465 -0.142 -0.001 -3.848 -15.163 5.720   5  A_G5:C13_B A 5  ? B 13 ? 19 1 
1 A U 6  1_555 B U 12 1_555 -2.329 -1.611 -0.135 4.164  -18.330 -3.222  6  A_U6:U12_B A 6  ? B 12 ? 16 1 
1 A U 7  1_555 B A 11 1_555 -0.214 -0.098 0.115  -3.368 -15.412 1.398   7  A_U7:A11_B A 7  ? B 11 ? 20 1 
1 A U 8  1_555 B G 10 1_555 2.257  -0.667 0.229  -5.685 -13.995 -5.650  8  A_U8:G10_B A 8  ? B 10 ? 28 1 
1 A U 9  1_555 B U 9  1_555 2.581  -1.147 0.052  5.785  -5.312  -28.190 9  A_U9:U9_B  A 9  ? B 9  ? ?  ? 
1 A G 10 1_555 B U 8  1_555 -2.568 -0.744 -0.172 2.399  -6.490  1.344   10 A_G10:U8_B A 10 ? B 8  ? 28 1 
1 A A 11 1_555 B U 7  1_555 -0.014 -0.009 0.006  1.024  -14.287 4.671   11 A_A11:U7_B A 11 ? B 7  ? 20 1 
1 A U 12 1_555 B U 6  1_555 2.114  -1.677 0.126  -4.488 -11.856 1.879   12 A_U12:U6_B A 12 ? B 6  ? 16 1 
1 A C 13 1_555 B G 5  1_555 0.227  -0.249 -0.102 6.971  -19.593 3.382   13 A_C13:G5_B A 13 ? B 5  ? 19 1 
1 A C 14 1_555 B G 4  1_555 0.089  -0.370 0.117  5.146  -13.793 -2.232  14 A_C14:G4_B A 14 ? B 4  ? 19 1 
1 A G 15 1_555 B C 3  1_555 -0.574 -0.293 0.096  0.392  -13.613 0.897   15 A_G15:C3_B A 15 ? B 3  ? 19 1 
1 A G 16 1_555 B U 2  1_555 -1.806 -0.516 -0.043 -6.357 -16.152 -8.309  16 A_G16:U2_B A 16 ? B 2  ? 28 1 
1 A A 17 1_555 B U 1  1_555 0.526  0.181  -0.235 -3.066 -22.546 -12.548 17 A_A17:U1_B A 17 ? B 1  ? 20 1 
# 
loop_
_ndb_struct_na_base_pair_step.model_number 
_ndb_struct_na_base_pair_step.i_label_asym_id_1 
_ndb_struct_na_base_pair_step.i_label_comp_id_1 
_ndb_struct_na_base_pair_step.i_label_seq_id_1 
_ndb_struct_na_base_pair_step.i_symmetry_1 
_ndb_struct_na_base_pair_step.j_label_asym_id_1 
_ndb_struct_na_base_pair_step.j_label_comp_id_1 
_ndb_struct_na_base_pair_step.j_label_seq_id_1 
_ndb_struct_na_base_pair_step.j_symmetry_1 
_ndb_struct_na_base_pair_step.i_label_asym_id_2 
_ndb_struct_na_base_pair_step.i_label_comp_id_2 
_ndb_struct_na_base_pair_step.i_label_seq_id_2 
_ndb_struct_na_base_pair_step.i_symmetry_2 
_ndb_struct_na_base_pair_step.j_label_asym_id_2 
_ndb_struct_na_base_pair_step.j_label_comp_id_2 
_ndb_struct_na_base_pair_step.j_label_seq_id_2 
_ndb_struct_na_base_pair_step.j_symmetry_2 
_ndb_struct_na_base_pair_step.shift 
_ndb_struct_na_base_pair_step.slide 
_ndb_struct_na_base_pair_step.rise 
_ndb_struct_na_base_pair_step.tilt 
_ndb_struct_na_base_pair_step.roll 
_ndb_struct_na_base_pair_step.twist 
_ndb_struct_na_base_pair_step.x_displacement 
_ndb_struct_na_base_pair_step.y_displacement 
_ndb_struct_na_base_pair_step.helical_rise 
_ndb_struct_na_base_pair_step.inclination 
_ndb_struct_na_base_pair_step.tip 
_ndb_struct_na_base_pair_step.helical_twist 
_ndb_struct_na_base_pair_step.step_number 
_ndb_struct_na_base_pair_step.step_name 
_ndb_struct_na_base_pair_step.i_auth_asym_id_1 
_ndb_struct_na_base_pair_step.i_auth_seq_id_1 
_ndb_struct_na_base_pair_step.i_PDB_ins_code_1 
_ndb_struct_na_base_pair_step.j_auth_asym_id_1 
_ndb_struct_na_base_pair_step.j_auth_seq_id_1 
_ndb_struct_na_base_pair_step.j_PDB_ins_code_1 
_ndb_struct_na_base_pair_step.i_auth_asym_id_2 
_ndb_struct_na_base_pair_step.i_auth_seq_id_2 
_ndb_struct_na_base_pair_step.i_PDB_ins_code_2 
_ndb_struct_na_base_pair_step.j_auth_asym_id_2 
_ndb_struct_na_base_pair_step.j_auth_seq_id_2 
_ndb_struct_na_base_pair_step.j_PDB_ins_code_2 
1 A U 1  1_555 B A 17 1_555 A U 2  1_555 B G 16 1_555 -0.522 -1.404 3.423 -3.893 3.395  45.678 -2.102  0.320  3.347 4.357  4.996   
45.954 1  AA_U1U2:G16A17_BB A 1  ? B 17 ? A 2  ? B 16 ? 
1 A U 2  1_555 B G 16 1_555 A C 3  1_555 B G 15 1_555 0.081  -1.979 2.819 5.001  9.598  23.175 -6.524  0.884  1.843 22.391 -11.666 
25.546 2  AA_U2C3:G15G16_BB A 2  ? B 16 ? A 3  ? B 15 ? 
1 A C 3  1_555 B G 15 1_555 A G 4  1_555 B C 14 1_555 0.623  -2.081 3.313 0.827  12.149 24.620 -7.007  -1.136 2.090 26.518 -1.804  
27.425 3  AA_C3G4:C14G15_BB A 3  ? B 15 ? A 4  ? B 14 ? 
1 A G 4  1_555 B C 14 1_555 A G 5  1_555 B C 13 1_555 0.313  -1.754 3.288 1.211  4.101  30.433 -4.092  -0.360 3.041 7.764  -2.293  
30.725 4  AA_G4G5:C13C14_BB A 4  ? B 14 ? A 5  ? B 13 ? 
1 A G 5  1_555 B C 13 1_555 A U 6  1_555 B U 12 1_555 -0.414 -1.775 2.807 -2.011 6.569  25.504 -5.281  0.480  2.311 14.546 4.454   
26.398 5  AA_G5U6:U12C13_BB A 5  ? B 13 ? A 6  ? B 12 ? 
1 A U 6  1_555 B U 12 1_555 A U 7  1_555 B A 11 1_555 0.030  -1.245 3.534 -3.955 5.163  43.595 -2.174  -0.434 3.357 6.905  5.290   
44.054 6  AA_U6U7:A11U12_BB A 6  ? B 12 ? A 7  ? B 11 ? 
1 A U 7  1_555 B A 11 1_555 A U 8  1_555 B G 10 1_555 -0.354 -1.019 3.301 0.264  6.494  43.967 -1.941  0.492  3.125 8.617  -0.351  
44.422 7  AA_U7U8:G10A11_BB A 7  ? B 11 ? A 8  ? B 10 ? 
1 A U 8  1_555 B G 10 1_555 A U 9  1_555 B U 9  1_555 -1.548 -1.607 2.863 2.008  7.689  34.899 -3.516  2.756  2.376 12.619 -3.295  
35.765 8  AA_U8U9:U9G10_BB  A 8  ? B 10 ? A 9  ? B 9  ? 
1 A U 9  1_555 B U 9  1_555 A G 10 1_555 B U 8  1_555 2.678  -1.811 3.303 4.551  10.268 12.667 -12.505 -6.292 2.101 38.133 -16.901 
16.914 9  AA_U9G10:U8U9_BB  A 9  ? B 9  ? A 10 ? B 8  ? 
1 A G 10 1_555 B U 8  1_555 A A 11 1_555 B U 7  1_555 -0.017 -1.578 3.373 -1.950 4.458  41.235 -2.704  -0.185 3.190 6.303  2.758   
41.508 10 AA_G10A11:U7U8_BB A 10 ? B 8  ? A 11 ? B 7  ? 
1 A A 11 1_555 B U 7  1_555 A U 12 1_555 B U 6  1_555 -0.242 -1.305 3.373 -0.427 4.705  42.092 -2.292  0.290  3.218 6.526  0.593   
42.345 11 AA_A11U12:U6U7_BB A 11 ? B 7  ? A 12 ? B 6  ? 
1 A U 12 1_555 B U 6  1_555 A C 13 1_555 B G 5  1_555 0.150  -1.502 2.769 6.472  7.005  25.474 -4.595  0.971  2.253 15.223 -14.063 
27.173 12 AA_U12C13:G5U6_BB A 12 ? B 6  ? A 13 ? B 5  ? 
1 A C 13 1_555 B G 5  1_555 A C 14 1_555 B G 4  1_555 -1.175 -1.889 3.284 -3.462 11.966 25.841 -6.267  1.667  2.333 24.992 7.231   
28.641 13 AA_C13C14:G4G5_BB A 13 ? B 5  ? A 14 ? B 4  ? 
1 A C 14 1_555 B G 4  1_555 A G 15 1_555 B C 3  1_555 0.445  -1.759 3.170 0.381  16.440 27.021 -5.764  -0.759 1.830 31.729 -0.736  
31.552 14 AA_C14G15:C3G4_BB A 14 ? B 4  ? A 15 ? B 3  ? 
1 A G 15 1_555 B C 3  1_555 A G 16 1_555 B U 2  1_555 -0.179 -1.654 3.238 -1.659 8.935  30.741 -4.485  0.049  2.670 16.410 3.046   
32.025 15 AA_G15G16:U2C3_BB A 15 ? B 3  ? A 16 ? B 2  ? 
1 A G 16 1_555 B U 2  1_555 A A 17 1_555 B U 1  1_555 -0.244 -1.078 3.293 4.085  0.545  43.818 -1.491  0.711  3.245 0.729  -5.460  
44.002 16 AA_G16A17:U1U2_BB A 16 ? B 2  ? A 17 ? B 1  ? 
# 
_pdbx_initial_refinement_model.accession_code   ? 
_pdbx_initial_refinement_model.id               1 
_pdbx_initial_refinement_model.entity_id_list   ? 
_pdbx_initial_refinement_model.type             'in silico model' 
_pdbx_initial_refinement_model.source_name      Other 
_pdbx_initial_refinement_model.details          'UUCGG RNA duplex idealized structure' 
# 
_atom_sites.entry_id                    4KYY 
_atom_sites.fract_transf_matrix[1][1]   -0.00411328 
_atom_sites.fract_transf_matrix[1][2]   0.00532448 
_atom_sites.fract_transf_matrix[1][3]   -0.02535997 
_atom_sites.fract_transf_matrix[2][1]   0.02019559 
_atom_sites.fract_transf_matrix[2][2]   0.00626424 
_atom_sites.fract_transf_matrix[2][3]   -0.01553312 
_atom_sites.fract_transf_matrix[3][1]   0.00139355 
_atom_sites.fract_transf_matrix[3][2]   -0.01054109 
_atom_sites.fract_transf_matrix[3][3]   -0.00243920 
_atom_sites.fract_transf_vector[1]      0.406948 
_atom_sites.fract_transf_vector[2]      0.467390 
_atom_sites.fract_transf_vector[3]      2.251872 
# 
loop_
_atom_type.symbol 
C 
K 
N 
O 
P 
# 
loop_
_atom_site.group_PDB 
_atom_site.id 
_atom_site.type_symbol 
_atom_site.label_atom_id 
_atom_site.label_alt_id 
_atom_site.label_comp_id 
_atom_site.label_asym_id 
_atom_site.label_entity_id 
_atom_site.label_seq_id 
_atom_site.pdbx_PDB_ins_code 
_atom_site.Cartn_x 
_atom_site.Cartn_y 
_atom_site.Cartn_z 
_atom_site.occupancy 
_atom_site.B_iso_or_equiv 
_atom_site.pdbx_formal_charge 
_atom_site.auth_seq_id 
_atom_site.auth_comp_id 
_atom_site.auth_asym_id 
_atom_site.auth_atom_id 
_atom_site.pdbx_PDB_model_num 
ATOM   1   O "O5'" . U   A 1 1  ? -7.021  19.197  -5.038  1.00 28.13 ? 1   U   A "O5'" 1 
ATOM   2   C "C5'" . U   A 1 1  ? -6.985  19.851  -6.297  1.00 27.74 ? 1   U   A "C5'" 1 
ATOM   3   C "C4'" . U   A 1 1  ? -5.826  20.812  -6.384  1.00 29.73 ? 1   U   A "C4'" 1 
ATOM   4   O "O4'" . U   A 1 1  ? -5.902  21.778  -5.301  1.00 29.73 ? 1   U   A "O4'" 1 
ATOM   5   C "C3'" . U   A 1 1  ? -4.439  20.202  -6.246  1.00 28.51 ? 1   U   A "C3'" 1 
ATOM   6   O "O3'" . U   A 1 1  ? -3.978  19.637  -7.468  1.00 29.86 ? 1   U   A "O3'" 1 
ATOM   7   C "C2'" . U   A 1 1  ? -3.602  21.388  -5.775  1.00 28.71 ? 1   U   A "C2'" 1 
ATOM   8   O "O2'" . U   A 1 1  ? -3.260  22.223  -6.870  1.00 22.55 ? 1   U   A "O2'" 1 
ATOM   9   C "C1'" . U   A 1 1  ? -4.600  22.144  -4.892  1.00 27.95 ? 1   U   A "C1'" 1 
ATOM   10  N N1    . U   A 1 1  ? -4.443  21.857  -3.443  1.00 25.34 ? 1   U   A N1    1 
ATOM   11  C C2    . U   A 1 1  ? -3.291  22.301  -2.807  1.00 26.64 ? 1   U   A C2    1 
ATOM   12  O O2    . U   A 1 1  ? -2.403  22.904  -3.380  1.00 25.45 ? 1   U   A O2    1 
ATOM   13  N N3    . U   A 1 1  ? -3.204  22.018  -1.463  1.00 23.43 ? 1   U   A N3    1 
ATOM   14  C C4    . U   A 1 1  ? -4.135  21.354  -0.693  1.00 23.32 ? 1   U   A C4    1 
ATOM   15  O O4    . U   A 1 1  ? -3.916  21.174  0.509   1.00 23.10 ? 1   U   A O4    1 
ATOM   16  C C5    . U   A 1 1  ? -5.302  20.938  -1.416  1.00 22.02 ? 1   U   A C5    1 
ATOM   17  C C6    . U   A 1 1  ? -5.415  21.196  -2.726  1.00 22.89 ? 1   U   A C6    1 
ATOM   18  P P     . U   A 1 2  ? -3.166  18.241  -7.509  1.00 38.11 ? 2   U   A P     1 
ATOM   19  O OP1   . U   A 1 2  ? -3.154  17.814  -8.930  1.00 40.30 ? 2   U   A OP1   1 
ATOM   20  O OP2   . U   A 1 2  ? -3.693  17.293  -6.493  1.00 23.51 ? 2   U   A OP2   1 
ATOM   21  O "O5'" . U   A 1 2  ? -1.677  18.651  -7.092  1.00 35.06 ? 2   U   A "O5'" 1 
ATOM   22  C "C5'" . U   A 1 2  ? -0.999  19.724  -7.739  1.00 32.39 ? 2   U   A "C5'" 1 
ATOM   23  C "C4'" . U   A 1 2  ? 0.211   20.166  -6.951  1.00 33.38 ? 2   U   A "C4'" 1 
ATOM   24  O "O4'" . U   A 1 2  ? -0.214  20.901  -5.771  1.00 34.22 ? 2   U   A "O4'" 1 
ATOM   25  C "C3'" . U   A 1 2  ? 1.074   19.043  -6.394  1.00 33.04 ? 2   U   A "C3'" 1 
ATOM   26  O "O3'" . U   A 1 2  ? 1.974   18.493  -7.341  1.00 28.58 ? 2   U   A "O3'" 1 
ATOM   27  C "C2'" . U   A 1 2  ? 1.752   19.697  -5.197  1.00 33.14 ? 2   U   A "C2'" 1 
ATOM   28  O "O2'" . U   A 1 2  ? 2.835   20.515  -5.610  1.00 26.40 ? 2   U   A "O2'" 1 
ATOM   29  C "C1'" . U   A 1 2  ? 0.639   20.609  -4.684  1.00 30.77 ? 2   U   A "C1'" 1 
ATOM   30  N N1    . U   A 1 2  ? -0.169  19.978  -3.618  1.00 28.20 ? 2   U   A N1    1 
ATOM   31  C C2    . U   A 1 2  ? 0.354   19.950  -2.339  1.00 30.36 ? 2   U   A C2    1 
ATOM   32  O O2    . U   A 1 2  ? 1.461   20.399  -2.064  1.00 25.31 ? 2   U   A O2    1 
ATOM   33  N N3    . U   A 1 2  ? -0.461  19.363  -1.398  1.00 24.43 ? 2   U   A N3    1 
ATOM   34  C C4    . U   A 1 2  ? -1.711  18.819  -1.601  1.00 43.22 ? 2   U   A C4    1 
ATOM   35  O O4    . U   A 1 2  ? -2.314  18.344  -0.650  1.00 23.64 ? 2   U   A O4    1 
ATOM   36  C C5    . U   A 1 2  ? -2.187  18.880  -2.945  1.00 23.65 ? 2   U   A C5    1 
ATOM   37  C C6    . U   A 1 2  ? -1.421  19.456  -3.879  1.00 23.98 ? 2   U   A C6    1 
ATOM   38  P P     . C   A 1 3  ? 2.179   16.899  -7.396  1.00 48.36 ? 3   C   A P     1 
ATOM   39  O OP1   . C   A 1 3  ? 2.601   16.548  -8.773  1.00 52.35 ? 3   C   A OP1   1 
ATOM   40  O OP2   . C   A 1 3  ? 1.001   16.224  -6.781  1.00 44.28 ? 3   C   A OP2   1 
ATOM   41  O "O5'" . C   A 1 3  ? 3.387   16.628  -6.394  1.00 33.01 ? 3   C   A "O5'" 1 
ATOM   42  C "C5'" . C   A 1 3  ? 4.449   17.554  -6.250  1.00 30.51 ? 3   C   A "C5'" 1 
ATOM   43  C "C4'" . C   A 1 3  ? 5.169   17.336  -4.946  1.00 30.55 ? 3   C   A "C4'" 1 
ATOM   44  O "O4'" . C   A 1 3  ? 4.521   18.075  -3.877  1.00 33.33 ? 3   C   A "O4'" 1 
ATOM   45  C "C3'" . C   A 1 3  ? 5.183   15.910  -4.433  1.00 32.05 ? 3   C   A "C3'" 1 
ATOM   46  O "O3'" . C   A 1 3  ? 6.114   15.084  -5.121  1.00 33.82 ? 3   C   A "O3'" 1 
ATOM   47  C "C2'" . C   A 1 3  ? 5.474   16.107  -2.947  1.00 29.16 ? 3   C   A "C2'" 1 
ATOM   48  O "O2'" . C   A 1 3  ? 6.846   16.388  -2.725  1.00 29.96 ? 3   C   A "O2'" 1 
ATOM   49  C "C1'" . C   A 1 3  ? 4.681   17.383  -2.654  1.00 31.30 ? 3   C   A "C1'" 1 
ATOM   50  N N1    . C   A 1 3  ? 3.351   17.086  -2.064  1.00 28.78 ? 3   C   A N1    1 
ATOM   51  C C2    . C   A 1 3  ? 3.281   17.046  -0.669  1.00 27.38 ? 3   C   A C2    1 
ATOM   52  O O2    . C   A 1 3  ? 4.317   17.281  -0.032  1.00 33.24 ? 3   C   A O2    1 
ATOM   53  N N3    . C   A 1 3  ? 2.112   16.761  -0.052  1.00 26.75 ? 3   C   A N3    1 
ATOM   54  C C4    . C   A 1 3  ? 1.024   16.524  -0.788  1.00 38.45 ? 3   C   A C4    1 
ATOM   55  N N4    . C   A 1 3  ? -0.115  16.251  -0.147  1.00 25.58 ? 3   C   A N4    1 
ATOM   56  C C5    . C   A 1 3  ? 1.064   16.547  -2.220  1.00 26.23 ? 3   C   A C5    1 
ATOM   57  C C6    . C   A 1 3  ? 2.233   16.829  -2.815  1.00 26.88 ? 3   C   A C6    1 
ATOM   58  P P     . G   A 1 4  ? 6.030   13.483  -5.014  1.00 47.61 ? 4   G   A P     1 
ATOM   59  O OP1   . G   A 1 4  ? 7.104   12.934  -5.882  1.00 50.56 ? 4   G   A OP1   1 
ATOM   60  O OP2   . G   A 1 4  ? 4.627   13.025  -5.188  1.00 48.34 ? 4   G   A OP2   1 
ATOM   61  O "O5'" . G   A 1 4  ? 6.431   13.207  -3.504  1.00 34.60 ? 4   G   A "O5'" 1 
ATOM   62  C "C5'" . G   A 1 4  ? 5.858   12.150  -2.764  1.00 30.81 ? 4   G   A "C5'" 1 
ATOM   63  C "C4'" . G   A 1 4  ? 6.227   12.294  -1.313  1.00 42.03 ? 4   G   A "C4'" 1 
ATOM   64  O "O4'" . G   A 1 4  ? 5.617   13.497  -0.773  1.00 39.32 ? 4   G   A "O4'" 1 
ATOM   65  C "C3'" . G   A 1 4  ? 5.757   11.194  -0.378  1.00 41.66 ? 4   G   A "C3'" 1 
ATOM   66  O "O3'" . G   A 1 4  ? 6.567   10.033  -0.422  1.00 39.12 ? 4   G   A "O3'" 1 
ATOM   67  C "C2'" . G   A 1 4  ? 5.768   11.902  0.966   1.00 44.26 ? 4   G   A "C2'" 1 
ATOM   68  O "O2'" . G   A 1 4  ? 7.102   12.065  1.418   1.00 45.81 ? 4   G   A "O2'" 1 
ATOM   69  C "C1'" . G   A 1 4  ? 5.231   13.273  0.567   1.00 41.29 ? 4   G   A "C1'" 1 
ATOM   70  N N9    . G   A 1 4  ? 3.757   13.292  0.618   1.00 37.92 ? 4   G   A N9    1 
ATOM   71  C C8    . G   A 1 4  ? 2.897   13.399  -0.453  1.00 37.81 ? 4   G   A C8    1 
ATOM   72  N N7    . G   A 1 4  ? 1.640   13.367  -0.105  1.00 27.66 ? 4   G   A N7    1 
ATOM   73  C C5    . G   A 1 4  ? 1.679   13.229  1.279   1.00 32.78 ? 4   G   A C5    1 
ATOM   74  C C6    . G   A 1 4  ? 0.621   13.139  2.217   1.00 27.19 ? 4   G   A C6    1 
ATOM   75  O O6    . G   A 1 4  ? -0.593  13.165  1.983   1.00 26.45 ? 4   G   A O6    1 
ATOM   76  N N1    . G   A 1 4  ? 1.096   13.011  3.521   1.00 27.59 ? 4   G   A N1    1 
ATOM   77  C C2    . G   A 1 4  ? 2.424   12.967  3.881   1.00 32.39 ? 4   G   A C2    1 
ATOM   78  N N2    . G   A 1 4  ? 2.688   12.839  5.195   1.00 30.00 ? 4   G   A N2    1 
ATOM   79  N N3    . G   A 1 4  ? 3.421   13.045  3.011   1.00 28.98 ? 4   G   A N3    1 
ATOM   80  C C4    . G   A 1 4  ? 2.978   13.173  1.742   1.00 32.70 ? 4   G   A C4    1 
ATOM   81  P P     . G   A 1 5  ? 5.876   8.585   -0.475  1.00 37.01 ? 5   G   A P     1 
ATOM   82  O OP1   . G   A 1 5  ? 6.892   7.589   -0.900  1.00 40.39 ? 5   G   A OP1   1 
ATOM   83  O OP2   . G   A 1 5  ? 4.607   8.704   -1.245  1.00 34.75 ? 5   G   A OP2   1 
ATOM   84  O "O5'" . G   A 1 5  ? 5.489   8.302   1.046   1.00 48.31 ? 5   G   A "O5'" 1 
ATOM   85  C "C5'" . G   A 1 5  ? 6.485   8.220   2.055   1.00 32.96 ? 5   G   A "C5'" 1 
ATOM   86  C "C4'" . G   A 1 5  ? 5.881   8.362   3.429   1.00 35.22 ? 5   G   A "C4'" 1 
ATOM   87  O "O4'" . G   A 1 5  ? 5.135   9.609   3.501   1.00 31.78 ? 5   G   A "O4'" 1 
ATOM   88  C "C3'" . G   A 1 5  ? 4.861   7.307   3.830   1.00 32.47 ? 5   G   A "C3'" 1 
ATOM   89  O "O3'" . G   A 1 5  ? 5.444   6.089   4.262   1.00 43.37 ? 5   G   A "O3'" 1 
ATOM   90  C "C2'" . G   A 1 5  ? 4.068   8.026   4.908   1.00 31.72 ? 5   G   A "C2'" 1 
ATOM   91  O "O2'" . G   A 1 5  ? 4.798   8.077   6.121   1.00 33.04 ? 5   G   A "O2'" 1 
ATOM   92  C "C1'" . G   A 1 5  ? 4.007   9.440   4.333   1.00 30.97 ? 5   G   A "C1'" 1 
ATOM   93  N N9    . G   A 1 5  ? 2.792   9.612   3.522   1.00 30.07 ? 5   G   A N9    1 
ATOM   94  C C8    . G   A 1 5  ? 2.677   9.706   2.158   1.00 29.86 ? 5   G   A C8    1 
ATOM   95  N N7    . G   A 1 5  ? 1.438   9.823   1.764   1.00 29.03 ? 5   G   A N7    1 
ATOM   96  C C5    . G   A 1 5  ? 0.698   9.787   2.941   1.00 32.32 ? 5   G   A C5    1 
ATOM   97  C C6    . G   A 1 5  ? -0.701  9.866   3.159   1.00 27.82 ? 5   G   A C6    1 
ATOM   98  O O6    . G   A 1 5  ? -1.613  9.991   2.331   1.00 27.50 ? 5   G   A O6    1 
ATOM   99  N N1    . G   A 1 5  ? -1.002  9.795   4.509   1.00 27.79 ? 5   G   A N1    1 
ATOM   100 C C2    . G   A 1 5  ? -0.101  9.648   5.533   1.00 28.48 ? 5   G   A C2    1 
ATOM   101 N N2    . G   A 1 5  ? -0.611  9.588   6.777   1.00 36.45 ? 5   G   A N2    1 
ATOM   102 N N3    . G   A 1 5  ? 1.207   9.577   5.347   1.00 29.27 ? 5   G   A N3    1 
ATOM   103 C C4    . G   A 1 5  ? 1.526   9.653   4.036   1.00 32.97 ? 5   G   A C4    1 
ATOM   104 P P     . U   A 1 6  ? 4.682   4.690   4.028   1.00 45.04 ? 6   U   A P     1 
ATOM   105 O OP1   . U   A 1 6  ? 5.618   3.607   4.400   1.00 46.89 ? 6   U   A OP1   1 
ATOM   106 O OP2   . U   A 1 6  ? 4.072   4.694   2.671   1.00 47.71 ? 6   U   A OP2   1 
ATOM   107 O "O5'" . U   A 1 6  ? 3.516   4.698   5.113   1.00 36.12 ? 6   U   A "O5'" 1 
ATOM   108 C "C5'" . U   A 1 6  ? 3.833   4.638   6.493   1.00 38.26 ? 6   U   A "C5'" 1 
ATOM   109 C "C4'" . U   A 1 6  ? 2.626   4.818   7.378   1.00 36.94 ? 6   U   A "C4'" 1 
ATOM   110 O "O4'" . U   A 1 6  ? 1.889   6.008   7.009   1.00 35.27 ? 6   U   A "O4'" 1 
ATOM   111 C "C3'" . U   A 1 6  ? 1.581   3.721   7.342   1.00 37.19 ? 6   U   A "C3'" 1 
ATOM   112 O "O3'" . U   A 1 6  ? 1.958   2.587   8.099   1.00 40.47 ? 6   U   A "O3'" 1 
ATOM   113 C "C2'" . U   A 1 6  ? 0.345   4.424   7.895   1.00 38.60 ? 6   U   A "C2'" 1 
ATOM   114 O "O2'" . U   A 1 6  ? 0.370   4.456   9.316   1.00 38.52 ? 6   U   A "O2'" 1 
ATOM   115 C "C1'" . U   A 1 6  ? 0.534   5.853   7.371   1.00 35.53 ? 6   U   A "C1'" 1 
ATOM   116 N N1    . U   A 1 6  ? -0.319  6.155   6.204   1.00 30.10 ? 6   U   A N1    1 
ATOM   117 C C2    . U   A 1 6  ? -1.662  6.369   6.455   1.00 38.25 ? 6   U   A C2    1 
ATOM   118 O O2    . U   A 1 6  ? -2.137  6.307   7.577   1.00 41.91 ? 6   U   A O2    1 
ATOM   119 N N3    . U   A 1 6  ? -2.427  6.661   5.356   1.00 28.52 ? 6   U   A N3    1 
ATOM   120 C C4    . U   A 1 6  ? -1.973  6.761   4.055   1.00 30.65 ? 6   U   A C4    1 
ATOM   121 O O4    . U   A 1 6  ? -2.774  7.034   3.161   1.00 27.91 ? 6   U   A O4    1 
ATOM   122 C C5    . U   A 1 6  ? -0.567  6.520   3.880   1.00 29.50 ? 6   U   A C5    1 
ATOM   123 C C6    . U   A 1 6  ? 0.198   6.234   4.936   1.00 30.21 ? 6   U   A C6    1 
ATOM   124 P P     . U   A 1 7  ? 1.527   1.119   7.619   1.00 38.91 ? 7   U   A P     1 
ATOM   125 O OP1   . U   A 1 7  ? 2.195   0.123   8.494   1.00 43.14 ? 7   U   A OP1   1 
ATOM   126 O OP2   . U   A 1 7  ? 1.738   1.046   6.155   1.00 37.72 ? 7   U   A OP2   1 
ATOM   127 O "O5'" . U   A 1 7  ? -0.039  1.068   7.902   1.00 39.67 ? 7   U   A "O5'" 1 
ATOM   128 C "C5'" . U   A 1 7  ? -0.556  1.244   9.210   1.00 35.79 ? 7   U   A "C5'" 1 
ATOM   129 C "C4'" . U   A 1 7  ? -2.048  1.456   9.180   1.00 34.69 ? 7   U   A "C4'" 1 
ATOM   130 O "O4'" . U   A 1 7  ? -2.349  2.726   8.544   1.00 35.48 ? 7   U   A "O4'" 1 
ATOM   131 C "C3'" . U   A 1 7  ? -2.851  0.448   8.374   1.00 34.36 ? 7   U   A "C3'" 1 
ATOM   132 O "O3'" . U   A 1 7  ? -3.088  -0.767  9.069   1.00 36.52 ? 7   U   A "O3'" 1 
ATOM   133 C "C2'" . U   A 1 7  ? -4.120  1.225   8.053   1.00 31.79 ? 7   U   A "C2'" 1 
ATOM   134 O "O2'" . U   A 1 7  ? -4.970  1.271   9.187   1.00 31.17 ? 7   U   A "O2'" 1 
ATOM   135 C "C1'" . U   A 1 7  ? -3.563  2.629   7.829   1.00 34.97 ? 7   U   A "C1'" 1 
ATOM   136 N N1    . U   A 1 7  ? -3.309  2.927   6.399   1.00 30.10 ? 7   U   A N1    1 
ATOM   137 C C2    . U   A 1 7  ? -4.387  3.253   5.596   1.00 29.20 ? 7   U   A C2    1 
ATOM   138 O O2    . U   A 1 7  ? -5.536  3.296   6.001   1.00 28.61 ? 7   U   A O2    1 
ATOM   139 N N3    . U   A 1 7  ? -4.076  3.534   4.290   1.00 29.05 ? 7   U   A N3    1 
ATOM   140 C C4    . U   A 1 7  ? -2.825  3.521   3.710   1.00 29.69 ? 7   U   A C4    1 
ATOM   141 O O4    . U   A 1 7  ? -2.711  3.792   2.517   1.00 29.49 ? 7   U   A O4    1 
ATOM   142 C C5    . U   A 1 7  ? -1.763  3.171   4.605   1.00 30.59 ? 7   U   A C5    1 
ATOM   143 C C6    . U   A 1 7  ? -2.039  2.897   5.884   1.00 30.76 ? 7   U   A C6    1 
ATOM   144 P P     . U   A 1 8  ? -3.155  -2.167  8.276   1.00 41.35 ? 8   U   A P     1 
ATOM   145 O OP1   . U   A 1 8  ? -3.161  -3.269  9.264   1.00 46.21 ? 8   U   A OP1   1 
ATOM   146 O OP2   . U   A 1 8  ? -2.113  -2.160  7.223   1.00 47.00 ? 8   U   A OP2   1 
ATOM   147 O "O5'" . U   A 1 8  ? -4.567  -2.147  7.534   1.00 42.07 ? 8   U   A "O5'" 1 
ATOM   148 C "C5'" . U   A 1 8  ? -5.774  -1.876  8.233   1.00 40.59 ? 8   U   A "C5'" 1 
ATOM   149 C "C4'" . U   A 1 8  ? -6.898  -1.560  7.277   1.00 30.87 ? 8   U   A "C4'" 1 
ATOM   150 O "O4'" . U   A 1 8  ? -6.692  -0.247  6.692   1.00 42.87 ? 8   U   A "O4'" 1 
ATOM   151 C "C3'" . U   A 1 8  ? -7.014  -2.476  6.074   1.00 31.14 ? 8   U   A "C3'" 1 
ATOM   152 O "O3'" . U   A 1 8  ? -7.646  -3.710  6.366   1.00 33.76 ? 8   U   A "O3'" 1 
ATOM   153 C "C2'" . U   A 1 8  ? -7.757  -1.605  5.067   1.00 30.05 ? 8   U   A "C2'" 1 
ATOM   154 O "O2'" . U   A 1 8  ? -9.137  -1.518  5.376   1.00 48.83 ? 8   U   A "O2'" 1 
ATOM   155 C "C1'" . U   A 1 8  ? -7.138  -0.240  5.348   1.00 41.88 ? 8   U   A "C1'" 1 
ATOM   156 N N1    . U   A 1 8  ? -5.987  0.025   4.454   1.00 42.96 ? 8   U   A N1    1 
ATOM   157 C C2    . U   A 1 8  ? -6.251  0.503   3.177   1.00 29.36 ? 8   U   A C2    1 
ATOM   158 O O2    . U   A 1 8  ? -7.376  0.722   2.763   1.00 28.58 ? 8   U   A O2    1 
ATOM   159 N N3    . U   A 1 8  ? -5.138  0.716   2.399   1.00 29.75 ? 8   U   A N3    1 
ATOM   160 C C4    . U   A 1 8  ? -3.827  0.499   2.763   1.00 30.64 ? 8   U   A C4    1 
ATOM   161 O O4    . U   A 1 8  ? -2.934  0.733   1.959   1.00 30.92 ? 8   U   A O4    1 
ATOM   162 C C5    . U   A 1 8  ? -3.634  -0.006  4.086   1.00 31.20 ? 8   U   A C5    1 
ATOM   163 C C6    . U   A 1 8  ? -4.693  -0.219  4.867   1.00 30.85 ? 8   U   A C6    1 
ATOM   164 P P     . U   A 1 9  ? -7.202  -5.044  5.590   1.00 36.25 ? 9   U   A P     1 
ATOM   165 O OP1   . U   A 1 9  ? -7.658  -6.218  6.365   1.00 42.13 ? 9   U   A OP1   1 
ATOM   166 O OP2   . U   A 1 9  ? -5.778  -4.950  5.210   1.00 40.66 ? 9   U   A OP2   1 
ATOM   167 O "O5'" . U   A 1 9  ? -8.064  -4.997  4.260   1.00 41.01 ? 9   U   A "O5'" 1 
ATOM   168 C "C5'" . U   A 1 9  ? -9.463  -4.789  4.322   1.00 35.52 ? 9   U   A "C5'" 1 
ATOM   169 C "C4'" . U   A 1 9  ? -10.006 -4.452  2.966   1.00 34.27 ? 9   U   A "C4'" 1 
ATOM   170 O "O4'" . U   A 1 9  ? -9.669  -3.079  2.629   1.00 36.48 ? 9   U   A "O4'" 1 
ATOM   171 C "C3'" . U   A 1 9  ? -9.435  -5.253  1.813   1.00 37.86 ? 9   U   A "C3'" 1 
ATOM   172 O "O3'" . U   A 1 9  ? -9.987  -6.553  1.694   1.00 45.31 ? 9   U   A "O3'" 1 
ATOM   173 C "C2'" . U   A 1 9  ? -9.727  -4.343  0.629   1.00 37.36 ? 9   U   A "C2'" 1 
ATOM   174 O "O2'" . U   A 1 9  ? -11.106 -4.392  0.301   1.00 29.32 ? 9   U   A "O2'" 1 
ATOM   175 C "C1'" . U   A 1 9  ? -9.445  -2.973  1.238   1.00 33.34 ? 9   U   A "C1'" 1 
ATOM   176 N N1    . U   A 1 9  ? -8.047  -2.551  1.004   1.00 31.14 ? 9   U   A N1    1 
ATOM   177 C C2    . U   A 1 9  ? -7.768  -1.899  -0.187  1.00 29.52 ? 9   U   A C2    1 
ATOM   178 O O2    . U   A 1 9  ? -8.606  -1.651  -1.034  1.00 28.86 ? 9   U   A O2    1 
ATOM   179 N N3    . U   A 1 9  ? -6.456  -1.535  -0.347  1.00 30.00 ? 9   U   A N3    1 
ATOM   180 C C4    . U   A 1 9  ? -5.417  -1.764  0.541   1.00 32.19 ? 9   U   A C4    1 
ATOM   181 O O4    . U   A 1 9  ? -4.285  -1.381  0.251   1.00 31.16 ? 9   U   A O4    1 
ATOM   182 C C5    . U   A 1 9  ? -5.787  -2.450  1.748   1.00 31.66 ? 9   U   A C5    1 
ATOM   183 C C6    . U   A 1 9  ? -7.058  -2.812  1.931   1.00 31.66 ? 9   U   A C6    1 
ATOM   184 P P     . G   A 1 10 ? -9.077  -7.777  1.173   1.00 35.65 ? 10  G   A P     1 
ATOM   185 O OP1   . G   A 1 10 ? -9.904  -9.007  1.329   1.00 33.54 ? 10  G   A OP1   1 
ATOM   186 O OP2   . G   A 1 10 ? -7.732  -7.664  1.794   1.00 32.05 ? 10  G   A OP2   1 
ATOM   187 O "O5'" . G   A 1 10 ? -8.885  -7.506  -0.389  1.00 25.49 ? 10  G   A "O5'" 1 
ATOM   188 C "C5'" . G   A 1 10 ? -9.975  -7.652  -1.284  1.00 26.59 ? 10  G   A "C5'" 1 
ATOM   189 C "C4'" . G   A 1 10 ? -9.762  -6.884  -2.565  1.00 27.79 ? 10  G   A "C4'" 1 
ATOM   190 O "O4'" . G   A 1 10 ? -9.395  -5.510  -2.280  1.00 26.05 ? 10  G   A "O4'" 1 
ATOM   191 C "C3'" . G   A 1 10 ? -8.649  -7.364  -3.477  1.00 27.09 ? 10  G   A "C3'" 1 
ATOM   192 O "O3'" . G   A 1 10 ? -8.993  -8.516  -4.225  1.00 41.35 ? 10  G   A "O3'" 1 
ATOM   193 C "C2'" . G   A 1 10 ? -8.395  -6.135  -4.335  1.00 26.15 ? 10  G   A "C2'" 1 
ATOM   194 O "O2'" . G   A 1 10 ? -9.407  -5.982  -5.319  1.00 33.16 ? 10  G   A "O2'" 1 
ATOM   195 C "C1'" . G   A 1 10 ? -8.556  -5.021  -3.305  1.00 24.29 ? 10  G   A "C1'" 1 
ATOM   196 N N9    . G   A 1 10 ? -7.247  -4.679  -2.737  1.00 27.66 ? 10  G   A N9    1 
ATOM   197 C C8    . G   A 1 10 ? -6.715  -4.989  -1.513  1.00 22.49 ? 10  G   A C8    1 
ATOM   198 N N7    . G   A 1 10 ? -5.494  -4.535  -1.386  1.00 21.94 ? 10  G   A N7    1 
ATOM   199 C C5    . G   A 1 10 ? -5.213  -3.907  -2.590  1.00 21.48 ? 10  G   A C5    1 
ATOM   200 C C6    . G   A 1 10 ? -4.046  -3.245  -3.042  1.00 20.71 ? 10  G   A C6    1 
ATOM   201 O O6    . G   A 1 10 ? -2.985  -3.058  -2.434  1.00 19.83 ? 10  G   A O6    1 
ATOM   202 N N1    . G   A 1 10 ? -4.195  -2.768  -4.336  1.00 21.13 ? 10  G   A N1    1 
ATOM   203 C C2    . G   A 1 10 ? -5.331  -2.909  -5.107  1.00 49.50 ? 10  G   A C2    1 
ATOM   204 N N2    . G   A 1 10 ? -5.299  -2.379  -6.336  1.00 22.54 ? 10  G   A N2    1 
ATOM   205 N N3    . G   A 1 10 ? -6.421  -3.530  -4.698  1.00 22.88 ? 10  G   A N3    1 
ATOM   206 C C4    . G   A 1 10 ? -6.285  -3.997  -3.439  1.00 22.47 ? 10  G   A C4    1 
ATOM   207 P P     . A   A 1 11 ? -7.858  -9.572  -4.659  1.00 35.20 ? 11  A   A P     1 
ATOM   208 O OP1   . A   A 1 11 ? -8.528  -10.762 -5.242  1.00 38.71 ? 11  A   A OP1   1 
ATOM   209 O OP2   . A   A 1 11 ? -6.913  -9.718  -3.516  1.00 34.78 ? 11  A   A OP2   1 
ATOM   210 O "O5'" . A   A 1 11 ? -7.043  -8.833  -5.809  1.00 31.73 ? 11  A   A "O5'" 1 
ATOM   211 C "C5'" . A   A 1 11 ? -7.653  -8.468  -7.032  1.00 30.76 ? 11  A   A "C5'" 1 
ATOM   212 C "C4'" . A   A 1 11 ? -6.743  -7.581  -7.845  1.00 30.02 ? 11  A   A "C4'" 1 
ATOM   213 O "O4'" . A   A 1 11 ? -6.405  -6.389  -7.084  1.00 27.82 ? 11  A   A "O4'" 1 
ATOM   214 C "C3'" . A   A 1 11 ? -5.391  -8.167  -8.217  1.00 30.67 ? 11  A   A "C3'" 1 
ATOM   215 O "O3'" . A   A 1 11 ? -5.446  -9.043  -9.330  1.00 37.48 ? 11  A   A "O3'" 1 
ATOM   216 C "C2'" . A   A 1 11 ? -4.554  -6.921  -8.461  1.00 41.54 ? 11  A   A "C2'" 1 
ATOM   217 O "O2'" . A   A 1 11 ? -4.893  -6.332  -9.707  1.00 29.58 ? 11  A   A "O2'" 1 
ATOM   218 C "C1'" . A   A 1 11 ? -5.070  -6.006  -7.357  1.00 27.17 ? 11  A   A "C1'" 1 
ATOM   219 N N9    . A   A 1 11 ? -4.271  -6.143  -6.121  1.00 26.10 ? 11  A   A N9    1 
ATOM   220 C C8    . A   A 1 11 ? -4.632  -6.775  -4.958  1.00 26.08 ? 11  A   A C8    1 
ATOM   221 N N7    . A   A 1 11 ? -3.714  -6.737  -4.016  1.00 28.10 ? 11  A   A N7    1 
ATOM   222 C C5    . A   A 1 11 ? -2.665  -6.043  -4.591  1.00 24.40 ? 11  A   A C5    1 
ATOM   223 C C6    . A   A 1 11 ? -1.394  -5.686  -4.105  1.00 23.32 ? 11  A   A C6    1 
ATOM   224 N N6    . A   A 1 11 ? -0.938  -5.969  -2.876  1.00 22.71 ? 11  A   A N6    1 
ATOM   225 N N1    . A   A 1 11 ? -0.590  -4.996  -4.940  1.00 22.94 ? 11  A   A N1    1 
ATOM   226 C C2    . A   A 1 11 ? -1.036  -4.704  -6.166  1.00 23.64 ? 11  A   A C2    1 
ATOM   227 N N3    . A   A 1 11 ? -2.206  -4.994  -6.730  1.00 24.70 ? 11  A   A N3    1 
ATOM   228 C C4    . A   A 1 11 ? -2.993  -5.673  -5.884  1.00 26.46 ? 11  A   A C4    1 
ATOM   229 P P     . U   A 1 12 ? -4.413  -10.273 -9.447  1.00 47.31 ? 12  U   A P     1 
ATOM   230 O OP1   . U   A 1 12 ? -4.638  -10.947 -10.748 1.00 50.39 ? 12  U   A OP1   1 
ATOM   231 O OP2   . U   A 1 12 ? -4.512  -11.071 -8.196  1.00 41.57 ? 12  U   A OP2   1 
ATOM   232 O "O5'" . U   A 1 12 ? -2.981  -9.570  -9.513  1.00 54.50 ? 12  U   A "O5'" 1 
ATOM   233 C "C5'" . U   A 1 12 ? -2.580  -8.844  -10.668 1.00 50.86 ? 12  U   A "C5'" 1 
ATOM   234 C "C4'" . U   A 1 12 ? -1.216  -8.217  -10.505 1.00 45.18 ? 12  U   A "C4'" 1 
ATOM   235 O "O4'" . U   A 1 12 ? -1.196  -7.360  -9.333  1.00 43.98 ? 12  U   A "O4'" 1 
ATOM   236 C "C3'" . U   A 1 12 ? -0.056  -9.172  -10.283 1.00 42.87 ? 12  U   A "C3'" 1 
ATOM   237 O "O3'" . U   A 1 12 ? 0.409   -9.761  -11.491 1.00 34.65 ? 12  U   A "O3'" 1 
ATOM   238 C "C2'" . U   A 1 12 ? 0.977   -8.280  -9.598  1.00 42.77 ? 12  U   A "C2'" 1 
ATOM   239 O "O2'" . U   A 1 12 ? 1.639   -7.458  -10.546 1.00 46.64 ? 12  U   A "O2'" 1 
ATOM   240 C "C1'" . U   A 1 12 ? 0.088   -7.382  -8.740  1.00 39.62 ? 12  U   A "C1'" 1 
ATOM   241 N N1    . U   A 1 12 ? -0.041  -7.852  -7.336  1.00 38.81 ? 12  U   A N1    1 
ATOM   242 C C2    . U   A 1 12 ? 1.004   -7.669  -6.426  1.00 36.55 ? 12  U   A C2    1 
ATOM   243 O O2    . U   A 1 12 ? 2.075   -7.148  -6.704  1.00 34.91 ? 12  U   A O2    1 
ATOM   244 N N3    . U   A 1 12 ? 0.758   -8.134  -5.150  1.00 35.11 ? 12  U   A N3    1 
ATOM   245 C C4    . U   A 1 12 ? -0.400  -8.747  -4.706  1.00 34.97 ? 12  U   A C4    1 
ATOM   246 O O4    . U   A 1 12 ? -0.495  -9.119  -3.536  1.00 33.47 ? 12  U   A O4    1 
ATOM   247 C C5    . U   A 1 12 ? -1.418  -8.896  -5.700  1.00 32.94 ? 12  U   A C5    1 
ATOM   248 C C6    . U   A 1 12 ? -1.209  -8.450  -6.936  1.00 28.86 ? 12  U   A C6    1 
ATOM   249 P P     . C   A 1 13 ? 0.513   -11.365 -11.654 1.00 53.85 ? 13  C   A P     1 
ATOM   250 O OP1   . C   A 1 13 ? 0.274   -11.686 -13.085 1.00 61.38 ? 13  C   A OP1   1 
ATOM   251 O OP2   . C   A 1 13 ? -0.310  -12.037 -10.622 1.00 55.96 ? 13  C   A OP2   1 
ATOM   252 O "O5'" . C   A 1 13 ? 2.042   -11.686 -11.353 1.00 45.06 ? 13  C   A "O5'" 1 
ATOM   253 C "C5'" . C   A 1 13 ? 3.061   -11.073 -12.125 1.00 44.91 ? 13  C   A "C5'" 1 
ATOM   254 C "C4'" . C   A 1 13 ? 4.221   -10.611 -11.280 1.00 41.51 ? 13  C   A "C4'" 1 
ATOM   255 O "O4'" . C   A 1 13 ? 3.760   -9.730  -10.224 1.00 39.34 ? 13  C   A "O4'" 1 
ATOM   256 C "C3'" . C   A 1 13 ? 4.985   -11.694 -10.544 1.00 41.99 ? 13  C   A "C3'" 1 
ATOM   257 O "O3'" . C   A 1 13 ? 5.886   -12.402 -11.378 1.00 37.96 ? 13  C   A "O3'" 1 
ATOM   258 C "C2'" . C   A 1 13 ? 5.660   -10.911 -9.421  1.00 39.92 ? 13  C   A "C2'" 1 
ATOM   259 O "O2'" . C   A 1 13 ? 6.807   -10.230 -9.903  1.00 41.07 ? 13  C   A "O2'" 1 
ATOM   260 C "C1'" . C   A 1 13 ? 4.588   -9.871  -9.087  1.00 31.88 ? 13  C   A "C1'" 1 
ATOM   261 N N1    . C   A 1 13 ? 3.761   -10.276 -7.926  1.00 31.46 ? 13  C   A N1    1 
ATOM   262 C C2    . C   A 1 13 ? 4.235   -10.020 -6.627  1.00 33.36 ? 13  C   A C2    1 
ATOM   263 O O2    . C   A 1 13 ? 5.332   -9.457  -6.474  1.00 31.75 ? 13  C   A O2    1 
ATOM   264 N N3    . C   A 1 13 ? 3.489   -10.395 -5.558  1.00 34.31 ? 13  C   A N3    1 
ATOM   265 C C4    . C   A 1 13 ? 2.311   -10.999 -5.740  1.00 34.68 ? 13  C   A C4    1 
ATOM   266 N N4    . C   A 1 13 ? 1.614   -11.343 -4.654  1.00 30.54 ? 13  C   A N4    1 
ATOM   267 C C5    . C   A 1 13 ? 1.804   -11.276 -7.048  1.00 35.60 ? 13  C   A C5    1 
ATOM   268 C C6    . C   A 1 13 ? 2.554   -10.904 -8.096  1.00 36.95 ? 13  C   A C6    1 
ATOM   269 P P     . C   A 1 14 ? 6.168   -13.958 -11.102 1.00 43.10 ? 14  C   A P     1 
ATOM   270 O OP1   . C   A 1 14 ? 6.812   -14.562 -12.294 1.00 44.51 ? 14  C   A OP1   1 
ATOM   271 O OP2   . C   A 1 14 ? 4.935   -14.569 -10.549 1.00 44.56 ? 14  C   A OP2   1 
ATOM   272 O "O5'" . C   A 1 14 ? 7.237   -13.934 -9.928  1.00 41.51 ? 14  C   A "O5'" 1 
ATOM   273 C "C5'" . C   A 1 14 ? 8.374   -13.091 -10.007 1.00 39.41 ? 14  C   A "C5'" 1 
ATOM   274 C "C4'" . C   A 1 14 ? 9.164   -13.136 -8.729  1.00 36.40 ? 14  C   A "C4'" 1 
ATOM   275 O "O4'" . C   A 1 14 ? 8.542   -12.304 -7.716  1.00 38.99 ? 14  C   A "O4'" 1 
ATOM   276 C "C3'" . C   A 1 14 ? 9.247   -14.498 -8.075  1.00 38.04 ? 14  C   A "C3'" 1 
ATOM   277 O "O3'" . C   A 1 14 ? 10.198  -15.333 -8.704  1.00 40.13 ? 14  C   A "O3'" 1 
ATOM   278 C "C2'" . C   A 1 14 ? 9.572   -14.150 -6.629  1.00 36.13 ? 14  C   A "C2'" 1 
ATOM   279 O "O2'" . C   A 1 14 ? 10.946  -13.831 -6.490  1.00 39.05 ? 14  C   A "O2'" 1 
ATOM   280 C "C1'" . C   A 1 14 ? 8.767   -12.862 -6.439  1.00 37.12 ? 14  C   A "C1'" 1 
ATOM   281 N N1    . C   A 1 14 ? 7.468   -13.100 -5.770  1.00 33.65 ? 14  C   A N1    1 
ATOM   282 C C2    . C   A 1 14 ? 7.461   -13.075 -4.372  1.00 35.82 ? 14  C   A C2    1 
ATOM   283 O O2    . C   A 1 14 ? 8.529   -12.863 -3.779  1.00 33.86 ? 14  C   A O2    1 
ATOM   284 N N3    . C   A 1 14 ? 6.306   -13.290 -3.710  1.00 32.34 ? 14  C   A N3    1 
ATOM   285 C C4    . C   A 1 14 ? 5.184   -13.523 -4.399  1.00 54.63 ? 14  C   A C4    1 
ATOM   286 N N4    . C   A 1 14 ? 4.057   -13.731 -3.713  1.00 33.18 ? 14  C   A N4    1 
ATOM   287 C C5    . C   A 1 14 ? 5.163   -13.553 -5.825  1.00 34.50 ? 14  C   A C5    1 
ATOM   288 C C6    . C   A 1 14 ? 6.317   -13.336 -6.465  1.00 34.65 ? 14  C   A C6    1 
ATOM   289 P P     . G   A 1 15 ? 9.991   -16.922 -8.718  1.00 45.13 ? 15  G   A P     1 
ATOM   290 O OP1   . G   A 1 15 ? 10.759  -17.489 -9.859  1.00 51.17 ? 15  G   A OP1   1 
ATOM   291 O OP2   . G   A 1 15 ? 8.549   -17.243 -8.574  1.00 43.34 ? 15  G   A OP2   1 
ATOM   292 O "O5'" . G   A 1 15 ? 10.710  -17.374 -7.384  1.00 47.41 ? 15  G   A "O5'" 1 
ATOM   293 C "C5'" . G   A 1 15 ? 10.029  -18.184 -6.457  1.00 50.34 ? 15  G   A "C5'" 1 
ATOM   294 C "C4'" . G   A 1 15 ? 10.582  -17.999 -5.076  1.00 52.38 ? 15  G   A "C4'" 1 
ATOM   295 O "O4'" . G   A 1 15 ? 10.115  -16.738 -4.528  1.00 50.90 ? 15  G   A "O4'" 1 
ATOM   296 C "C3'" . G   A 1 15 ? 10.118  -19.042 -4.083  1.00 52.59 ? 15  G   A "C3'" 1 
ATOM   297 O "O3'" . G   A 1 15 ? 10.906  -20.214 -4.151  1.00 53.37 ? 15  G   A "O3'" 1 
ATOM   298 C "C2'" . G   A 1 15 ? 10.187  -18.300 -2.757  1.00 48.74 ? 15  G   A "C2'" 1 
ATOM   299 O "O2'" . G   A 1 15 ? 11.531  -18.199 -2.315  1.00 48.62 ? 15  G   A "O2'" 1 
ATOM   300 C "C1'" . G   A 1 15 ? 9.725   -16.912 -3.183  1.00 47.63 ? 15  G   A "C1'" 1 
ATOM   301 N N9    . G   A 1 15 ? 8.256   -16.784 -3.137  1.00 47.47 ? 15  G   A N9    1 
ATOM   302 C C8    . G   A 1 15 ? 7.433   -16.630 -4.229  1.00 46.40 ? 15  G   A C8    1 
ATOM   303 N N7    . G   A 1 15 ? 6.174   -16.534 -3.915  1.00 37.90 ? 15  G   A N7    1 
ATOM   304 C C5    . G   A 1 15 ? 6.160   -16.637 -2.532  1.00 42.67 ? 15  G   A C5    1 
ATOM   305 C C6    . G   A 1 15 ? 5.072   -16.606 -1.626  1.00 41.96 ? 15  G   A C6    1 
ATOM   306 O O6    . G   A 1 15 ? 3.867   -16.475 -1.873  1.00 36.40 ? 15  G   A O6    1 
ATOM   307 N N1    . G   A 1 15 ? 5.511   -16.743 -0.313  1.00 42.76 ? 15  G   A N1    1 
ATOM   308 C C2    . G   A 1 15 ? 6.817   -16.897 0.080   1.00 40.01 ? 15  G   A C2    1 
ATOM   309 N N2    . G   A 1 15 ? 7.027   -17.015 1.395   1.00 41.35 ? 15  G   A N2    1 
ATOM   310 N N3    . G   A 1 15 ? 7.839   -16.930 -0.753  1.00 41.03 ? 15  G   A N3    1 
ATOM   311 C C4    . G   A 1 15 ? 7.438   -16.792 -2.033  1.00 43.20 ? 15  G   A C4    1 
ATOM   312 P P     . G   A 1 16 ? 10.193  -21.638 -4.308  1.00 62.95 ? 16  G   A P     1 
ATOM   313 O OP1   . G   A 1 16 ? 11.193  -22.590 -4.854  1.00 67.81 ? 16  G   A OP1   1 
ATOM   314 O OP2   . G   A 1 16 ? 8.897   -21.447 -5.015  1.00 62.80 ? 16  G   A OP2   1 
ATOM   315 O "O5'" . G   A 1 16 ? 9.901   -22.045 -2.800  1.00 48.60 ? 16  G   A "O5'" 1 
ATOM   316 C "C5'" . G   A 1 16 ? 10.912  -21.889 -1.820  1.00 46.57 ? 16  G   A "C5'" 1 
ATOM   317 C "C4'" . G   A 1 16 ? 10.323  -21.788 -0.443  1.00 46.06 ? 16  G   A "C4'" 1 
ATOM   318 O "O4'" . G   A 1 16 ? 9.563   -20.562 -0.317  1.00 44.63 ? 16  G   A "O4'" 1 
ATOM   319 C "C3'" . G   A 1 16 ? 9.324   -22.866 -0.081  1.00 48.43 ? 16  G   A "C3'" 1 
ATOM   320 O "O3'" . G   A 1 16 ? 9.942   -24.082 0.291   1.00 54.27 ? 16  G   A "O3'" 1 
ATOM   321 C "C2'" . G   A 1 16 ? 8.528   -22.213 1.039   1.00 48.95 ? 16  G   A "C2'" 1 
ATOM   322 O "O2'" . G   A 1 16 ? 9.242   -22.263 2.261   1.00 52.89 ? 16  G   A "O2'" 1 
ATOM   323 C "C1'" . G   A 1 16 ? 8.489   -20.759 0.576   1.00 48.48 ? 16  G   A "C1'" 1 
ATOM   324 N N9    . G   A 1 16 ? 7.221   -20.437 -0.098  1.00 51.68 ? 16  G   A N9    1 
ATOM   325 C C8    . G   A 1 16 ? 7.007   -20.162 -1.425  1.00 52.02 ? 16  G   A C8    1 
ATOM   326 N N7    . G   A 1 16 ? 5.750   -19.912 -1.688  1.00 52.46 ? 16  G   A N7    1 
ATOM   327 C C5    . G   A 1 16 ? 5.101   -20.033 -0.463  1.00 50.21 ? 16  G   A C5    1 
ATOM   328 C C6    . G   A 1 16 ? 3.733   -19.879 -0.122  1.00 46.60 ? 16  G   A C6    1 
ATOM   329 O O6    . G   A 1 16 ? 2.785   -19.591 -0.859  1.00 46.65 ? 16  G   A O6    1 
ATOM   330 N N1    . G   A 1 16 ? 3.521   -20.094 1.237   1.00 44.11 ? 16  G   A N1    1 
ATOM   331 C C2    . G   A 1 16 ? 4.496   -20.414 2.149   1.00 44.25 ? 16  G   A C2    1 
ATOM   332 N N2    . G   A 1 16 ? 4.097   -20.579 3.416   1.00 44.56 ? 16  G   A N2    1 
ATOM   333 N N3    . G   A 1 16 ? 5.773   -20.562 1.845   1.00 47.44 ? 16  G   A N3    1 
ATOM   334 C C4    . G   A 1 16 ? 5.999   -20.357 0.530   1.00 51.21 ? 16  G   A C4    1 
ATOM   335 P P     . A   A 1 17 ? 9.298   -25.473 -0.183  1.00 58.11 ? 17  A   A P     1 
ATOM   336 O OP1   . A   A 1 17 ? 10.253  -26.572 0.105   1.00 62.28 ? 17  A   A OP1   1 
ATOM   337 O OP2   . A   A 1 17 ? 8.823   -25.270 -1.577  1.00 58.54 ? 17  A   A OP2   1 
ATOM   338 O "O5'" . A   A 1 17 ? 8.034   -25.647 0.778   1.00 68.78 ? 17  A   A "O5'" 1 
ATOM   339 C "C5'" . A   A 1 17 ? 8.183   -26.111 2.118   1.00 66.44 ? 17  A   A "C5'" 1 
ATOM   340 C "C4'" . A   A 1 17 ? 7.358   -25.311 3.099   1.00 63.65 ? 17  A   A "C4'" 1 
ATOM   341 O "O4'" . A   A 1 17 ? 6.663   -24.251 2.396   1.00 59.14 ? 17  A   A "O4'" 1 
ATOM   342 C "C3'" . A   A 1 17 ? 6.288   -26.095 3.856   1.00 70.04 ? 17  A   A "C3'" 1 
ATOM   343 O "O3'" . A   A 1 17 ? 6.146   -25.546 5.166   1.00 76.46 ? 17  A   A "O3'" 1 
ATOM   344 C "C2'" . A   A 1 17 ? 5.023   -25.809 3.056   1.00 65.89 ? 17  A   A "C2'" 1 
ATOM   345 O "O2'" . A   A 1 17 ? 3.835   -25.908 3.814   1.00 65.81 ? 17  A   A "O2'" 1 
ATOM   346 C "C1'" . A   A 1 17 ? 5.262   -24.376 2.582   1.00 59.89 ? 17  A   A "C1'" 1 
ATOM   347 N N9    . A   A 1 17 ? 4.624   -24.031 1.303   1.00 48.61 ? 17  A   A N9    1 
ATOM   348 C C8    . A   A 1 17 ? 5.224   -24.132 0.069   1.00 62.65 ? 17  A   A C8    1 
ATOM   349 N N7    . A   A 1 17 ? 4.481   -23.743 -0.934  1.00 49.51 ? 17  A   A N7    1 
ATOM   350 C C5    . A   A 1 17 ? 3.304   -23.337 -0.327  1.00 67.02 ? 17  A   A C5    1 
ATOM   351 C C6    . A   A 1 17 ? 2.113   -22.813 -0.871  1.00 67.02 ? 17  A   A C6    1 
ATOM   352 N N6    . A   A 1 17 ? 1.936   -22.612 -2.179  1.00 48.23 ? 17  A   A N6    1 
ATOM   353 N N1    . A   A 1 17 ? 1.111   -22.504 -0.018  1.00 46.57 ? 17  A   A N1    1 
ATOM   354 C C2    . A   A 1 17 ? 1.320   -22.718 1.286   1.00 48.83 ? 17  A   A C2    1 
ATOM   355 N N3    . A   A 1 17 ? 2.399   -23.190 1.922   1.00 49.60 ? 17  A   A N3    1 
ATOM   356 C C4    . A   A 1 17 ? 3.378   -23.488 1.051   1.00 47.70 ? 17  A   A C4    1 
ATOM   357 O "O5'" . U   B 1 1  ? -6.137  -18.185 -2.904  1.00 59.45 ? 1   U   B "O5'" 1 
ATOM   358 C "C5'" . U   B 1 1  ? -7.261  -18.307 -2.043  1.00 62.87 ? 1   U   B "C5'" 1 
ATOM   359 C "C4'" . U   B 1 1  ? -6.951  -19.169 -0.846  1.00 62.70 ? 1   U   B "C4'" 1 
ATOM   360 O "O4'" . U   B 1 1  ? -6.271  -20.374 -1.281  1.00 52.97 ? 1   U   B "O4'" 1 
ATOM   361 C "C3'" . U   B 1 1  ? -6.011  -18.568 0.188   1.00 63.54 ? 1   U   B "C3'" 1 
ATOM   362 O "O3'" . U   B 1 1  ? -6.678  -17.698 1.088   1.00 69.38 ? 1   U   B "O3'" 1 
ATOM   363 C "C2'" . U   B 1 1  ? -5.418  -19.799 0.861   1.00 61.56 ? 1   U   B "C2'" 1 
ATOM   364 O "O2'" . U   B 1 1  ? -6.329  -20.340 1.810   1.00 59.23 ? 1   U   B "O2'" 1 
ATOM   365 C "C1'" . U   B 1 1  ? -5.325  -20.774 -0.313  1.00 63.33 ? 1   U   B "C1'" 1 
ATOM   366 N N1    . U   B 1 1  ? -3.984  -20.814 -0.949  1.00 59.35 ? 1   U   B N1    1 
ATOM   367 C C2    . U   B 1 1  ? -2.956  -21.496 -0.321  1.00 56.40 ? 1   U   B C2    1 
ATOM   368 O O2    . U   B 1 1  ? -3.084  -22.053 0.754   1.00 57.93 ? 1   U   B O2    1 
ATOM   369 N N3    . U   B 1 1  ? -1.762  -21.506 -0.998  1.00 48.47 ? 1   U   B N3    1 
ATOM   370 C C4    . U   B 1 1  ? -1.498  -20.919 -2.218  1.00 46.72 ? 1   U   B C4    1 
ATOM   371 O O4    . U   B 1 1  ? -0.375  -21.004 -2.718  1.00 45.11 ? 1   U   B O4    1 
ATOM   372 C C5    . U   B 1 1  ? -2.610  -20.240 -2.803  1.00 50.28 ? 1   U   B C5    1 
ATOM   373 C C6    . U   B 1 1  ? -3.783  -20.217 -2.170  1.00 48.94 ? 1   U   B C6    1 
ATOM   374 P P     . U   B 1 2  ? -5.887  -16.491 1.796   1.00 79.60 ? 2   U   B P     1 
ATOM   375 O OP1   . U   B 1 2  ? -6.797  -15.856 2.786   1.00 80.93 ? 2   U   B OP1   1 
ATOM   376 O OP2   . U   B 1 2  ? -5.294  -15.644 0.733   1.00 76.77 ? 2   U   B OP2   1 
ATOM   377 O "O5'" . U   B 1 2  ? -4.704  -17.222 2.575   1.00 58.25 ? 2   U   B "O5'" 1 
ATOM   378 C "C5'" . U   B 1 2  ? -4.932  -17.878 3.815   1.00 53.07 ? 2   U   B "C5'" 1 
ATOM   379 C "C4'" . U   B 1 2  ? -3.674  -18.539 4.314   1.00 52.36 ? 2   U   B "C4'" 1 
ATOM   380 O "O4'" . U   B 1 2  ? -3.177  -19.445 3.295   1.00 60.77 ? 2   U   B "O4'" 1 
ATOM   381 C "C3'" . U   B 1 2  ? -2.500  -17.610 4.597   1.00 49.86 ? 2   U   B "C3'" 1 
ATOM   382 O "O3'" . U   B 1 2  ? -2.568  -17.022 5.889   1.00 51.14 ? 2   U   B "O3'" 1 
ATOM   383 C "C2'" . U   B 1 2  ? -1.293  -18.524 4.413   1.00 61.64 ? 2   U   B "C2'" 1 
ATOM   384 O "O2'" . U   B 1 2  ? -1.085  -19.318 5.574   1.00 50.73 ? 2   U   B "O2'" 1 
ATOM   385 C "C1'" . U   B 1 2  ? -1.766  -19.443 3.286   1.00 58.90 ? 2   U   B "C1'" 1 
ATOM   386 N N1    . U   B 1 2  ? -1.295  -19.023 1.940   1.00 47.46 ? 2   U   B N1    1 
ATOM   387 C C2    . U   B 1 2  ? -0.012  -19.395 1.563   1.00 51.57 ? 2   U   B C2    1 
ATOM   388 O O2    . U   B 1 2  ? 0.735   -20.015 2.303   1.00 49.46 ? 2   U   B O2    1 
ATOM   389 N N3    . U   B 1 2  ? 0.369   -19.000 0.299   1.00 44.27 ? 2   U   B N3    1 
ATOM   390 C C4    . U   B 1 2  ? -0.388  -18.288 -0.614  1.00 65.23 ? 2   U   B C4    1 
ATOM   391 O O4    . U   B 1 2  ? 0.086   -18.008 -1.721  1.00 42.32 ? 2   U   B O4    1 
ATOM   392 C C5    . U   B 1 2  ? -1.703  -17.948 -0.152  1.00 45.43 ? 2   U   B C5    1 
ATOM   393 C C6    . U   B 1 2  ? -2.106  -18.321 1.071   1.00 47.13 ? 2   U   B C6    1 
ATOM   394 P P     . C   B 1 3  ? -1.828  -15.627 6.226   1.00 60.49 ? 3   C   B P     1 
ATOM   395 O OP1   . C   B 1 3  ? -2.170  -15.273 7.627   1.00 61.13 ? 3   C   B OP1   1 
ATOM   396 O OP2   . C   B 1 3  ? -2.116  -14.646 5.152   1.00 57.09 ? 3   C   B OP2   1 
ATOM   397 O "O5'" . C   B 1 3  ? -0.276  -15.986 6.204   1.00 46.92 ? 3   C   B "O5'" 1 
ATOM   398 C "C5'" . C   B 1 3  ? 0.267   -16.915 7.132   1.00 54.00 ? 3   C   B "C5'" 1 
ATOM   399 C "C4'" . C   B 1 3  ? 1.741   -17.111 6.907   1.00 50.90 ? 3   C   B "C4'" 1 
ATOM   400 O "O4'" . C   B 1 3  ? 1.958   -17.881 5.699   1.00 52.05 ? 3   C   B "O4'" 1 
ATOM   401 C "C3'" . C   B 1 3  ? 2.528   -15.833 6.687   1.00 49.33 ? 3   C   B "C3'" 1 
ATOM   402 O "O3'" . C   B 1 3  ? 2.872   -15.213 7.913   1.00 49.24 ? 3   C   B "O3'" 1 
ATOM   403 C "C2'" . C   B 1 3  ? 3.728   -16.307 5.875   1.00 49.10 ? 3   C   B "C2'" 1 
ATOM   404 O "O2'" . C   B 1 3  ? 4.707   -16.891 6.721   1.00 42.35 ? 3   C   B "O2'" 1 
ATOM   405 C "C1'" . C   B 1 3  ? 3.104   -17.414 5.025   1.00 48.67 ? 3   C   B "C1'" 1 
ATOM   406 N N1    . C   B 1 3  ? 2.695   -16.959 3.676   1.00 44.79 ? 3   C   B N1    1 
ATOM   407 C C2    . C   B 1 3  ? 3.625   -17.005 2.637   1.00 45.48 ? 3   C   B C2    1 
ATOM   408 O O2    . C   B 1 3  ? 4.772   -17.398 2.879   1.00 47.22 ? 3   C   B O2    1 
ATOM   409 N N3    . C   B 1 3  ? 3.258   -16.612 1.396   1.00 43.29 ? 3   C   B N3    1 
ATOM   410 C C4    . C   B 1 3  ? 2.015   -16.193 1.175   1.00 43.99 ? 3   C   B C4    1 
ATOM   411 N N4    . C   B 1 3  ? 1.702   -15.822 -0.065  1.00 42.56 ? 3   C   B N4    1 
ATOM   412 C C5    . C   B 1 3  ? 1.040   -16.143 2.214   1.00 45.11 ? 3   C   B C5    1 
ATOM   413 C C6    . C   B 1 3  ? 1.420   -16.535 3.436   1.00 44.52 ? 3   C   B C6    1 
ATOM   414 P P     . G   B 1 4  ? 3.064   -13.622 8.008   1.00 70.34 ? 4   G   B P     1 
ATOM   415 O OP1   . G   B 1 4  ? 2.891   -13.223 9.430   1.00 73.90 ? 4   G   B OP1   1 
ATOM   416 O OP2   . G   B 1 4  ? 2.287   -12.959 6.928   1.00 63.62 ? 4   G   B OP2   1 
ATOM   417 O "O5'" . G   B 1 4  ? 4.588   -13.419 7.637   1.00 39.99 ? 4   G   B "O5'" 1 
ATOM   418 C "C5'" . G   B 1 4  ? 4.925   -13.004 6.335   1.00 46.42 ? 4   G   B "C5'" 1 
ATOM   419 C "C4'" . G   B 1 4  ? 6.379   -13.206 6.029   1.00 45.64 ? 4   G   B "C4'" 1 
ATOM   420 O "O4'" . G   B 1 4  ? 6.510   -14.316 5.104   1.00 45.75 ? 4   G   B "O4'" 1 
ATOM   421 C "C3'" . G   B 1 4  ? 6.990   -12.010 5.319   1.00 34.56 ? 4   G   B "C3'" 1 
ATOM   422 O "O3'" . G   B 1 4  ? 7.591   -11.131 6.243   1.00 34.08 ? 4   G   B "O3'" 1 
ATOM   423 C "C2'" . G   B 1 4  ? 7.954   -12.627 4.312   1.00 40.18 ? 4   G   B "C2'" 1 
ATOM   424 O "O2'" . G   B 1 4  ? 9.196   -12.943 4.924   1.00 39.15 ? 4   G   B "O2'" 1 
ATOM   425 C "C1'" . G   B 1 4  ? 7.235   -13.925 3.966   1.00 43.29 ? 4   G   B "C1'" 1 
ATOM   426 N N9    . G   B 1 4  ? 6.250   -13.760 2.880   1.00 34.95 ? 4   G   B N9    1 
ATOM   427 C C8    . G   B 1 4  ? 4.886   -13.745 3.053   1.00 43.53 ? 4   G   B C8    1 
ATOM   428 N N7    . G   B 1 4  ? 4.219   -13.597 1.949   1.00 36.24 ? 4   G   B N7    1 
ATOM   429 C C5    . G   B 1 4  ? 5.200   -13.528 0.980   1.00 34.52 ? 4   G   B C5    1 
ATOM   430 C C6    . G   B 1 4  ? 5.074   -13.374 -0.415  1.00 36.92 ? 4   G   B C6    1 
ATOM   431 O O6    . G   B 1 4  ? 4.035   -13.265 -1.067  1.00 34.24 ? 4   G   B O6    1 
ATOM   432 N N1    . G   B 1 4  ? 6.313   -13.341 -1.043  1.00 31.98 ? 4   G   B N1    1 
ATOM   433 C C2    . G   B 1 4  ? 7.517   -13.446 -0.393  1.00 31.28 ? 4   G   B C2    1 
ATOM   434 N N2    . G   B 1 4  ? 8.614   -13.396 -1.154  1.00 29.73 ? 4   G   B N2    1 
ATOM   435 N N3    . G   B 1 4  ? 7.648   -13.597 0.912   1.00 32.11 ? 4   G   B N3    1 
ATOM   436 C C4    . G   B 1 4  ? 6.458   -13.628 1.532   1.00 33.70 ? 4   G   B C4    1 
ATOM   437 P P     . G   B 1 5  ? 7.101   -9.610  6.359   1.00 44.14 ? 5   G   B P     1 
ATOM   438 O OP1   . G   B 1 5  ? 7.671   -9.070  7.620   1.00 45.38 ? 5   G   B OP1   1 
ATOM   439 O OP2   . G   B 1 5  ? 5.642   -9.514  6.078   1.00 40.77 ? 5   G   B OP2   1 
ATOM   440 O "O5'" . G   B 1 5  ? 7.889   -8.893  5.190   1.00 32.01 ? 5   G   B "O5'" 1 
ATOM   441 C "C5'" . G   B 1 5  ? 7.244   -8.553  3.986   1.00 30.71 ? 5   G   B "C5'" 1 
ATOM   442 C "C4'" . G   B 1 5  ? 8.172   -8.737  2.821   1.00 48.61 ? 5   G   B "C4'" 1 
ATOM   443 O "O4'" . G   B 1 5  ? 7.928   -10.034 2.203   1.00 48.38 ? 5   G   B "O4'" 1 
ATOM   444 C "C3'" . G   B 1 5  ? 7.972   -7.737  1.700   1.00 28.01 ? 5   G   B "C3'" 1 
ATOM   445 O "O3'" . G   B 1 5  ? 8.664   -6.522  1.930   1.00 26.74 ? 5   G   B "O3'" 1 
ATOM   446 C "C2'" . G   B 1 5  ? 8.429   -8.514  0.474   1.00 37.79 ? 5   G   B "C2'" 1 
ATOM   447 O "O2'" . G   B 1 5  ? 9.844   -8.592  0.426   1.00 36.71 ? 5   G   B "O2'" 1 
ATOM   448 C "C1'" . G   B 1 5  ? 7.900   -9.902  0.806   1.00 29.01 ? 5   G   B "C1'" 1 
ATOM   449 N N9    . G   B 1 5  ? 6.500   -10.054 0.392   1.00 32.27 ? 5   G   B N9    1 
ATOM   450 C C8    . G   B 1 5  ? 5.408   -10.184 1.208   1.00 31.87 ? 5   G   B C8    1 
ATOM   451 N N7    . G   B 1 5  ? 4.290   -10.304 0.543   1.00 32.68 ? 5   G   B N7    1 
ATOM   452 C C5    . G   B 1 5  ? 4.680   -10.247 -0.788  1.00 31.46 ? 5   G   B C5    1 
ATOM   453 C C6    . G   B 1 5  ? 3.918   -10.328 -1.982  1.00 31.64 ? 5   G   B C6    1 
ATOM   454 O O6    . G   B 1 5  ? 2.701   -10.470 -2.109  1.00 32.96 ? 5   G   B O6    1 
ATOM   455 N N1    . G   B 1 5  ? 4.722   -10.227 -3.108  1.00 30.16 ? 5   G   B N1    1 
ATOM   456 C C2    . G   B 1 5  ? 6.084   -10.068 -3.094  1.00 28.69 ? 5   G   B C2    1 
ATOM   457 N N2    . G   B 1 5  ? 6.689   -9.990  -4.282  1.00 36.24 ? 5   G   B N2    1 
ATOM   458 N N3    . G   B 1 5  ? 6.811   -9.998  -1.994  1.00 31.66 ? 5   G   B N3    1 
ATOM   459 C C4    . G   B 1 5  ? 6.045   -10.095 -0.892  1.00 33.52 ? 5   G   B C4    1 
ATOM   460 P P     . U   B 1 6  ? 7.947   -5.120  1.629   1.00 27.38 ? 6   U   B P     1 
ATOM   461 O OP1   . U   B 1 6  ? 8.758   -4.025  2.217   1.00 27.96 ? 6   U   B OP1   1 
ATOM   462 O OP2   . U   B 1 6  ? 6.501   -5.222  1.946   1.00 31.88 ? 6   U   B OP2   1 
ATOM   463 O "O5'" . U   B 1 6  ? 8.045   -5.015  0.046   1.00 35.40 ? 6   U   B "O5'" 1 
ATOM   464 C "C5'" . U   B 1 6  ? 9.302   -5.102  -0.603  1.00 23.92 ? 6   U   B "C5'" 1 
ATOM   465 C "C4'" . U   B 1 6  ? 9.132   -5.031  -2.093  1.00 33.66 ? 6   U   B "C4'" 1 
ATOM   466 O "O4'" . U   B 1 6  ? 8.506   -6.252  -2.564  1.00 24.29 ? 6   U   B "O4'" 1 
ATOM   467 C "C3'" . U   B 1 6  ? 8.207   -3.936  -2.602  1.00 34.79 ? 6   U   B "C3'" 1 
ATOM   468 O "O3'" . U   B 1 6  ? 8.807   -2.649  -2.646  1.00 22.12 ? 6   U   B "O3'" 1 
ATOM   469 C "C2'" . U   B 1 6  ? 7.796   -4.470  -3.965  1.00 23.35 ? 6   U   B "C2'" 1 
ATOM   470 O "O2'" . U   B 1 6  ? 8.836   -4.270  -4.908  1.00 28.72 ? 6   U   B "O2'" 1 
ATOM   471 C "C1'" . U   B 1 6  ? 7.693   -5.966  -3.685  1.00 24.36 ? 6   U   B "C1'" 1 
ATOM   472 N N1    . U   B 1 6  ? 6.302   -6.398  -3.416  1.00 26.79 ? 6   U   B N1    1 
ATOM   473 C C2    . U   B 1 6  ? 5.500   -6.574  -4.535  1.00 31.77 ? 6   U   B C2    1 
ATOM   474 O O2    . U   B 1 6  ? 5.888   -6.383  -5.675  1.00 35.76 ? 6   U   B O2    1 
ATOM   475 N N3    . U   B 1 6  ? 4.214   -6.974  -4.282  1.00 28.05 ? 6   U   B N3    1 
ATOM   476 C C4    . U   B 1 6  ? 3.664   -7.223  -3.046  1.00 29.32 ? 6   U   B C4    1 
ATOM   477 O O4    . U   B 1 6  ? 2.489   -7.585  -2.999  1.00 30.80 ? 6   U   B O4    1 
ATOM   478 C C5    . U   B 1 6  ? 4.549   -7.022  -1.932  1.00 28.84 ? 6   U   B C5    1 
ATOM   479 C C6    . U   B 1 6  ? 5.810   -6.624  -2.146  1.00 27.87 ? 6   U   B C6    1 
ATOM   480 P P     . U   B 1 7  ? 7.921   -1.339  -2.359  1.00 29.74 ? 7   U   B P     1 
ATOM   481 O OP1   . U   B 1 7  ? 8.798   -0.161  -2.156  1.00 31.44 ? 7   U   B OP1   1 
ATOM   482 O OP2   . U   B 1 7  ? 6.943   -1.713  -1.309  1.00 31.42 ? 7   U   B OP2   1 
ATOM   483 O "O5'" . U   B 1 7  ? 7.075   -1.125  -3.692  1.00 26.43 ? 7   U   B "O5'" 1 
ATOM   484 C "C5'" . U   B 1 7  ? 7.685   -1.073  -4.974  1.00 27.82 ? 7   U   B "C5'" 1 
ATOM   485 C "C4'" . U   B 1 7  ? 6.690   -1.364  -6.080  1.00 26.12 ? 7   U   B "C4'" 1 
ATOM   486 O "O4'" . U   B 1 7  ? 6.279   -2.761  -6.026  1.00 25.09 ? 7   U   B "O4'" 1 
ATOM   487 C "C3'" . U   B 1 7  ? 5.374   -0.601  -6.031  1.00 24.58 ? 7   U   B "C3'" 1 
ATOM   488 O "O3'" . U   B 1 7  ? 5.452   0.727   -6.515  1.00 33.31 ? 7   U   B "O3'" 1 
ATOM   489 C "C2'" . U   B 1 7  ? 4.456   -1.494  -6.846  1.00 29.65 ? 7   U   B "C2'" 1 
ATOM   490 O "O2'" . U   B 1 7  ? 4.748   -1.384  -8.228  1.00 30.29 ? 7   U   B "O2'" 1 
ATOM   491 C "C1'" . U   B 1 7  ? 4.914   -2.871  -6.384  1.00 30.61 ? 7   U   B "C1'" 1 
ATOM   492 N N1    . U   B 1 7  ? 4.130   -3.325  -5.209  1.00 35.72 ? 7   U   B N1    1 
ATOM   493 C C2    . U   B 1 7  ? 2.844   -3.777  -5.463  1.00 36.57 ? 7   U   B C2    1 
ATOM   494 O O2    . U   B 1 7  ? 2.377   -3.833  -6.581  1.00 36.51 ? 7   U   B O2    1 
ATOM   495 N N3    . U   B 1 7  ? 2.127   -4.183  -4.366  1.00 37.41 ? 7   U   B N3    1 
ATOM   496 C C4    . U   B 1 7  ? 2.549   -4.171  -3.055  1.00 28.71 ? 7   U   B C4    1 
ATOM   497 O O4    . U   B 1 7  ? 1.785   -4.571  -2.174  1.00 30.13 ? 7   U   B O4    1 
ATOM   498 C C5    . U   B 1 7  ? 3.879   -3.675  -2.867  1.00 27.17 ? 7   U   B C5    1 
ATOM   499 C C6    . U   B 1 7  ? 4.601   -3.276  -3.916  1.00 25.81 ? 7   U   B C6    1 
ATOM   500 P P     . U   B 1 8  ? 4.562   1.883   -5.838  1.00 43.53 ? 8   U   B P     1 
ATOM   501 O OP1   . U   B 1 8  ? 4.942   3.162   -6.485  1.00 47.42 ? 8   U   B OP1   1 
ATOM   502 O OP2   . U   B 1 8  ? 4.625   1.786   -4.357  1.00 43.48 ? 8   U   B OP2   1 
ATOM   503 O "O5'" . U   B 1 8  ? 3.065   1.508   -6.235  1.00 36.49 ? 8   U   B "O5'" 1 
ATOM   504 C "C5'" . U   B 1 8  ? 2.628   1.570   -7.584  1.00 35.78 ? 8   U   B "C5'" 1 
ATOM   505 C "C4'" . U   B 1 8  ? 1.231   1.027   -7.734  1.00 35.86 ? 8   U   B "C4'" 1 
ATOM   506 O "O4'" . U   B 1 8  ? 1.197   -0.365  -7.312  1.00 34.31 ? 8   U   B "O4'" 1 
ATOM   507 C "C3'" . U   B 1 8  ? 0.165   1.688   -6.880  1.00 41.38 ? 8   U   B "C3'" 1 
ATOM   508 O "O3'" . U   B 1 8  ? -0.280  2.940   -7.380  1.00 46.57 ? 8   U   B "O3'" 1 
ATOM   509 C "C2'" . U   B 1 8  ? -0.910  0.611   -6.823  1.00 39.07 ? 8   U   B "C2'" 1 
ATOM   510 O "O2'" . U   B 1 8  ? -1.639  0.543   -8.038  1.00 39.60 ? 8   U   B "O2'" 1 
ATOM   511 C "C1'" . U   B 1 8  ? -0.051  -0.647  -6.708  1.00 35.54 ? 8   U   B "C1'" 1 
ATOM   512 N N1    . U   B 1 8  ? 0.163   -0.990  -5.287  1.00 30.36 ? 8   U   B N1    1 
ATOM   513 C C2    . U   B 1 8  ? -0.897  -1.628  -4.667  1.00 30.52 ? 8   U   B C2    1 
ATOM   514 O O2    . U   B 1 8  ? -1.928  -1.918  -5.249  1.00 31.62 ? 8   U   B O2    1 
ATOM   515 N N3    . U   B 1 8  ? -0.698  -1.924  -3.343  1.00 30.94 ? 8   U   B N3    1 
ATOM   516 C C4    . U   B 1 8  ? 0.422   -1.629  -2.594  1.00 29.86 ? 8   U   B C4    1 
ATOM   517 O O4    . U   B 1 8  ? 0.439   -1.955  -1.410  1.00 30.51 ? 8   U   B O4    1 
ATOM   518 C C5    . U   B 1 8  ? 1.476   -0.958  -3.306  1.00 28.13 ? 8   U   B C5    1 
ATOM   519 C C6    . U   B 1 8  ? 1.311   -0.663  -4.601  1.00 27.70 ? 8   U   B C6    1 
ATOM   520 P P     . U   B 1 9  ? -1.190  3.904   -6.467  1.00 44.90 ? 9   U   B P     1 
ATOM   521 O OP1   . U   B 1 9  ? -0.850  5.306   -6.799  1.00 49.56 ? 9   U   B OP1   1 
ATOM   522 O OP2   . U   B 1 9  ? -1.148  3.480   -5.045  1.00 45.95 ? 9   U   B OP2   1 
ATOM   523 O "O5'" . U   B 1 9  ? -2.651  3.608   -7.008  1.00 33.28 ? 9   U   B "O5'" 1 
ATOM   524 C "C5'" . U   B 1 9  ? -2.895  3.496   -8.399  1.00 25.53 ? 9   U   B "C5'" 1 
ATOM   525 C "C4'" . U   B 1 9  ? -4.332  3.142   -8.657  1.00 22.18 ? 9   U   B "C4'" 1 
ATOM   526 O "O4'" . U   B 1 9  ? -4.550  1.729   -8.394  1.00 28.76 ? 9   U   B "O4'" 1 
ATOM   527 C "C3'" . U   B 1 9  ? -5.333  3.832   -7.753  1.00 23.69 ? 9   U   B "C3'" 1 
ATOM   528 O "O3'" . U   B 1 9  ? -5.612  5.169   -8.110  1.00 32.64 ? 9   U   B "O3'" 1 
ATOM   529 C "C2'" . U   B 1 9  ? -6.525  2.898   -7.829  1.00 24.64 ? 9   U   B "C2'" 1 
ATOM   530 O "O2'" . U   B 1 9  ? -7.183  3.024   -9.082  1.00 24.62 ? 9   U   B "O2'" 1 
ATOM   531 C "C1'" . U   B 1 9  ? -5.817  1.549   -7.786  1.00 31.62 ? 9   U   B "C1'" 1 
ATOM   532 N N1    . U   B 1 9  ? -5.620  1.106   -6.384  1.00 33.67 ? 9   U   B N1    1 
ATOM   533 C C2    . U   B 1 9  ? -6.744  0.642   -5.729  1.00 32.42 ? 9   U   B C2    1 
ATOM   534 O O2    . U   B 1 9  ? -7.838  0.576   -6.265  1.00 34.43 ? 9   U   B O2    1 
ATOM   535 N N3    . U   B 1 9  ? -6.545  0.244   -4.431  1.00 28.24 ? 9   U   B N3    1 
ATOM   536 C C4    . U   B 1 9  ? -5.359  0.264   -3.731  1.00 25.49 ? 9   U   B C4    1 
ATOM   537 O O4    . U   B 1 9  ? -5.361  -0.131  -2.573  1.00 26.11 ? 9   U   B O4    1 
ATOM   538 C C5    . U   B 1 9  ? -4.232  0.766   -4.460  1.00 24.11 ? 9   U   B C5    1 
ATOM   539 C C6    . U   B 1 9  ? -4.401  1.163   -5.731  1.00 36.29 ? 9   U   B C6    1 
ATOM   540 P P     . G   B 1 10 ? -5.888  6.242   -6.950  1.00 49.93 ? 10  G   B P     1 
ATOM   541 O OP1   . G   B 1 10 ? -6.276  7.520   -7.577  1.00 51.43 ? 10  G   B OP1   1 
ATOM   542 O OP2   . G   B 1 10 ? -4.741  6.218   -6.011  1.00 52.64 ? 10  G   B OP2   1 
ATOM   543 O "O5'" . G   B 1 10 ? -7.159  5.658   -6.192  1.00 27.38 ? 10  G   B "O5'" 1 
ATOM   544 C "C5'" . G   B 1 10 ? -8.423  5.647   -6.828  1.00 29.87 ? 10  G   B "C5'" 1 
ATOM   545 C "C4'" . G   B 1 10 ? -9.474  4.998   -5.972  1.00 33.63 ? 10  G   B "C4'" 1 
ATOM   546 O "O4'" . G   B 1 10 ? -9.046  3.670   -5.579  1.00 35.59 ? 10  G   B "O4'" 1 
ATOM   547 C "C3'" . G   B 1 10 ? -9.785  5.688   -4.654  1.00 33.58 ? 10  G   B "C3'" 1 
ATOM   548 O "O3'" . G   B 1 10 ? -10.663 6.785   -4.810  1.00 30.95 ? 10  G   B "O3'" 1 
ATOM   549 C "C2'" . G   B 1 10 ? -10.384 4.558   -3.836  1.00 30.84 ? 10  G   B "C2'" 1 
ATOM   550 O "O2'" . G   B 1 10 ? -11.721 4.318   -4.240  1.00 31.88 ? 10  G   B "O2'" 1 
ATOM   551 C "C1'" . G   B 1 10 ? -9.526  3.377   -4.285  1.00 29.54 ? 10  G   B "C1'" 1 
ATOM   552 N N9    . G   B 1 10 ? -8.371  3.174   -3.395  1.00 31.34 ? 10  G   B N9    1 
ATOM   553 C C8    . G   B 1 10 ? -7.067  3.552   -3.622  1.00 33.74 ? 10  G   B C8    1 
ATOM   554 N N7    . G   B 1 10 ? -6.263  3.241   -2.647  1.00 27.37 ? 10  G   B N7    1 
ATOM   555 C C5    . G   B 1 10 ? -7.086  2.618   -1.721  1.00 28.60 ? 10  G   B C5    1 
ATOM   556 C C6    . G   B 1 10 ? -6.777  2.062   -0.452  1.00 29.00 ? 10  G   B C6    1 
ATOM   557 O O6    . G   B 1 10 ? -5.679  2.006   0.121   1.00 28.33 ? 10  G   B O6    1 
ATOM   558 N N1    . G   B 1 10 ? -7.910  1.539   0.155   1.00 30.36 ? 10  G   B N1    1 
ATOM   559 C C2    . G   B 1 10 ? -9.176  1.539   -0.377  1.00 31.22 ? 10  G   B C2    1 
ATOM   560 N N2    . G   B 1 10 ? -10.139 0.982   0.377   1.00 32.51 ? 10  G   B N2    1 
ATOM   561 N N3    . G   B 1 10 ? -9.479  2.057   -1.553  1.00 30.88 ? 10  G   B N3    1 
ATOM   562 C C4    . G   B 1 10 ? -8.391  2.574   -2.162  1.00 29.56 ? 10  G   B C4    1 
ATOM   563 P P     . A   B 1 11 ? -10.576 8.048   -3.827  1.00 33.70 ? 11  A   B P     1 
ATOM   564 O OP1   . A   B 1 11 ? -11.698 8.951   -4.182  1.00 37.11 ? 11  A   B OP1   1 
ATOM   565 O OP2   . A   B 1 11 ? -9.163  8.513   -3.866  1.00 33.07 ? 11  A   B OP2   1 
ATOM   566 O "O5'" . A   B 1 11 ? -10.891 7.474   -2.369  1.00 37.75 ? 11  A   B "O5'" 1 
ATOM   567 C "C5'" . A   B 1 11 ? -12.225 7.215   -1.952  1.00 34.27 ? 11  A   B "C5'" 1 
ATOM   568 C "C4'" . A   B 1 11 ? -12.285 6.499   -0.620  1.00 41.43 ? 11  A   B "C4'" 1 
ATOM   569 O "O4'" . A   B 1 11 ? -11.504 5.273   -0.677  1.00 39.75 ? 11  A   B "O4'" 1 
ATOM   570 C "C3'" . A   B 1 11 ? -11.712 7.242   0.580   1.00 35.32 ? 11  A   B "C3'" 1 
ATOM   571 O "O3'" . A   B 1 11 ? -12.606 8.192   1.135   1.00 44.10 ? 11  A   B "O3'" 1 
ATOM   572 C "C2'" . A   B 1 11 ? -11.377 6.108   1.531   1.00 35.36 ? 11  A   B "C2'" 1 
ATOM   573 O "O2'" . A   B 1 11 ? -12.559 5.616   2.142   1.00 48.76 ? 11  A   B "O2'" 1 
ATOM   574 C "C1'" . A   B 1 11 ? -10.863 5.051   0.560   1.00 34.04 ? 11  A   B "C1'" 1 
ATOM   575 N N9    . A   B 1 11 ? -9.410  5.184   0.356   1.00 32.52 ? 11  A   B N9    1 
ATOM   576 C C8    . A   B 1 11 ? -8.766  5.753   -0.711  1.00 31.33 ? 11  A   B C8    1 
ATOM   577 N N7    . A   B 1 11 ? -7.463  5.747   -0.605  1.00 30.13 ? 11  A   B N7    1 
ATOM   578 C C5    . A   B 1 11 ? -7.227  5.135   0.614   1.00 30.56 ? 11  A   B C5    1 
ATOM   579 C C6    . A   B 1 11 ? -6.040  4.822   1.303   1.00 30.77 ? 11  A   B C6    1 
ATOM   580 N N6    . A   B 1 11 ? -4.819  5.088   0.837   1.00 28.42 ? 11  A   B N6    1 
ATOM   581 N N1    . A   B 1 11 ? -6.150  4.212   2.503   1.00 31.34 ? 11  A   B N1    1 
ATOM   582 C C2    . A   B 1 11 ? -7.376  3.935   2.966   1.00 32.02 ? 11  A   B C2    1 
ATOM   583 N N3    . A   B 1 11 ? -8.559  4.178   2.411   1.00 32.83 ? 11  A   B N3    1 
ATOM   584 C C4    . A   B 1 11 ? -8.418  4.785   1.219   1.00 32.03 ? 11  A   B C4    1 
ATOM   585 P P     . U   B 1 12 ? -12.046 9.575   1.742   1.00 44.05 ? 12  U   B P     1 
ATOM   586 O OP1   . U   B 1 12 ? -13.202 10.398  2.181   1.00 44.51 ? 12  U   B OP1   1 
ATOM   587 O OP2   . U   B 1 12 ? -11.068 10.133  0.777   1.00 42.94 ? 12  U   B OP2   1 
ATOM   588 O "O5'" . U   B 1 12 ? -11.234 9.131   3.042   1.00 39.11 ? 12  U   B "O5'" 1 
ATOM   589 C "C5'" . U   B 1 12 ? -11.869 8.375   4.063   1.00 37.96 ? 12  U   B "C5'" 1 
ATOM   590 C "C4'" . U   B 1 12 ? -10.875 7.833   5.058   1.00 42.22 ? 12  U   B "C4'" 1 
ATOM   591 O "O4'" . U   B 1 12 ? -9.961  6.907   4.410   1.00 36.00 ? 12  U   B "O4'" 1 
ATOM   592 C "C3'" . U   B 1 12 ? -9.964  8.861   5.704   1.00 42.61 ? 12  U   B "C3'" 1 
ATOM   593 O "O3'" . U   B 1 12 ? -10.600 9.563   6.761   1.00 46.41 ? 12  U   B "O3'" 1 
ATOM   594 C "C2'" . U   B 1 12 ? -8.779  8.013   6.147   1.00 36.22 ? 12  U   B "C2'" 1 
ATOM   595 O "O2'" . U   B 1 12 ? -9.098  7.287   7.324   1.00 37.22 ? 12  U   B "O2'" 1 
ATOM   596 C "C1'" . U   B 1 12 ? -8.678  7.014   4.993   1.00 39.75 ? 12  U   B "C1'" 1 
ATOM   597 N N1    . U   B 1 12 ? -7.712  7.438   3.945   1.00 34.95 ? 12  U   B N1    1 
ATOM   598 C C2    . U   B 1 12 ? -6.359  7.192   4.130   1.00 34.70 ? 12  U   B C2    1 
ATOM   599 O O2    . U   B 1 12 ? -5.914  6.643   5.124   1.00 36.95 ? 12  U   B O2    1 
ATOM   600 N N3    . U   B 1 12 ? -5.539  7.603   3.106   1.00 30.96 ? 12  U   B N3    1 
ATOM   601 C C4    . U   B 1 12 ? -5.937  8.226   1.938   1.00 36.99 ? 12  U   B C4    1 
ATOM   602 O O4    . U   B 1 12 ? -5.107  8.549   1.087   1.00 32.56 ? 12  U   B O4    1 
ATOM   603 C C5    . U   B 1 12 ? -7.345  8.446   1.822   1.00 36.95 ? 12  U   B C5    1 
ATOM   604 C C6    . U   B 1 12 ? -8.157  8.049   2.799   1.00 33.36 ? 12  U   B C6    1 
ATOM   605 P P     . C   B 1 13 ? -10.285 11.120  7.012   1.00 56.51 ? 13  C   B P     1 
ATOM   606 O OP1   . C   B 1 13 ? -11.397 11.676  7.823   1.00 60.48 ? 13  C   B OP1   1 
ATOM   607 O OP2   . C   B 1 13 ? -9.926  11.756  5.716   1.00 51.19 ? 13  C   B OP2   1 
ATOM   608 O "O5'" . C   B 1 13 ? -8.963  11.117  7.903   1.00 45.27 ? 13  C   B "O5'" 1 
ATOM   609 C "C5'" . C   B 1 13 ? -8.904  10.431  9.146   1.00 46.19 ? 13  C   B "C5'" 1 
ATOM   610 C "C4'" . C   B 1 13 ? -7.477  10.133  9.535   1.00 45.19 ? 13  C   B "C4'" 1 
ATOM   611 O "O4'" . C   B 1 13 ? -6.905  9.199   8.578   1.00 45.18 ? 13  C   B "O4'" 1 
ATOM   612 C "C3'" . C   B 1 13 ? -6.517  11.315  9.510   1.00 43.00 ? 13  C   B "C3'" 1 
ATOM   613 O "O3'" . C   B 1 13 ? -6.578  12.122  10.675  1.00 44.44 ? 13  C   B "O3'" 1 
ATOM   614 C "C2'" . C   B 1 13 ? -5.168  10.641  9.312   1.00 44.01 ? 13  C   B "C2'" 1 
ATOM   615 O "O2'" . C   B 1 13 ? -4.701  10.086  10.533  1.00 44.80 ? 13  C   B "O2'" 1 
ATOM   616 C "C1'" . C   B 1 13 ? -5.539  9.495   8.372   1.00 43.16 ? 13  C   B "C1'" 1 
ATOM   617 N N1    . C   B 1 13 ? -5.331  9.856   6.948   1.00 40.93 ? 13  C   B N1    1 
ATOM   618 C C2    . C   B 1 13 ? -4.043  9.692   6.415   1.00 40.07 ? 13  C   B C2    1 
ATOM   619 O O2    . C   B 1 13 ? -3.148  9.251   7.154   1.00 37.19 ? 13  C   B O2    1 
ATOM   620 N N3    . C   B 1 13 ? -3.807  10.011  5.119   1.00 31.04 ? 13  C   B N3    1 
ATOM   621 C C4    . C   B 1 13 ? -4.794  10.484  4.361   1.00 31.55 ? 13  C   B C4    1 
ATOM   622 N N4    . C   B 1 13 ? -4.509  10.781  3.090   1.00 30.47 ? 13  C   B N4    1 
ATOM   623 C C5    . C   B 1 13 ? -6.114  10.672  4.877   1.00 33.22 ? 13  C   B C5    1 
ATOM   624 C C6    . C   B 1 13 ? -6.337  10.351  6.160   1.00 34.26 ? 13  C   B C6    1 
ATOM   625 P P     . C   B 1 14 ? -6.134  13.672  10.621  1.00 55.72 ? 14  C   B P     1 
ATOM   626 O OP1   . C   B 1 14 ? -6.503  14.275  11.928  1.00 60.23 ? 14  C   B OP1   1 
ATOM   627 O OP2   . C   B 1 14 ? -6.629  14.280  9.359   1.00 47.97 ? 14  C   B OP2   1 
ATOM   628 O "O5'" . C   B 1 14 ? -4.545  13.635  10.510  1.00 39.02 ? 14  C   B "O5'" 1 
ATOM   629 C "C5'" . C   B 1 14 ? -3.745  13.057  11.530  1.00 39.31 ? 14  C   B "C5'" 1 
ATOM   630 C "C4'" . C   B 1 14 ? -2.314  12.874  11.077  1.00 39.58 ? 14  C   B "C4'" 1 
ATOM   631 O "O4'" . C   B 1 14 ? -2.260  12.006  9.914   1.00 33.32 ? 14  C   B "O4'" 1 
ATOM   632 C "C3'" . C   B 1 14 ? -1.583  14.122  10.618  1.00 33.54 ? 14  C   B "C3'" 1 
ATOM   633 O "O3'" . C   B 1 14 ? -1.145  14.948  11.683  1.00 48.65 ? 14  C   B "O3'" 1 
ATOM   634 C "C2'" . C   B 1 14 ? -0.453  13.541  9.772   1.00 37.60 ? 14  C   B "C2'" 1 
ATOM   635 O "O2'" . C   B 1 14 ? 0.579   13.017  10.595  1.00 36.04 ? 14  C   B "O2'" 1 
ATOM   636 C "C1'" . C   B 1 14 ? -1.158  12.364  9.102   1.00 31.73 ? 14  C   B "C1'" 1 
ATOM   637 N N1    . C   B 1 14 ? -1.634  12.697  7.741   1.00 31.24 ? 14  C   B N1    1 
ATOM   638 C C2    . C   B 1 14 ? -0.706  12.713  6.690   1.00 33.84 ? 14  C   B C2    1 
ATOM   639 O O2    . C   B 1 14 ? 0.483   12.454  6.924   1.00 34.20 ? 14  C   B O2    1 
ATOM   640 N N3    . C   B 1 14 ? -1.118  13.007  5.437   1.00 29.17 ? 14  C   B N3    1 
ATOM   641 C C4    . C   B 1 14 ? -2.400  13.285  5.215   1.00 30.71 ? 14  C   B C4    1 
ATOM   642 N N4    . C   B 1 14 ? -2.764  13.567  3.964   1.00 29.82 ? 14  C   B N4    1 
ATOM   643 C C5    . C   B 1 14 ? -3.370  13.278  6.263   1.00 32.57 ? 14  C   B C5    1 
ATOM   644 C C6    . C   B 1 14 ? -2.949  12.980  7.500   1.00 32.37 ? 14  C   B C6    1 
ATOM   645 P P     . G   B 1 15 ? -0.962  16.534  11.455  1.00 45.83 ? 15  G   B P     1 
ATOM   646 O OP1   . G   B 1 15 ? -0.682  17.127  12.788  1.00 46.18 ? 15  G   B OP1   1 
ATOM   647 O OP2   . G   B 1 15 ? -2.088  17.054  10.637  1.00 46.10 ? 15  G   B OP2   1 
ATOM   648 O "O5'" . G   B 1 15 ? 0.346   16.642  10.554  1.00 32.06 ? 15  G   B "O5'" 1 
ATOM   649 C "C5'" . G   B 1 15 ? 1.596   16.179  11.035  1.00 31.16 ? 15  G   B "C5'" 1 
ATOM   650 C "C4'" . G   B 1 15 ? 2.680   16.311  9.997   1.00 33.98 ? 15  G   B "C4'" 1 
ATOM   651 O "O4'" . G   B 1 15 ? 2.465   15.358  8.926   1.00 33.17 ? 15  G   B "O4'" 1 
ATOM   652 C "C3'" . G   B 1 15 ? 2.780   17.638  9.269   1.00 28.92 ? 15  G   B "C3'" 1 
ATOM   653 O "O3'" . G   B 1 15 ? 3.387   18.668  10.017  1.00 35.80 ? 15  G   B "O3'" 1 
ATOM   654 C "C2'" . G   B 1 15 ? 3.567   17.254  8.026   1.00 37.19 ? 15  G   B "C2'" 1 
ATOM   655 O "O2'" . G   B 1 15 ? 4.942   17.075  8.332   1.00 39.21 ? 15  G   B "O2'" 1 
ATOM   656 C "C1'" . G   B 1 15 ? 2.968   15.889  7.715   1.00 31.23 ? 15  G   B "C1'" 1 
ATOM   657 N N9    . G   B 1 15 ? 1.872   16.012  6.743   1.00 31.88 ? 15  G   B N9    1 
ATOM   658 C C8    . G   B 1 15 ? 0.513   16.007  6.956   1.00 29.14 ? 15  G   B C8    1 
ATOM   659 N N7    . G   B 1 15 ? -0.162  16.151  5.843   1.00 44.45 ? 15  G   B N7    1 
ATOM   660 C C5    . G   B 1 15 ? 0.811   16.273  4.855   1.00 27.41 ? 15  G   B C5    1 
ATOM   661 C C6    . G   B 1 15 ? 0.693   16.445  3.454   1.00 29.51 ? 15  G   B C6    1 
ATOM   662 O O6    . G   B 1 15 ? -0.337  16.533  2.781   1.00 27.14 ? 15  G   B O6    1 
ATOM   663 N N1    . G   B 1 15 ? 1.938   16.517  2.836   1.00 24.99 ? 15  G   B N1    1 
ATOM   664 C C2    . G   B 1 15 ? 3.145   16.426  3.485   1.00 26.43 ? 15  G   B C2    1 
ATOM   665 N N2    . G   B 1 15 ? 4.246   16.515  2.724   1.00 25.65 ? 15  G   B N2    1 
ATOM   666 N N3    . G   B 1 15 ? 3.266   16.251  4.790   1.00 26.88 ? 15  G   B N3    1 
ATOM   667 C C4    . G   B 1 15 ? 2.068   16.190  5.400   1.00 26.59 ? 15  G   B C4    1 
ATOM   668 P P     . G   B 1 16 ? 3.011   20.192  9.682   1.00 43.72 ? 16  G   B P     1 
ATOM   669 O OP1   . G   B 1 16 ? 3.557   21.054  10.766  1.00 37.84 ? 16  G   B OP1   1 
ATOM   670 O OP2   . G   B 1 16 ? 1.553   20.202  9.398   1.00 41.83 ? 16  G   B OP2   1 
ATOM   671 O "O5'" . G   B 1 16 ? 3.775   20.487  8.307   1.00 34.82 ? 16  G   B "O5'" 1 
ATOM   672 C "C5'" . G   B 1 16 ? 5.192   20.573  8.269   1.00 33.72 ? 16  G   B "C5'" 1 
ATOM   673 C "C4'" . G   B 1 16 ? 5.745   20.677  6.868   1.00 30.14 ? 16  G   B "C4'" 1 
ATOM   674 O "O4'" . G   B 1 16 ? 5.303   19.559  6.052   1.00 34.66 ? 16  G   B "O4'" 1 
ATOM   675 C "C3'" . G   B 1 16 ? 5.337   21.883  6.042   1.00 29.02 ? 16  G   B "C3'" 1 
ATOM   676 O "O3'" . G   B 1 16 ? 5.979   23.085  6.420   1.00 26.51 ? 16  G   B "O3'" 1 
ATOM   677 C "C2'" . G   B 1 16 ? 5.680   21.422  4.633   1.00 23.34 ? 16  G   B "C2'" 1 
ATOM   678 O "O2'" . G   B 1 16 ? 7.076   21.449  4.410   1.00 30.70 ? 16  G   B "O2'" 1 
ATOM   679 C "C1'" . G   B 1 16 ? 5.249   19.961  4.694   1.00 23.60 ? 16  G   B "C1'" 1 
ATOM   680 N N9    . G   B 1 16 ? 3.878   19.829  4.185   1.00 32.74 ? 16  G   B N9    1 
ATOM   681 C C8    . G   B 1 16 ? 2.708   19.623  4.859   1.00 26.09 ? 16  G   B C8    1 
ATOM   682 N N7    . G   B 1 16 ? 1.681   19.595  4.059   1.00 26.52 ? 16  G   B N7    1 
ATOM   683 C C5    . G   B 1 16 ? 2.203   19.817  2.794   1.00 25.18 ? 16  G   B C5    1 
ATOM   684 C C6    . G   B 1 16 ? 1.574   19.895  1.527   1.00 24.95 ? 16  G   B C6    1 
ATOM   685 O O6    . G   B 1 16 ? 0.376   19.774  1.267   1.00 25.94 ? 16  G   B O6    1 
ATOM   686 N N1    . G   B 1 16 ? 2.493   20.137  0.508   1.00 23.42 ? 16  G   B N1    1 
ATOM   687 C C2    . G   B 1 16 ? 3.847   20.276  0.687   1.00 34.01 ? 16  G   B C2    1 
ATOM   688 N N2    . G   B 1 16 ? 4.584   20.501  -0.415  1.00 20.86 ? 16  G   B N2    1 
ATOM   689 N N3    . G   B 1 16 ? 4.442   20.198  1.866   1.00 22.46 ? 16  G   B N3    1 
ATOM   690 C C4    . G   B 1 16 ? 3.562   19.971  2.861   1.00 23.94 ? 16  G   B C4    1 
ATOM   691 P P     . A   B 1 17 ? 5.262   24.493  6.133   1.00 25.24 ? 17  A   B P     1 
ATOM   692 O OP1   . A   B 1 17 ? 6.160   25.588  6.576   1.00 24.85 ? 17  A   B OP1   1 
ATOM   693 O OP2   . A   B 1 17 ? 3.886   24.440  6.677   1.00 26.97 ? 17  A   B OP2   1 
ATOM   694 O "O5'" . A   B 1 17 ? 5.115   24.541  4.543   1.00 36.21 ? 17  A   B "O5'" 1 
ATOM   695 C "C5'" . A   B 1 17 ? 6.233   24.779  3.697   1.00 22.61 ? 17  A   B "C5'" 1 
ATOM   696 C "C4'" . A   B 1 17 ? 5.812   24.916  2.251   1.00 23.57 ? 17  A   B "C4'" 1 
ATOM   697 O "O4'" . A   B 1 17 ? 5.189   23.682  1.796   1.00 22.17 ? 17  A   B "O4'" 1 
ATOM   698 C "C3'" . A   B 1 17 ? 4.768   25.983  1.944   1.00 23.01 ? 17  A   B "C3'" 1 
ATOM   699 O "O3'" . A   B 1 17 ? 5.301   27.286  1.849   1.00 22.61 ? 17  A   B "O3'" 1 
ATOM   700 C "C2'" . A   B 1 17 ? 4.163   25.480  0.641   1.00 26.89 ? 17  A   B "C2'" 1 
ATOM   701 O "O2'" . A   B 1 17 ? 5.025   25.751  -0.457  1.00 25.31 ? 17  A   B "O2'" 1 
ATOM   702 C "C1'" . A   B 1 17 ? 4.146   23.975  0.887   1.00 22.61 ? 17  A   B "C1'" 1 
ATOM   703 N N9    . A   B 1 17 ? 2.865   23.568  1.485   1.00 26.79 ? 17  A   B N9    1 
ATOM   704 C C8    . A   B 1 17 ? 2.547   23.404  2.810   1.00 25.40 ? 17  A   B C8    1 
ATOM   705 N N7    . A   B 1 17 ? 1.301   23.047  3.003   1.00 26.71 ? 17  A   B N7    1 
ATOM   706 C C5    . A   B 1 17 ? 0.758   22.990  1.729   1.00 29.92 ? 17  A   B C5    1 
ATOM   707 C C6    . A   B 1 17 ? -0.532  22.676  1.251   1.00 27.31 ? 17  A   B C6    1 
ATOM   708 N N6    . A   B 1 17 ? -1.566  22.346  2.027   1.00 28.81 ? 17  A   B N6    1 
ATOM   709 N N1    . A   B 1 17 ? -0.724  22.710  -0.083  1.00 26.63 ? 17  A   B N1    1 
ATOM   710 C C2    . A   B 1 17 ? 0.306   23.046  -0.870  1.00 25.14 ? 17  A   B C2    1 
ATOM   711 N N3    . A   B 1 17 ? 1.558   23.355  -0.545  1.00 24.14 ? 17  A   B N3    1 
ATOM   712 C C4    . A   B 1 17 ? 1.715   23.313  0.786   1.00 27.64 ? 17  A   B C4    1 
HETATM 713 K K     . K   C 2 .  ? -2.901  2.275   -0.261  1.00 43.05 ? 101 K   A K     1 
HETATM 714 K K     . K   D 2 .  ? -2.184  18.713  2.220   1.00 33.85 ? 102 K   A K     1 
HETATM 715 K K     . K   E 2 .  ? -1.786  -2.945  0.236   1.00 46.04 ? 103 K   A K     1 
HETATM 716 K K     . K   F 2 .  ? 2.163   -18.779 -3.321  1.00 47.58 ? 104 K   A K     1 
HETATM 717 K K     . K   G 2 .  ? -2.416  7.983   0.369   1.00 42.78 ? 105 K   A K     1 
HETATM 718 K K     . K   H 2 .  ? 0.813   -8.694  -1.187  1.00 36.78 ? 101 K   B K     1 
HETATM 719 K K     . K   I 2 .  ? 1.353   -12.581 -0.710  1.00 53.90 ? 102 K   B K     1 
HETATM 720 O O     . HOH J 3 .  ? -3.875  -5.526  0.528   1.00 12.45 ? 201 HOH A O     1 
HETATM 721 O O     . HOH J 3 .  ? -8.464  19.799  -2.910  1.00 15.55 ? 202 HOH A O     1 
HETATM 722 O O     . HOH J 3 .  ? 2.093   -14.809 -5.421  1.00 23.57 ? 203 HOH A O     1 
HETATM 723 O O     . HOH J 3 .  ? -10.237 0.345   3.369   1.00 21.60 ? 204 HOH A O     1 
HETATM 724 O O     . HOH J 3 .  ? -2.159  -3.541  2.990   1.00 41.20 ? 205 HOH A O     1 
HETATM 725 O O     . HOH J 3 .  ? -2.168  11.776  0.292   1.00 32.49 ? 206 HOH A O     1 
HETATM 726 O O     . HOH J 3 .  ? -0.536  5.843   0.923   1.00 38.30 ? 207 HOH A O     1 
HETATM 727 O O     . HOH J 3 .  ? -3.313  9.978   -1.726  1.00 40.75 ? 208 HOH A O     1 
HETATM 728 O O     . HOH J 3 .  ? 4.408   -16.818 -6.069  1.00 39.85 ? 209 HOH A O     1 
HETATM 729 O O     . HOH J 3 .  ? 7.659   -21.636 4.694   1.00 27.64 ? 210 HOH A O     1 
HETATM 730 O O     . HOH J 3 .  ? -2.086  -3.192  -9.021  1.00 34.05 ? 211 HOH A O     1 
HETATM 731 O O     . HOH J 3 .  ? -3.835  6.357   9.749   1.00 51.66 ? 212 HOH A O     1 
HETATM 732 O O     . HOH J 3 .  ? -1.154  23.747  -6.696  1.00 25.61 ? 213 HOH A O     1 
HETATM 733 O O     . HOH J 3 .  ? 2.110   -22.941 4.219   1.00 43.14 ? 214 HOH A O     1 
HETATM 734 O O     . HOH J 3 .  ? -8.874  2.961   7.064   1.00 34.89 ? 215 HOH A O     1 
HETATM 735 O O     . HOH J 3 .  ? 4.075   -5.851  -8.491  1.00 48.47 ? 216 HOH A O     1 
HETATM 736 O O     . HOH J 3 .  ? -0.136  7.915   -1.366  1.00 40.24 ? 217 HOH A O     1 
HETATM 737 O O     . HOH J 3 .  ? -5.560  -9.978  3.162   1.00 50.63 ? 218 HOH A O     1 
HETATM 738 O O     . HOH J 3 .  ? -7.161  -8.689  4.456   1.00 42.13 ? 219 HOH A O     1 
HETATM 739 O O     . HOH J 3 .  ? -2.250  15.349  -2.047  1.00 41.46 ? 220 HOH A O     1 
HETATM 740 O O     . HOH J 3 .  ? -2.232  15.608  -4.926  1.00 21.96 ? 221 HOH A O     1 
HETATM 741 O O     . HOH J 3 .  ? -4.466  20.163  3.301   1.00 49.73 ? 222 HOH A O     1 
HETATM 742 O O     . HOH J 3 .  ? -9.150  -4.143  -7.455  1.00 51.84 ? 223 HOH A O     1 
HETATM 743 O O     . HOH J 3 .  ? -0.971  13.175  -1.818  1.00 35.48 ? 224 HOH A O     1 
HETATM 744 O O     . HOH J 3 .  ? -1.782  -7.160  -0.533  1.00 28.82 ? 225 HOH A O     1 
HETATM 745 O O     . HOH J 3 .  ? -0.399  -0.486  1.267   1.00 40.86 ? 226 HOH A O     1 
HETATM 746 O O     . HOH J 3 .  ? 4.624   -19.984 -4.166  1.00 37.17 ? 227 HOH A O     1 
HETATM 747 O O     . HOH J 3 .  ? -0.929  -11.080 -0.804  1.00 38.34 ? 228 HOH A O     1 
HETATM 748 O O     . HOH J 3 .  ? -5.925  -6.247  2.579   1.00 36.71 ? 229 HOH A O     1 
HETATM 749 O O     . HOH J 3 .  ? 2.805   -18.625 -6.268  1.00 52.07 ? 230 HOH A O     1 
HETATM 750 O O     . HOH J 3 .  ? -4.658  12.801  -2.895  1.00 38.69 ? 231 HOH A O     1 
HETATM 751 O O     . HOH J 3 .  ? -4.662  17.513  -0.187  1.00 23.94 ? 232 HOH A O     1 
HETATM 752 O O     . HOH J 3 .  ? -11.155 -2.957  -1.756  1.00 29.43 ? 233 HOH A O     1 
HETATM 753 O O     . HOH J 3 .  ? 7.551   -8.437  -8.099  1.00 26.29 ? 234 HOH A O     1 
HETATM 754 O O     . HOH J 3 .  ? -9.804  -9.158  -9.513  1.00 21.41 ? 235 HOH A O     1 
HETATM 755 O O     . HOH K 3 .  ? 4.474   21.453  -3.304  1.00 20.54 ? 201 HOH B O     1 
HETATM 756 O O     . HOH K 3 .  ? -1.140  1.333   -3.306  1.00 31.26 ? 202 HOH B O     1 
HETATM 757 O O     . HOH K 3 .  ? 1.069   -15.275 -2.371  1.00 26.75 ? 203 HOH B O     1 
HETATM 758 O O     . HOH K 3 .  ? 6.157   16.392  5.777   1.00 22.95 ? 204 HOH B O     1 
HETATM 759 O O     . HOH K 3 .  ? 3.303   23.846  -2.904  1.00 20.65 ? 205 HOH B O     1 
HETATM 760 O O     . HOH K 3 .  ? 0.519   -11.627 7.638   1.00 26.87 ? 206 HOH B O     1 
HETATM 761 O O     . HOH K 3 .  ? 0.296   1.724   -0.706  1.00 46.45 ? 207 HOH B O     1 
HETATM 762 O O     . HOH K 3 .  ? -6.099  7.440   -2.635  1.00 41.88 ? 208 HOH B O     1 
HETATM 763 O O     . HOH K 3 .  ? 8.156   -1.171  1.439   1.00 31.68 ? 209 HOH B O     1 
HETATM 764 O O     . HOH K 3 .  ? -7.530  9.696   -6.109  1.00 31.27 ? 210 HOH B O     1 
HETATM 765 O O     . HOH K 3 .  ? -3.132  -1.310  -8.469  1.00 25.76 ? 211 HOH B O     1 
HETATM 766 O O     . HOH K 3 .  ? 1.262   24.242  -4.374  1.00 25.78 ? 212 HOH B O     1 
HETATM 767 O O     . HOH K 3 .  ? 7.096   20.725  1.168   1.00 12.44 ? 213 HOH B O     1 
HETATM 768 O O     . HOH K 3 .  ? 11.297  -2.172  -4.487  1.00 29.57 ? 214 HOH B O     1 
HETATM 769 O O     . HOH K 3 .  ? 7.125   17.133  3.500   1.00 17.73 ? 215 HOH B O     1 
HETATM 770 O O     . HOH K 3 .  ? -0.685  -14.730 0.106   1.00 38.52 ? 216 HOH B O     1 
HETATM 771 O O     . HOH K 3 .  ? 0.599   -5.122  0.685   1.00 37.60 ? 217 HOH B O     1 
HETATM 772 O O     . HOH K 3 .  ? 1.473   -20.183 5.129   1.00 49.52 ? 218 HOH B O     1 
HETATM 773 O O     . HOH K 3 .  ? -2.974  15.354  1.529   1.00 31.77 ? 219 HOH B O     1 
HETATM 774 O O     . HOH K 3 .  ? -4.174  19.577  11.031  1.00 41.88 ? 220 HOH B O     1 
HETATM 775 O O     . HOH K 3 .  ? 7.446   -3.303  5.535   1.00 63.66 ? 221 HOH B O     1 
HETATM 776 O O     . HOH K 3 .  ? 6.523   -5.408  6.667   1.00 33.12 ? 222 HOH B O     1 
HETATM 777 O O     . HOH K 3 .  ? -3.573  6.281   -1.703  1.00 23.50 ? 223 HOH B O     1 
HETATM 778 O O     . HOH K 3 .  ? 1.074   -7.218  3.333   1.00 42.29 ? 224 HOH B O     1 
HETATM 779 O O     . HOH K 3 .  ? -10.401 2.602   3.814   1.00 36.83 ? 225 HOH B O     1 
HETATM 780 O O     . HOH K 3 .  ? 11.930  -6.845  1.503   1.00 38.69 ? 226 HOH B O     1 
HETATM 781 O O     . HOH K 3 .  ? 6.855   -1.062  5.651   1.00 36.46 ? 227 HOH B O     1 
HETATM 782 O O     . HOH K 3 .  ? -5.065  -22.127 3.015   1.00 35.03 ? 228 HOH B O     1 
HETATM 783 O O     . HOH K 3 .  ? 2.381   -0.760  0.351   1.00 43.25 ? 229 HOH B O     1 
HETATM 784 O O     . HOH K 3 .  ? -0.452  19.552  7.688   1.00 36.23 ? 230 HOH B O     1 
HETATM 785 O O     . HOH K 3 .  ? -13.346 6.612   -5.678  1.00 40.58 ? 231 HOH B O     1 
HETATM 786 O O     . HOH K 3 .  ? 5.832   28.323  -1.112  1.00 48.38 ? 232 HOH B O     1 
HETATM 787 O O     . HOH K 3 .  ? 4.270   -6.647  1.792   1.00 45.95 ? 233 HOH B O     1 
HETATM 788 O O     . HOH K 3 .  ? -6.888  19.381  10.237  1.00 55.77 ? 234 HOH B O     1 
HETATM 789 O O     . HOH K 3 .  ? 8.349   2.931   -6.761  1.00 54.06 ? 235 HOH B O     1 
HETATM 790 O O     . HOH K 3 .  ? -2.912  0.071   -1.611  1.00 22.31 ? 236 HOH B O     1 
HETATM 791 O O     . HOH K 3 .  ? 1.606   -9.867  1.387   1.00 23.05 ? 237 HOH B O     1 
HETATM 792 O O     . HOH K 3 .  ? -3.574  3.981   -2.321  1.00 23.05 ? 238 HOH B O     1 
HETATM 793 O O     . HOH K 3 .  ? 3.854   -3.231  0.281   1.00 54.69 ? 239 HOH B O     1 
HETATM 794 O O     . HOH K 3 .  ? 0.963   15.096  14.553  1.00 24.05 ? 240 HOH B O     1 
HETATM 795 O O     . HOH K 3 .  ? -0.956  19.780  4.648   1.00 28.65 ? 241 HOH B O     1 
HETATM 796 O O     . HOH K 3 .  ? -3.431  17.315  5.121   1.00 44.00 ? 242 HOH B O     1 
HETATM 797 O O     . HOH K 3 .  ? -0.966  -11.042 2.298   1.00 48.70 ? 243 HOH B O     1 
HETATM 798 O O     . HOH K 3 .  ? 1.905   -12.920 2.080   1.00 27.11 ? 244 HOH B O     1 
HETATM 799 O O     . HOH K 3 .  ? -5.322  6.310   7.372   1.00 56.52 ? 245 HOH B O     1 
HETATM 800 O O     . HOH K 3 .  ? 7.869   -5.914  -7.991  1.00 22.66 ? 246 HOH B O     1 
HETATM 801 O O     . HOH K 3 .  ? -5.314  14.384  3.843   1.00 21.96 ? 247 HOH B O     1 
HETATM 802 O O     . HOH K 3 .  ? -10.545 17.025  5.203   1.00 33.29 ? 248 HOH B O     1 
HETATM 803 O O     . HOH K 3 .  ? -0.620  -7.046  1.729   1.00 34.31 ? 249 HOH B O     1 
HETATM 804 O O     . HOH K 3 .  ? 4.658   -0.156  -2.280  1.00 32.53 ? 250 HOH B O     1 
# 
loop_
_atom_site_anisotrop.id 
_atom_site_anisotrop.type_symbol 
_atom_site_anisotrop.pdbx_label_atom_id 
_atom_site_anisotrop.pdbx_label_alt_id 
_atom_site_anisotrop.pdbx_label_comp_id 
_atom_site_anisotrop.pdbx_label_asym_id 
_atom_site_anisotrop.pdbx_label_seq_id 
_atom_site_anisotrop.pdbx_PDB_ins_code 
_atom_site_anisotrop.U[1][1] 
_atom_site_anisotrop.U[2][2] 
_atom_site_anisotrop.U[3][3] 
_atom_site_anisotrop.U[1][2] 
_atom_site_anisotrop.U[1][3] 
_atom_site_anisotrop.U[2][3] 
_atom_site_anisotrop.pdbx_auth_seq_id 
_atom_site_anisotrop.pdbx_auth_comp_id 
_atom_site_anisotrop.pdbx_auth_asym_id 
_atom_site_anisotrop.pdbx_auth_atom_id 
1   O "O5'" . U A 1  ? 0.2968 0.4562 0.3161 0.0019  0.0088  -0.0384 1  U A "O5'" 
2   C "C5'" . U A 1  ? 0.2912 0.4506 0.3123 0.0057  0.0234  -0.0387 1  U A "C5'" 
3   C "C4'" . U A 1  ? 0.3030 0.4621 0.3644 0.0146  0.0231  -0.0333 1  U A "C4'" 
4   O "O4'" . U A 1  ? 0.2943 0.4681 0.3673 0.0172  0.0040  -0.0340 1  U A "O4'" 
5   C "C3'" . U A 1  ? 0.2813 0.4253 0.3766 0.0187  0.0268  -0.0267 1  U A "C3'" 
6   O "O3'" . U A 1  ? 0.3022 0.4323 0.4000 0.0194  0.0471  -0.0247 1  U A "O3'" 
7   C "C2'" . U A 1  ? 0.2695 0.4206 0.4008 0.0265  0.0174  -0.0232 1  U A "C2'" 
8   O "O2'" . U A 1  ? 0.1875 0.3382 0.3310 0.0313  0.0303  -0.0218 1  U A "O2'" 
9   C "C1'" . U A 1  ? 0.2593 0.4291 0.3738 0.0241  -0.0002 -0.0280 1  U A "C1'" 
10  N N1    . U A 1  ? 0.2224 0.3960 0.3445 0.0229  -0.0190 -0.0274 1  U A N1    
11  C C2    . U A 1  ? 0.2259 0.3989 0.3873 0.0295  -0.0272 -0.0226 1  U A C2    
12  O O2    . U A 1  ? 0.2025 0.3718 0.3926 0.0361  -0.0196 -0.0191 1  U A O2    
13  N N3    . U A 1  ? 0.1821 0.3593 0.3486 0.0282  -0.0449 -0.0223 1  U A N3    
14  C C4    . U A 1  ? 0.1894 0.3709 0.3259 0.0207  -0.0549 -0.0258 1  U A C4    
15  O O4    . U A 1  ? 0.1827 0.3676 0.3275 0.0204  -0.0707 -0.0247 1  U A O4    
16  C C5    . U A 1  ? 0.1858 0.3678 0.2829 0.0139  -0.0453 -0.0308 1  U A C5    
17  C C6    . U A 1  ? 0.1999 0.3782 0.2916 0.0153  -0.0283 -0.0316 1  U A C6    
18  P P     . U A 2  ? 0.4093 0.5207 0.5179 0.0183  0.0548  -0.0214 2  U A P     
19  O OP1   . U A 2  ? 0.4433 0.5451 0.5428 0.0174  0.0765  -0.0220 2  U A OP1   
20  O OP2   . U A 2  ? 0.2310 0.3414 0.3209 0.0120  0.0429  -0.0230 2  U A OP2   
21  O "O5'" . U A 2  ? 0.3565 0.4633 0.5125 0.0264  0.0504  -0.0152 2  U A "O5'" 
22  C "C5'" . U A 2  ? 0.3132 0.4226 0.4950 0.0331  0.0573  -0.0127 2  U A "C5'" 
23  C "C4'" . U A 2  ? 0.3117 0.4210 0.5357 0.0399  0.0471  -0.0081 2  U A "C4'" 
24  O "O4'" . U A 2  ? 0.3174 0.4417 0.5409 0.0402  0.0266  -0.0096 2  U A "O4'" 
25  C "C3'" . U A 2  ? 0.3059 0.4019 0.5476 0.0404  0.0447  -0.0049 2  U A "C3'" 
26  O "O3'" . U A 2  ? 0.2484 0.3300 0.5077 0.0429  0.0622  -0.0025 2  U A "O3'" 
27  C "C2'" . U A 2  ? 0.2946 0.3981 0.5667 0.0456  0.0265  -0.0024 2  U A "C2'" 
28  O "O2'" . U A 2  ? 0.1970 0.2999 0.5064 0.0530  0.0321  0.0007  2  U A "O2'" 
29  C "C1'" . U A 2  ? 0.2659 0.3872 0.5160 0.0431  0.0137  -0.0063 2  U A "C1'" 
30  N N1    . U A 2  ? 0.2403 0.3658 0.4653 0.0371  -0.0011 -0.0088 2  U A N1    
31  C C2    . U A 2  ? 0.2604 0.3884 0.5048 0.0393  -0.0185 -0.0065 2  U A C2    
32  O O2    . U A 2  ? 0.1843 0.3113 0.4662 0.0462  -0.0221 -0.0030 2  U A O2    
33  N N3    . U A 2  ? 0.1926 0.3246 0.4112 0.0330  -0.0315 -0.0088 2  U A N3    
34  C C4    . U A 2  ? 0.4439 0.5776 0.6206 0.0248  -0.0286 -0.0132 2  U A C4    
35  O O4    . U A 2  ? 0.2010 0.3386 0.3588 0.0195  -0.0415 -0.0148 2  U A O4    
36  C C5    . U A 2  ? 0.2026 0.3338 0.3621 0.0232  -0.0105 -0.0156 2  U A C5    
37  C C6    . U A 2  ? 0.2002 0.3276 0.3835 0.0293  0.0021  -0.0132 2  U A C6    
38  P P     . C A 3  ? 0.5067 0.5719 0.7587 0.0392  0.0685  -0.0020 3  C A P     
39  O OP1   . C A 3  ? 0.5594 0.6140 0.8156 0.0400  0.0907  -0.0018 3  C A OP1   
40  O OP2   . C A 3  ? 0.4667 0.5346 0.6810 0.0315  0.0595  -0.0052 3  C A OP2   
41  O "O5'" . C A 3  ? 0.3020 0.3612 0.5912 0.0444  0.0568  0.0024  3  C A "O5'" 
42  C "C5'" . C A 3  ? 0.2558 0.3188 0.5848 0.0522  0.0539  0.0054  3  C A "C5'" 
43  C "C4'" . C A 3  ? 0.2486 0.3106 0.6018 0.0556  0.0364  0.0081  3  C A "C4'" 
44  O "O4'" . C A 3  ? 0.2816 0.3590 0.6258 0.0547  0.0172  0.0069  3  C A "O4'" 
45  C "C3'" . C A 3  ? 0.2750 0.3244 0.6182 0.0520  0.0327  0.0089  3  C A "C3'" 
46  O "O3'" . C A 3  ? 0.2963 0.3299 0.6586 0.0544  0.0467  0.0107  3  C A "O3'" 
47  C "C2'" . C A 3  ? 0.2315 0.2871 0.5894 0.0545  0.0104  0.0110  3  C A "C2'" 
48  O "O2'" . C A 3  ? 0.2278 0.2801 0.6304 0.0626  0.0082  0.0141  3  C A "O2'" 
49  C "C1'" . C A 3  ? 0.2559 0.3305 0.6026 0.0538  0.0012  0.0084  3  C A "C1'" 
50  N N1    . C A 3  ? 0.2353 0.3167 0.5414 0.0461  -0.0087 0.0054  3  C A N1    
51  C C2    . C A 3  ? 0.2151 0.3028 0.5227 0.0456  -0.0293 0.0062  3  C A C2    
52  O O2    . C A 3  ? 0.2779 0.3650 0.6202 0.0520  -0.0380 0.0094  3  C A O2    
53  N N3    . C A 3  ? 0.2167 0.3109 0.4886 0.0383  -0.0390 0.0034  3  C A N3    
54  C C4    . C A 3  ? 0.3765 0.4716 0.6127 0.0317  -0.0288 -0.0005 3  C A C4    
55  N N4    . C A 3  ? 0.2226 0.3248 0.4245 0.0243  -0.0386 -0.0038 3  C A N4    
56  C C5    . C A 3  ? 0.2247 0.3136 0.4583 0.0322  -0.0080 -0.0015 3  C A C5    
57  C C6    . C A 3  ? 0.2234 0.3056 0.4922 0.0394  0.0015  0.0016  3  C A C6    
58  P P     . G A 4  ? 0.4816 0.4990 0.8285 0.0498  0.0492  0.0110  4  G A P     
59  O OP1   . G A 4  ? 0.5149 0.5183 0.8876 0.0538  0.0653  0.0121  4  G A OP1   
60  O OP2   . G A 4  ? 0.5055 0.5249 0.8062 0.0411  0.0512  0.0075  4  G A OP2   
61  O "O5'" . G A 4  ? 0.3123 0.3294 0.6729 0.0519  0.0276  0.0140  4  G A "O5'" 
62  C "C5'" . G A 4  ? 0.2747 0.2852 0.6108 0.0461  0.0185  0.0143  4  G A "C5'" 
63  C "C4'" . G A 4  ? 0.4103 0.4252 0.7614 0.0490  -0.0035 0.0172  4  G A "C4'" 
64  O "O4'" . G A 4  ? 0.3720 0.4060 0.7162 0.0488  -0.0152 0.0156  4  G A "O4'" 
65  C "C3'" . G A 4  ? 0.4156 0.4229 0.7443 0.0435  -0.0152 0.0186  4  G A "C3'" 
66  O "O3'" . G A 4  ? 0.3848 0.3735 0.7280 0.0453  -0.0112 0.0214  4  G A "O3'" 
67  C "C2'" . G A 4  ? 0.4414 0.4618 0.7785 0.0456  -0.0373 0.0200  4  G A "C2'" 
68  O "O2'" . G A 4  ? 0.4480 0.4650 0.8276 0.0543  -0.0437 0.0235  4  G A "O2'" 
69  C "C1'" . G A 4  ? 0.3991 0.4376 0.7321 0.0461  -0.0351 0.0166  4  G A "C1'" 
70  N N9    . G A 4  ? 0.3682 0.4155 0.6573 0.0374  -0.0371 0.0127  4  G A N9    
71  C C8    . G A 4  ? 0.3749 0.4244 0.6376 0.0327  -0.0223 0.0088  4  G A C8    
72  N N7    . G A 4  ? 0.2556 0.3137 0.4817 0.0251  -0.0284 0.0053  4  G A N7    
73  C C5    . G A 4  ? 0.3186 0.3802 0.5467 0.0246  -0.0482 0.0074  4  G A C5    
74  C C6    . G A 4  ? 0.2549 0.3259 0.4524 0.0176  -0.0625 0.0052  4  G A C6    
75  O O6    . G A 4  ? 0.2549 0.3332 0.4171 0.0103  -0.0599 0.0004  4  G A O6    
76  N N1    . G A 4  ? 0.2550 0.3268 0.4666 0.0196  -0.0808 0.0087  4  G A N1    
77  C C2    . G A 4  ? 0.3054 0.3696 0.5558 0.0277  -0.0854 0.0136  4  G A C2    
78  N N2    . G A 4  ? 0.2718 0.3384 0.5297 0.0286  -0.1043 0.0163  4  G A N2    
79  N N3    . G A 4  ? 0.2552 0.3108 0.5350 0.0344  -0.0722 0.0153  4  G A N3    
80  C C4    . G A 4  ? 0.3069 0.3618 0.5735 0.0323  -0.0541 0.0121  4  G A C4    
81  P P     . G A 5  ? 0.3742 0.3484 0.6838 0.0371  -0.0072 0.0211  5  G A P     
82  O OP1   . G A 5  ? 0.4158 0.3710 0.7478 0.0409  0.0019  0.0232  5  G A OP1   
83  O OP2   . G A 5  ? 0.3561 0.3367 0.6277 0.0295  0.0035  0.0163  5  G A OP2   
84  O "O5'" . G A 5  ? 0.5208 0.4976 0.8172 0.0341  -0.0297 0.0236  5  G A "O5'" 
85  C "C5'" . G A 5  ? 0.3177 0.2908 0.6440 0.0404  -0.0447 0.0281  5  G A "C5'" 
86  C "C4'" . G A 5  ? 0.3487 0.3311 0.6584 0.0368  -0.0659 0.0295  5  G A "C4'" 
87  O "O4'" . G A 5  ? 0.3018 0.3052 0.6005 0.0353  -0.0701 0.0259  5  G A "O4'" 
88  C "C3'" . G A 5  ? 0.3299 0.3050 0.5988 0.0270  -0.0694 0.0295  5  G A "C3'" 
89  O "O3'" . G A 5  ? 0.4723 0.4283 0.7473 0.0275  -0.0732 0.0339  5  G A "O3'" 
90  C "C2'" . G A 5  ? 0.3204 0.3131 0.5717 0.0234  -0.0873 0.0286  5  G A "C2'" 
91  O "O2'" . G A 5  ? 0.3296 0.3228 0.6029 0.0284  -0.1058 0.0330  5  G A "O2'" 
92  C "C1'" . G A 5  ? 0.3010 0.3116 0.5642 0.0272  -0.0822 0.0248  5  G A "C1'" 
93  N N9    . G A 5  ? 0.2989 0.3162 0.5274 0.0199  -0.0707 0.0195  5  G A N9    
94  C C8    . G A 5  ? 0.2982 0.3128 0.5237 0.0198  -0.0507 0.0165  5  G A C8    
95  N N7    . G A 5  ? 0.2969 0.3194 0.4866 0.0123  -0.0456 0.0117  5  G A N7    
96  C C5    . G A 5  ? 0.3430 0.3737 0.5112 0.0069  -0.0630 0.0114  5  G A C5    
97  C C6    . G A 5  ? 0.2957 0.3374 0.4239 -0.0021 -0.0667 0.0068  5  G A C6    
98  O O6    . G A 5  ? 0.2984 0.3452 0.4012 -0.0070 -0.0553 0.0016  5  G A O6    
99  N N1    . G A 5  ? 0.2963 0.3440 0.4154 -0.0052 -0.0861 0.0081  5  G A N1    
100 C C2    . G A 5  ? 0.2982 0.3417 0.4422 -0.0003 -0.1005 0.0136  5  G A C2    
101 N N2    . G A 5  ? 0.4019 0.4528 0.5301 -0.0050 -0.1183 0.0141  5  G A N2    
102 N N3    . G A 5  ? 0.2992 0.3324 0.4807 0.0084  -0.0976 0.0179  5  G A N3    
103 C C4    . G A 5  ? 0.3445 0.3721 0.5362 0.0114  -0.0785 0.0165  5  G A C4    
104 P P     . U A 6  ? 0.5107 0.4506 0.7502 0.0182  -0.0661 0.0338  6  U A P     
105 O OP1   . U A 6  ? 0.5345 0.4544 0.7924 0.0218  -0.0698 0.0388  6  U A OP1   
106 O OP2   . U A 6  ? 0.5501 0.4905 0.7722 0.0141  -0.0455 0.0286  6  U A OP2   
107 O "O5'" . U A 6  ? 0.4064 0.3561 0.6100 0.0096  -0.0819 0.0335  6  U A "O5'" 
108 C "C5'" . U A 6  ? 0.4309 0.3813 0.6417 0.0112  -0.1027 0.0381  6  U A "C5'" 
109 C "C4'" . U A 6  ? 0.4218 0.3848 0.5970 0.0024  -0.1155 0.0366  6  U A "C4'" 
110 O "O4'" . U A 6  ? 0.3969 0.3809 0.5622 0.0009  -0.1126 0.0309  6  U A "O4'" 
111 C "C3'" . U A 6  ? 0.4422 0.3953 0.5757 -0.0089 -0.1114 0.0356  6  U A "C3'" 
112 O "O3'" . U A 6  ? 0.4901 0.4253 0.6224 -0.0102 -0.1201 0.0415  6  U A "O3'" 
113 C "C2'" . U A 6  ? 0.4635 0.4368 0.5665 -0.0163 -0.1204 0.0313  6  U A "C2'" 
114 O "O2'" . U A 6  ? 0.4614 0.4393 0.5629 -0.0171 -0.1413 0.0351  6  U A "O2'" 
115 C "C1'" . U A 6  ? 0.4115 0.4033 0.5350 -0.0098 -0.1167 0.0275  6  U A "C1'" 
116 N N1    . U A 6  ? 0.3476 0.3458 0.4503 -0.0141 -0.1000 0.0211  6  U A N1    
117 C C2    . U A 6  ? 0.4588 0.4702 0.5243 -0.0232 -0.1037 0.0162  6  U A C2    
118 O O2    . U A 6  ? 0.5083 0.5258 0.5582 -0.0280 -0.1194 0.0170  6  U A O2    
119 N N3    . U A 6  ? 0.3396 0.3571 0.3870 -0.0267 -0.0884 0.0101  6  U A N3    
120 C C4    . U A 6  ? 0.3637 0.3752 0.4256 -0.0220 -0.0701 0.0088  6  U A C4    
121 O O4    . U A 6  ? 0.3335 0.3518 0.3753 -0.0258 -0.0579 0.0031  6  U A O4    
122 C C5    . U A 6  ? 0.3408 0.3389 0.4414 -0.0130 -0.0671 0.0141  6  U A C5    
123 C C6    . U A 6  ? 0.3454 0.3374 0.4651 -0.0093 -0.0819 0.0198  6  U A C6    
124 P P     . U A 7  ? 0.4859 0.3999 0.5925 -0.0179 -0.1088 0.0420  7  U A P     
125 O OP1   . U A 7  ? 0.5428 0.4385 0.6578 -0.0164 -0.1203 0.0492  7  U A OP1   
126 O OP2   . U A 7  ? 0.4699 0.3782 0.5852 -0.0156 -0.0871 0.0382  7  U A OP2   
127 O "O5'" . U A 7  ? 0.5080 0.4321 0.5672 -0.0307 -0.1110 0.0377  7  U A "O5'" 
128 C "C5'" . U A 7  ? 0.4612 0.3947 0.5037 -0.0353 -0.1301 0.0395  7  U A "C5'" 
129 C "C4'" . U A 7  ? 0.4565 0.4039 0.4576 -0.0464 -0.1284 0.0333  7  U A "C4'" 
130 O "O4'" . U A 7  ? 0.4578 0.4257 0.4644 -0.0435 -0.1225 0.0271  7  U A "O4'" 
131 C "C3'" . U A 7  ? 0.4667 0.4019 0.4369 -0.0556 -0.1128 0.0301  7  U A "C3'" 
132 O "O3'" . U A 7  ? 0.5063 0.4252 0.4560 -0.0627 -0.1190 0.0344  7  U A "O3'" 
133 C "C2'" . U A 7  ? 0.4366 0.3928 0.3786 -0.0623 -0.1090 0.0218  7  U A "C2'" 
134 O "O2'" . U A 7  ? 0.4342 0.4005 0.3496 -0.0705 -0.1243 0.0214  7  U A "O2'" 
135 C "C1'" . U A 7  ? 0.4611 0.4344 0.4331 -0.0525 -0.1107 0.0203  7  U A "C1'" 
136 N N1    . U A 7  ? 0.3954 0.3677 0.3803 -0.0477 -0.0913 0.0167  7  U A N1    
137 C C2    . U A 7  ? 0.3893 0.3725 0.3476 -0.0537 -0.0800 0.0091  7  U A C2    
138 O O2    . U A 7  ? 0.3893 0.3829 0.3148 -0.0626 -0.0850 0.0050  7  U A O2    
139 N N3    . U A 7  ? 0.3835 0.3652 0.3550 -0.0488 -0.0624 0.0065  7  U A N3    
140 C C4    . U A 7  ? 0.3831 0.3540 0.3910 -0.0393 -0.0548 0.0102  7  U A C4    
141 O O4    . U A 7  ? 0.3782 0.3494 0.3928 -0.0363 -0.0384 0.0069  7  U A O4    
142 C C5    . U A 7  ? 0.3892 0.3496 0.4235 -0.0336 -0.0672 0.0174  7  U A C5    
143 C C6    . U A 7  ? 0.3951 0.3564 0.4171 -0.0378 -0.0848 0.0205  7  U A C6    
144 P P     . U A 8  ? 0.5798 0.4747 0.5167 -0.0675 -0.1034 0.0348  8  U A P     
145 O OP1   . U A 8  ? 0.6515 0.5297 0.5748 -0.0729 -0.1145 0.0411  8  U A OP1   
146 O OP2   . U A 8  ? 0.6433 0.5288 0.6135 -0.0577 -0.0897 0.0352  8  U A OP2   
147 O "O5'" . U A 8  ? 0.5984 0.5029 0.4971 -0.0781 -0.0907 0.0261  8  U A "O5'" 
148 C "C5'" . U A 8  ? 0.5860 0.5055 0.4508 -0.0878 -0.0997 0.0225  8  U A "C5'" 
149 C "C4'" . U A 8  ? 0.4674 0.3993 0.3061 -0.0943 -0.0855 0.0131  8  U A "C4'" 
150 O "O4'" . U A 8  ? 0.6069 0.5569 0.4651 -0.0865 -0.0819 0.0092  8  U A "O4'" 
151 C "C3'" . U A 8  ? 0.4789 0.3948 0.3092 -0.0970 -0.0654 0.0104  8  U A "C3'" 
152 O "O3'" . U A 8  ? 0.5268 0.4284 0.3276 -0.1075 -0.0645 0.0109  8  U A "O3'" 
153 C "C2'" . U A 8  ? 0.4625 0.3968 0.2823 -0.0977 -0.0532 0.0014  8  U A "C2'" 
154 O "O2'" . U A 8  ? 0.7087 0.6563 0.4900 -0.1087 -0.0563 -0.0049 8  U A "O2'" 
155 C "C1'" . U A 8  ? 0.5971 0.5481 0.4459 -0.0878 -0.0626 0.0027  8  U A "C1'" 
156 N N1    . U A 8  ? 0.6008 0.5452 0.4862 -0.0767 -0.0520 0.0048  8  U A N1    
157 C C2    . U A 8  ? 0.4267 0.3779 0.3109 -0.0751 -0.0352 -0.0013 8  U A C2    
158 O O2    . U A 8  ? 0.4228 0.3854 0.2779 -0.0819 -0.0293 -0.0084 8  U A O2    
159 N N3    . U A 8  ? 0.4224 0.3668 0.3411 -0.0650 -0.0257 0.0010  8  U A N3    
160 C C4    . U A 8  ? 0.4260 0.3582 0.3799 -0.0565 -0.0311 0.0081  8  U A C4    
161 O O4    . U A 8  ? 0.4216 0.3493 0.4040 -0.0483 -0.0209 0.0089  8  U A O4    
162 C C5    . U A 8  ? 0.4359 0.3611 0.3886 -0.0584 -0.0488 0.0141  8  U A C5    
163 C C6    . U A 8  ? 0.4406 0.3720 0.3596 -0.0683 -0.0584 0.0124  8  U A C6    
164 P P     . U A 9  ? 0.5661 0.4413 0.3700 -0.1081 -0.0500 0.0130  9  U A P     
165 O OP1   . U A 9  ? 0.6540 0.5141 0.4326 -0.1179 -0.0563 0.0164  9  U A OP1   
166 O OP2   . U A 9  ? 0.6111 0.4762 0.4575 -0.0955 -0.0471 0.0180  9  U A OP2   
167 O "O5'" . U A 9  ? 0.6306 0.5124 0.4148 -0.1127 -0.0301 0.0034  9  U A "O5'" 
168 C "C5'" . U A 9  ? 0.5687 0.4655 0.3154 -0.1232 -0.0297 -0.0039 9  U A "C5'" 
169 C "C4'" . U A 9  ? 0.5528 0.4584 0.2909 -0.1237 -0.0114 -0.0127 9  U A "C4'" 
170 O "O4'" . U A 9  ? 0.5676 0.4914 0.3270 -0.1146 -0.0120 -0.0144 9  U A "O4'" 
171 C "C3'" . U A 9  ? 0.6003 0.4876 0.3506 -0.1205 0.0068  -0.0128 9  U A "C3'" 
172 O "O3'" . U A 9  ? 0.7083 0.5796 0.4336 -0.1302 0.0137  -0.0143 9  U A "O3'" 
173 C "C2'" . U A 9  ? 0.5882 0.4913 0.3402 -0.1170 0.0203  -0.0203 9  U A "C2'" 
174 O "O2'" . U A 9  ? 0.4953 0.4092 0.2095 -0.1271 0.0264  -0.0290 9  U A "O2'" 
175 C "C1'" . U A 9  ? 0.5251 0.4472 0.2945 -0.1101 0.0066  -0.0184 9  U A "C1'" 
176 N N1    . U A 9  ? 0.4849 0.4016 0.2969 -0.0975 0.0071  -0.0127 9  U A N1    
177 C C2    . U A 9  ? 0.4572 0.3802 0.2840 -0.0910 0.0213  -0.0163 9  U A C2    
178 O O2    . U A 9  ? 0.4525 0.3851 0.2589 -0.0949 0.0328  -0.0237 9  U A O2    
179 N N3    . U A 9  ? 0.4517 0.3696 0.3184 -0.0798 0.0215  -0.0110 9  U A N3    
180 C C4    . U A 9  ? 0.4742 0.3816 0.3674 -0.0742 0.0089  -0.0030 9  U A C4    
181 O O4    . U A 9  ? 0.4502 0.3546 0.3792 -0.0641 0.0111  0.0005  9  U A O4    
182 C C5    . U A 9  ? 0.4755 0.3767 0.3506 -0.0811 -0.0057 0.0006  9  U A C5    
183 C C6    . U A 9  ? 0.4870 0.3928 0.3230 -0.0923 -0.0058 -0.0041 9  U A C6    
184 P P     . G A 10 ? 0.4783 0.5025 0.3741 -0.1687 -0.0750 -0.0125 10 G A P     
185 O OP1   . G A 10 ? 0.4497 0.4577 0.3668 -0.1783 -0.0938 -0.0238 10 G A OP1   
186 O OP2   . G A 10 ? 0.4432 0.4445 0.3300 -0.1717 -0.0720 0.0032  10 G A OP2   
187 O "O5'" . G A 10 ? 0.3387 0.3982 0.2317 -0.1297 -0.0741 -0.0307 10 G A "O5'" 
188 C "C5'" . G A 10 ? 0.3406 0.4282 0.2416 -0.1194 -0.0789 -0.0488 10 G A "C5'" 
189 C "C4'" . G A 10 ? 0.3447 0.4737 0.2377 -0.0850 -0.0681 -0.0565 10 G A "C4'" 
190 O "O4'" . G A 10 ? 0.3232 0.4647 0.2017 -0.0816 -0.0418 -0.0350 10 G A "O4'" 
191 C "C3'" . G A 10 ? 0.3350 0.4679 0.2265 -0.0571 -0.0796 -0.0706 10 G A "C3'" 
192 O "O3'" . G A 10 ? 0.5106 0.6450 0.4154 -0.0488 -0.1028 -0.0974 10 G A "O3'" 
193 C "C2'" . G A 10 ? 0.3132 0.4880 0.1925 -0.0303 -0.0594 -0.0650 10 G A "C2'" 
194 O "O2'" . G A 10 ? 0.3875 0.6012 0.2714 -0.0169 -0.0593 -0.0792 10 G A "O2'" 
195 C "C1'" . G A 10 ? 0.2949 0.4627 0.1655 -0.0496 -0.0361 -0.0383 10 G A "C1'" 
196 N N9    . G A 10 ? 0.3478 0.4953 0.2080 -0.0502 -0.0289 -0.0216 10 G A N9    
197 C C8    . G A 10 ? 0.2961 0.4038 0.1545 -0.0750 -0.0314 -0.0080 10 G A C8    
198 N N7    . G A 10 ? 0.2945 0.3967 0.1423 -0.0665 -0.0237 0.0047  10 G A N7    
199 C C5    . G A 10 ? 0.2777 0.4177 0.1206 -0.0343 -0.0158 -0.0007 10 G A C5    
200 C C6    . G A 10 ? 0.2667 0.4155 0.1046 -0.0122 -0.0059 0.0081  10 G A C6    
201 O O6    . G A 10 ? 0.2646 0.3890 0.0999 -0.0166 -0.0019 0.0219  10 G A O6    
202 N N1    . G A 10 ? 0.2576 0.4359 0.1093 0.0155  -0.0009 -0.0006 10 G A N1    
203 C C2    . G A 10 ? 0.6050 0.8117 0.4641 0.0230  -0.0044 -0.0151 10 G A C2    
204 N N2    . G A 10 ? 0.2481 0.4838 0.1245 0.0473  0.0003  -0.0184 10 G A N2    
205 N N3    . G A 10 ? 0.2695 0.4771 0.1228 0.0049  -0.0138 -0.0253 10 G A N3    
206 C C4    . G A 10 ? 0.2781 0.4471 0.1284 -0.0238 -0.0191 -0.0170 10 G A C4    
207 P P     . A A 11 ? 0.4370 0.5528 0.3477 -0.0331 -0.1231 -0.1138 11 A A P     
208 O OP1   . A A 11 ? 0.4768 0.5904 0.4038 -0.0319 -0.1468 -0.1418 11 A A OP1   
209 O OP2   . A A 11 ? 0.4456 0.5212 0.3545 -0.0504 -0.1229 -0.0942 11 A A OP2   
210 O "O5'" . A A 11 ? 0.3844 0.5389 0.2821 0.0032  -0.1119 -0.1177 11 A A "O5'" 
211 C "C5'" . A A 11 ? 0.3571 0.5588 0.2528 0.0256  -0.1085 -0.1326 11 A A "C5'" 
212 C "C4'" . A A 11 ? 0.3412 0.5718 0.2276 0.0545  -0.0912 -0.1238 11 A A "C4'" 
213 O "O4'" . A A 11 ? 0.3181 0.5485 0.1907 0.0464  -0.0702 -0.0956 11 A A "O4'" 
214 C "C3'" . A A 11 ? 0.3529 0.5726 0.2396 0.0728  -0.1005 -0.1318 11 A A "C3'" 
215 O "O3'" . A A 11 ? 0.4310 0.6619 0.3310 0.0911  -0.1127 -0.1570 11 A A "O3'" 
216 C "C2'" . A A 11 ? 0.4867 0.7269 0.3648 0.0883  -0.0767 -0.1090 11 A A "C2'" 
217 O "O2'" . A A 11 ? 0.3177 0.5992 0.2071 0.1095  -0.0643 -0.1112 11 A A "O2'" 
218 C "C1'" . A A 11 ? 0.3111 0.5423 0.1791 0.0644  -0.0618 -0.0855 11 A A "C1'" 
219 N N9    . A A 11 ? 0.3132 0.5067 0.1719 0.0457  -0.0641 -0.0705 11 A A N9    
220 C C8    . A A 11 ? 0.3244 0.4756 0.1907 0.0143  -0.0726 -0.0656 11 A A C8    
221 N N7    . A A 11 ? 0.3618 0.4820 0.2237 0.0012  -0.0699 -0.0474 11 A A N7    
222 C C5    . A A 11 ? 0.3115 0.4532 0.1622 0.0255  -0.0591 -0.0403 11 A A C5    
223 C C6    . A A 11 ? 0.3056 0.4331 0.1473 0.0263  -0.0521 -0.0216 11 A A C6    
224 N N6    . A A 11 ? 0.3109 0.3988 0.1531 0.0008  -0.0546 -0.0060 11 A A N6    
225 N N1    . A A 11 ? 0.2933 0.4508 0.1275 0.0535  -0.0417 -0.0181 11 A A N1    
226 C C2    . A A 11 ? 0.2869 0.4761 0.1352 0.0742  -0.0360 -0.0302 11 A A C2    
227 N N3    . A A 11 ? 0.2921 0.4997 0.1466 0.0766  -0.0417 -0.0473 11 A A N3    
228 C C4    . A A 11 ? 0.3232 0.5101 0.1720 0.0531  -0.0554 -0.0540 11 A A C4    
229 P P     . U A 12 ? 0.5618 0.7668 0.4692 0.1005  -0.1331 -0.1753 12 U A P     
230 O OP1   . U A 12 ? 0.5890 0.8160 0.5096 0.1213  -0.1399 -0.2005 12 U A OP1   
231 O OP2   . U A 12 ? 0.5032 0.6606 0.4156 0.0723  -0.1512 -0.1753 12 U A OP2   
232 O "O5'" . U A 12 ? 0.6538 0.8673 0.5495 0.1184  -0.1203 -0.1592 12 U A "O5'" 
233 C "C5'" . U A 12 ? 0.5934 0.8483 0.4906 0.1452  -0.1035 -0.1560 12 U A "C5'" 
234 C "C4'" . U A 12 ? 0.5239 0.7793 0.4132 0.1559  -0.0919 -0.1372 12 U A "C4'" 
235 O "O4'" . U A 12 ? 0.5190 0.7563 0.3957 0.1346  -0.0799 -0.1096 12 U A "O4'" 
236 C "C3'" . U A 12 ? 0.5037 0.7334 0.3919 0.1633  -0.1088 -0.1478 12 U A "C3'" 
237 O "O3'" . U A 12 ? 0.3884 0.6405 0.2877 0.1906  -0.1146 -0.1699 12 U A "O3'" 
238 C "C2'" . U A 12 ? 0.5091 0.7312 0.3848 0.1602  -0.0939 -0.1185 12 U A "C2'" 
239 O "O2'" . U A 12 ? 0.5442 0.8019 0.4261 0.1827  -0.0751 -0.1099 12 U A "O2'" 
240 C "C1'" . U A 12 ? 0.4736 0.6900 0.3419 0.1352  -0.0808 -0.0972 12 U A "C1'" 
241 N N1    . U A 12 ? 0.4800 0.6560 0.3384 0.1077  -0.0947 -0.0911 12 U A N1    
242 C C2    . U A 12 ? 0.4622 0.6103 0.3161 0.0972  -0.0898 -0.0683 12 U A C2    
243 O O2    . U A 12 ? 0.4396 0.6011 0.2856 0.1138  -0.0805 -0.0572 12 U A O2    
244 N N3    . U A 12 ? 0.4568 0.5600 0.3173 0.0643  -0.0957 -0.0574 12 U A N3    
245 C C4    . U A 12 ? 0.4575 0.5417 0.3293 0.0418  -0.1059 -0.0663 12 U A C4    
246 O O4    . U A 12 ? 0.4493 0.4959 0.3266 0.0127  -0.1105 -0.0536 12 U A O4    
247 C C5    . U A 12 ? 0.4205 0.5344 0.2967 0.0548  -0.1104 -0.0899 12 U A C5    
248 C C6    . U A 12 ? 0.3567 0.5141 0.2259 0.0861  -0.1047 -0.1011 12 U A C6    
249 P P     . C A 13 ? 0.6357 0.8630 0.5472 0.1949  -0.1422 -0.2023 13 C A P     
250 O OP1   . C A 13 ? 0.7142 0.9791 0.6389 0.2188  -0.1426 -0.2246 13 C A OP1   
251 O OP2   . C A 13 ? 0.6747 0.8611 0.5904 0.1653  -0.1587 -0.2060 13 C A OP2   
252 O "O5'" . C A 13 ? 0.5317 0.7413 0.4391 0.2068  -0.1489 -0.1995 13 C A "O5'" 
253 C "C5'" . C A 13 ? 0.5201 0.7623 0.4240 0.2325  -0.1336 -0.1921 13 C A "C5'" 
254 C "C4'" . C A 13 ? 0.4877 0.7111 0.3786 0.2284  -0.1273 -0.1672 13 C A "C4'" 
255 O "O4'" . C A 13 ? 0.4686 0.6777 0.3485 0.2016  -0.1157 -0.1386 13 C A "O4'" 
256 C "C3'" . C A 13 ? 0.5062 0.6888 0.4003 0.2249  -0.1519 -0.1750 13 C A "C3'" 
257 O "O3'" . C A 13 ? 0.4492 0.6420 0.3512 0.2529  -0.1605 -0.1965 13 C A "O3'" 
258 C "C2'" . C A 13 ? 0.4902 0.6549 0.3717 0.2087  -0.1414 -0.1385 13 C A "C2'" 
259 O "O2'" . C A 13 ? 0.4994 0.6859 0.3750 0.2263  -0.1217 -0.1245 13 C A "O2'" 
260 C "C1'" . C A 13 ? 0.3881 0.5626 0.2607 0.1886  -0.1231 -0.1209 13 C A "C1'" 
261 N N1    . C A 13 ? 0.3945 0.5290 0.2719 0.1554  -0.1333 -0.1155 13 C A N1    
262 C C2    . C A 13 ? 0.4310 0.5304 0.3060 0.1301  -0.1275 -0.0860 13 C A C2    
263 O O2    . C A 13 ? 0.4123 0.5167 0.2777 0.1378  -0.1175 -0.0667 13 C A O2    
264 N N3    . C A 13 ? 0.4526 0.5153 0.3357 0.0969  -0.1333 -0.0786 13 C A N3    
265 C C4    . C A 13 ? 0.4551 0.5136 0.3489 0.0885  -0.1444 -0.0986 13 C A C4    
266 N N4    . C A 13 ? 0.4114 0.4355 0.3134 0.0552  -0.1496 -0.0891 13 C A N4    
267 C C5    . C A 13 ? 0.4546 0.5466 0.3514 0.1135  -0.1508 -0.1290 13 C A C5    
268 C C6    . C A 13 ? 0.4622 0.5915 0.3502 0.1461  -0.1450 -0.1367 13 C A C6    
269 P P     . C A 14 ? 0.5210 0.6742 0.4424 0.2533  -0.1920 -0.2223 14 C A P     
270 O OP1   . C A 14 ? 0.5281 0.7063 0.4566 0.2873  -0.1983 -0.2518 14 C A OP1   
271 O OP2   . C A 14 ? 0.5459 0.6671 0.4800 0.2258  -0.2038 -0.2308 14 C A OP2   
272 O "O5'" . C A 14 ? 0.5126 0.6274 0.4370 0.2386  -0.1895 -0.1907 14 C A "O5'" 
273 C "C5'" . C A 14 ? 0.4835 0.6206 0.3933 0.2533  -0.1744 -0.1684 14 C A "C5'" 
274 C "C4'" . C A 14 ? 0.4579 0.5534 0.3720 0.2318  -0.1739 -0.1379 14 C A "C4'" 
275 O "O4'" . C A 14 ? 0.4990 0.5809 0.4017 0.2004  -0.1613 -0.1093 14 C A "O4'" 
276 C "C3'" . C A 14 ? 0.4869 0.5314 0.4269 0.2178  -0.1954 -0.1470 14 C A "C3'" 
277 O "O3'" . C A 14 ? 0.5085 0.5539 0.4624 0.2446  -0.2071 -0.1665 14 C A "O3'" 
278 C "C2'" . C A 14 ? 0.4751 0.4848 0.4127 0.1861  -0.1895 -0.1089 14 C A "C2'" 
279 O "O2'" . C A 14 ? 0.5121 0.5270 0.4447 0.1978  -0.1827 -0.0892 14 C A "O2'" 
280 C "C1'" . C A 14 ? 0.4879 0.5198 0.4028 0.1721  -0.1698 -0.0917 14 C A "C1'" 
281 N N1    . C A 14 ? 0.4501 0.4575 0.3709 0.1418  -0.1749 -0.0929 14 C A N1    
282 C C2    . C A 14 ? 0.4892 0.4592 0.4123 0.1074  -0.1741 -0.0653 14 C A C2    
283 O O2    . C A 14 ? 0.4691 0.4283 0.3891 0.1039  -0.1696 -0.0419 14 C A O2    
284 N N3    . C A 14 ? 0.4502 0.3994 0.3790 0.0788  -0.1785 -0.0646 14 C A N3    
285 C C4    . C A 14 ? 0.7266 0.6898 0.6592 0.0836  -0.1837 -0.0899 14 C A C4    
286 N N4    . C A 14 ? 0.4596 0.4029 0.3983 0.0547  -0.1880 -0.0876 14 C A N4    
287 C C5    . C A 14 ? 0.4599 0.4608 0.3903 0.1179  -0.1848 -0.1183 14 C A C5    
288 C C6    . C A 14 ? 0.4566 0.4792 0.3808 0.1461  -0.1802 -0.1190 14 C A C6    
289 P P     . G A 15 ? 0.5740 0.5814 0.5592 0.2437  -0.2327 -0.1958 15 G A P     
290 O OP1   . G A 15 ? 0.6403 0.6705 0.6335 0.2813  -0.2396 -0.2254 15 G A OP1   
291 O OP2   . G A 15 ? 0.5540 0.5476 0.5452 0.2227  -0.2408 -0.2096 15 G A OP2   
292 O "O5'" . G A 15 ? 0.6142 0.5722 0.6148 0.2202  -0.2394 -0.1671 15 G A "O5'" 
293 C "C5'" . G A 15 ? 0.6604 0.5713 0.6811 0.1896  -0.2543 -0.1644 15 G A "C5'" 
294 C "C4'" . G A 15 ? 0.6963 0.5755 0.7183 0.1617  -0.2512 -0.1247 15 G A "C4'" 
295 O "O4'" . G A 15 ? 0.6815 0.5757 0.6769 0.1415  -0.2315 -0.0980 15 G A "O4'" 
296 C "C3'" . G A 15 ? 0.7070 0.5354 0.7558 0.1317  -0.2699 -0.1201 15 G A "C3'" 
297 O "O3'" . G A 15 ? 0.7158 0.5181 0.7940 0.1439  -0.2880 -0.1314 15 G A "O3'" 
298 C "C2'" . G A 15 ? 0.6672 0.4818 0.7029 0.0983  -0.2583 -0.0782 15 G A "C2'" 
299 O "O2'" . G A 15 ? 0.6674 0.4761 0.7038 0.1026  -0.2550 -0.0543 15 G A "O2'" 
300 C "C1'" . G A 15 ? 0.6503 0.5067 0.6529 0.1031  -0.2355 -0.0737 15 G A "C1'" 
301 N N9    . G A 15 ? 0.6491 0.5066 0.6479 0.0851  -0.2353 -0.0836 15 G A N9    
302 C C8    . G A 15 ? 0.6275 0.5155 0.6200 0.1031  -0.2335 -0.1124 15 G A C8    
303 N N7    . G A 15 ? 0.5220 0.4051 0.5129 0.0809  -0.2336 -0.1140 15 G A N7    
304 C C5    . G A 15 ? 0.5924 0.4401 0.5889 0.0462  -0.2354 -0.0853 15 G A C5    
305 C C6    . G A 15 ? 0.5889 0.4186 0.5869 0.0114  -0.2360 -0.0736 15 G A C6    
306 O O6    . G A 15 ? 0.5157 0.3563 0.5110 0.0042  -0.2351 -0.0863 15 G A O6    
307 N N1    . G A 15 ? 0.6076 0.4058 0.6113 -0.0170 -0.2379 -0.0432 15 G A N1    
308 C C2    . G A 15 ? 0.5757 0.3610 0.5836 -0.0129 -0.2393 -0.0258 15 G A C2    
309 N N2    . G A 15 ? 0.6003 0.3575 0.6132 -0.0446 -0.2414 0.0039  15 G A N2    
310 N N3    . G A 15 ? 0.5836 0.3844 0.5909 0.0198  -0.2388 -0.0360 15 G A N3    
311 C C4    . G A 15 ? 0.6028 0.4347 0.6041 0.0480  -0.2366 -0.0661 15 G A C4    
312 P P     . G A 16 ? 0.8369 0.6059 0.9491 0.1398  -0.3131 -0.1615 16 G A P     
313 O OP1   . G A 16 ? 0.8936 0.6525 1.0305 0.1676  -0.3263 -0.1808 16 G A OP1   
314 O OP2   . G A 16 ? 0.8315 0.6215 0.9333 0.1409  -0.3120 -0.1878 16 G A OP2   
315 O "O5'" . G A 16 ? 0.6650 0.3884 0.7932 0.0978  -0.3221 -0.1306 16 G A "O5'" 
316 C "C5'" . G A 16 ? 0.6439 0.3514 0.7741 0.0851  -0.3185 -0.0942 16 G A "C5'" 
317 C "C4'" . G A 16 ? 0.6459 0.3273 0.7769 0.0416  -0.3194 -0.0625 16 G A "C4'" 
318 O "O4'" . G A 16 ? 0.6300 0.3382 0.7275 0.0285  -0.2995 -0.0522 16 G A "O4'" 
319 C "C3'" . G A 16 ? 0.6778 0.3248 0.8376 0.0200  -0.3403 -0.0740 16 G A "C3'" 
320 O "O3'" . G A 16 ? 0.7509 0.3637 0.9474 0.0186  -0.3596 -0.0714 16 G A "O3'" 
321 C "C2'" . G A 16 ? 0.6910 0.3338 0.8350 -0.0195 -0.3312 -0.0445 16 G A "C2'" 
322 O "O2'" . G A 16 ? 0.7419 0.3783 0.8892 -0.0402 -0.3257 -0.0053 16 G A "O2'" 
323 C "C1'" . G A 16 ? 0.6840 0.3703 0.7876 -0.0077 -0.3052 -0.0415 16 G A "C1'" 
324 N N9    . G A 16 ? 0.7215 0.4287 0.8134 -0.0052 -0.3010 -0.0653 16 G A N9    
325 C C8    . G A 16 ? 0.7184 0.4589 0.7990 0.0265  -0.2957 -0.0964 16 G A C8    
326 N N7    . G A 16 ? 0.7223 0.4757 0.7952 0.0182  -0.2932 -0.1097 16 G A N7    
327 C C5    . G A 16 ? 0.7006 0.4274 0.7796 -0.0208 -0.2967 -0.0866 16 G A C5    
328 C C6    . G A 16 ? 0.6557 0.3837 0.7312 -0.0450 -0.2948 -0.0862 16 G A C6    
329 O O6    . G A 16 ? 0.6515 0.4031 0.7180 -0.0373 -0.2909 -0.1072 16 G A O6    
330 N N1    . G A 16 ? 0.6268 0.3423 0.7067 -0.0743 -0.2848 -0.0515 16 G A N1    
331 C C2    . G A 16 ? 0.6315 0.3302 0.7197 -0.0831 -0.2856 -0.0249 16 G A C2    
332 N N2    . G A 16 ? 0.6348 0.3367 0.7218 -0.1066 -0.2731 0.0030  16 G A N2    
333 N N3    . G A 16 ? 0.6740 0.3588 0.7698 -0.0674 -0.2970 -0.0271 16 G A N3    
334 C C4    . G A 16 ? 0.7188 0.4175 0.8093 -0.0359 -0.3016 -0.0590 16 G A C4    
335 P P     . A A 17 ? 0.7904 0.3982 1.0195 0.0249  -0.3752 -0.0993 17 A A P     
336 O OP1   . A A 17 ? 0.8376 0.4292 1.0996 0.0301  -0.3869 -0.0924 17 A A OP1   
337 O OP2   . A A 17 ? 0.7939 0.4173 1.0132 0.0534  -0.3773 -0.1434 17 A A OP2   
338 O "O5'" . A A 17 ? 0.9247 0.5368 1.1520 -0.0101 -0.3686 -0.0781 17 A A "O5'" 
339 C "C5'" . A A 17 ? 0.8933 0.5003 1.1307 -0.0359 -0.3659 -0.0420 17 A A "C5'" 
340 C "C4'" . A A 17 ? 0.8616 0.4852 1.0715 -0.0638 -0.3466 -0.0150 17 A A "C4'" 
341 O "O4'" . A A 17 ? 0.8089 0.4461 0.9921 -0.0592 -0.3369 -0.0307 17 A A "O4'" 
342 C "C3'" . A A 17 ? 0.9391 0.5635 1.1586 -0.0834 -0.3455 -0.0061 17 A A "C3'" 
343 O "O3'" . A A 17 ? 1.0219 0.6622 1.2209 -0.1066 -0.3279 0.0267  17 A A "O3'" 
344 C "C2'" . A A 17 ? 0.8876 0.5197 1.0963 -0.0803 -0.3422 -0.0308 17 A A "C2'" 
345 O "O2'" . A A 17 ? 0.8861 0.5270 1.0873 -0.1017 -0.3319 -0.0184 17 A A "O2'" 
346 C "C1'" . A A 17 ? 0.8170 0.4633 0.9953 -0.0735 -0.3302 -0.0337 17 A A "C1'" 
347 N N9    . A A 17 ? 0.6736 0.3293 0.8442 -0.0560 -0.3326 -0.0684 17 A A N9    
348 C C8    . A A 17 ? 0.8496 0.5042 1.0268 -0.0254 -0.3449 -0.1012 17 A A C8    
349 N N7    . A A 17 ? 0.6806 0.3551 0.8454 -0.0119 -0.3426 -0.1299 17 A A N7    
350 C C5    . A A 17 ? 0.9034 0.5886 1.0544 -0.0369 -0.3288 -0.1138 17 A A C5    
351 C C6    . A A 17 ? 0.9007 0.6097 1.0360 -0.0380 -0.3199 -0.1286 17 A A C6    
352 N N6    . A A 17 ? 0.6578 0.3881 0.7868 -0.0121 -0.3232 -0.1629 17 A A N6    
353 N N1    . A A 17 ? 0.6430 0.3579 0.7684 -0.0648 -0.3060 -0.1070 17 A A N1    
354 C C2    . A A 17 ? 0.6750 0.3765 0.8038 -0.0865 -0.3003 -0.0743 17 A A C2    
355 N N3    . A A 17 ? 0.6865 0.3703 0.8277 -0.0878 -0.3067 -0.0568 17 A A N3    
356 C C4    . A A 17 ? 0.6616 0.3356 0.8150 -0.0632 -0.3218 -0.0770 17 A A C4    
357 O "O5'" . U B 1  ? 0.7490 0.6636 0.8463 -0.2057 -0.0220 -0.2866 1  U B "O5'" 
358 C "C5'" . U B 1  ? 0.7958 0.6964 0.8967 -0.2293 0.0045  -0.2925 1  U B "C5'" 
359 C "C4'" . U B 1  ? 0.8347 0.6721 0.8756 -0.2500 0.0031  -0.2776 1  U B "C4'" 
360 O "O4'" . U B 1  ? 0.7360 0.5386 0.7381 -0.2391 -0.0273 -0.2753 1  U B "O4'" 
361 C "C3'" . U B 1  ? 0.8619 0.6791 0.8731 -0.2597 0.0087  -0.2552 1  U B "C3'" 
362 O "O3'" . U B 1  ? 0.9261 0.7566 0.9534 -0.2761 0.0397  -0.2543 1  U B "O3'" 
363 C "C2'" . U B 1  ? 0.8724 0.6366 0.8298 -0.2669 -0.0030 -0.2460 1  U B "C2'" 
364 O "O2'" . U B 1  ? 0.8530 0.5983 0.7992 -0.2914 0.0225  -0.2533 1  U B "O2'" 
365 C "C1'" . U B 1  ? 0.8972 0.6568 0.8523 -0.2472 -0.0326 -0.2574 1  U B "C1'" 
366 N N1    . U B 1  ? 0.8548 0.6115 0.7888 -0.2251 -0.0624 -0.2484 1  U B N1    
367 C C2    . U B 1  ? 0.8432 0.5670 0.7328 -0.2263 -0.0691 -0.2363 1  U B C2    
368 O O2    . U B 1  ? 0.8820 0.5751 0.7439 -0.2469 -0.0514 -0.2299 1  U B O2    
369 N N3    . U B 1  ? 0.7453 0.4782 0.6180 -0.2038 -0.0931 -0.2310 1  U B N3    
370 C C4    . U B 1  ? 0.7028 0.4730 0.5994 -0.1778 -0.1167 -0.2376 1  U B C4    
371 O O4    . U B 1  ? 0.6826 0.4742 0.5571 -0.1610 -0.1297 -0.2322 1  U B O4    
372 C C5    . U B 1  ? 0.7273 0.5236 0.6595 -0.1827 -0.1058 -0.2453 1  U B C5    
373 C C6    . U B 1  ? 0.7027 0.4973 0.6594 -0.2041 -0.0774 -0.2534 1  U B C6    
374 P P     . U B 2  ? 1.0557 0.8925 1.0763 -0.2793 0.0499  -0.2356 2  U B P     
375 O OP1   . U B 2  ? 1.0664 0.9133 1.0952 -0.3014 0.0899  -0.2455 2  U B OP1   
376 O OP2   . U B 2  ? 0.9969 0.8710 1.0490 -0.2592 0.0368  -0.2346 2  U B OP2   
377 O "O5'" . U B 2  ? 0.8212 0.6101 0.7818 -0.2850 0.0380  -0.2164 2  U B "O5'" 
378 C "C5'" . U B 2  ? 0.7823 0.5359 0.6982 -0.3119 0.0617  -0.2169 2  U B "C5'" 
379 C "C4'" . U B 2  ? 0.8054 0.5197 0.6646 -0.3121 0.0480  -0.1976 2  U B "C4'" 
380 O "O4'" . U B 2  ? 0.9137 0.6208 0.7742 -0.2897 0.0138  -0.1990 2  U B "O4'" 
381 C "C3'" . U B 2  ? 0.7763 0.4955 0.6225 -0.3048 0.0435  -0.1768 2  U B "C3'" 
382 O "O3'" . U B 2  ? 0.8061 0.5150 0.6218 -0.3278 0.0739  -0.1713 2  U B "O3'" 
383 C "C2'" . U B 2  ? 0.9511 0.6395 0.7513 -0.2948 0.0193  -0.1632 2  U B "C2'" 
384 O "O2'" . U B 2  ? 0.8488 0.4933 0.5854 -0.3156 0.0327  -0.1541 2  U B "O2'" 
385 C "C1'" . U B 2  ? 0.9080 0.6002 0.7299 -0.2815 -0.0007 -0.1809 2  U B "C1'" 
386 N N1    . U B 2  ? 0.7441 0.4656 0.5936 -0.2571 -0.0255 -0.1854 2  U B N1    
387 C C2    . U B 2  ? 0.8149 0.5220 0.6226 -0.2434 -0.0480 -0.1721 2  U B C2    
388 O O2    . U B 2  ? 0.8212 0.4893 0.5689 -0.2518 -0.0474 -0.1541 2  U B O2    
389 N N3    . U B 2  ? 0.7037 0.4437 0.5347 -0.2188 -0.0723 -0.1782 2  U B N3    
390 C C4    . U B 2  ? 0.9339 0.7182 0.8263 -0.2078 -0.0762 -0.1964 2  U B C4    
391 O O4    . U B 2  ? 0.6291 0.4455 0.5333 -0.1838 -0.1014 -0.2007 2  U B O4    
392 C C5    . U B 2  ? 0.6684 0.4604 0.5974 -0.2254 -0.0495 -0.2061 2  U B C5    
393 C C6    . U B 2  ? 0.7072 0.4693 0.6142 -0.2479 -0.0266 -0.2010 2  U B C6    
394 P P     . C B 3  ? 0.9164 0.6448 0.7372 -0.3232 0.0791  -0.1571 3  C B P     
395 O OP1   . C B 3  ? 0.9419 0.6549 0.7257 -0.3486 0.1118  -0.1595 3  C B OP1   
396 O OP2   . C B 3  ? 0.8351 0.6103 0.7236 -0.3035 0.0698  -0.1626 3  C B OP2   
397 O "O5'" . C B 3  ? 0.7667 0.4715 0.5447 -0.3116 0.0549  -0.1339 3  C B "O5'" 
398 C "C5'" . C B 3  ? 0.8965 0.5543 0.6010 -0.3265 0.0580  -0.1231 3  C B "C5'" 
399 C "C4'" . C B 3  ? 0.8742 0.5166 0.5431 -0.3113 0.0333  -0.1010 3  C B "C4'" 
400 O "O4'" . C B 3  ? 0.8888 0.5278 0.5611 -0.2965 0.0081  -0.1041 3  C B "O4'" 
401 C "C3'" . C B 3  ? 0.8413 0.5085 0.5245 -0.3020 0.0293  -0.0890 3  C B "C3'" 
402 O "O3'" . C B 3  ? 0.8531 0.5119 0.5060 -0.3136 0.0459  -0.0800 3  C B "O3'" 
403 C "C2'" . C B 3  ? 0.8569 0.5063 0.5024 -0.2883 -0.0007 -0.0725 3  C B "C2'" 
404 O "O2'" . C B 3  ? 0.8120 0.4173 0.3799 -0.2952 -0.0060 -0.0515 3  C B "O2'" 
405 C "C1'" . C B 3  ? 0.8485 0.4931 0.5078 -0.2812 -0.0134 -0.0882 3  C B "C1'" 
406 N N1    . C B 3  ? 0.7650 0.4510 0.4858 -0.2637 -0.0266 -0.1039 3  C B N1    
407 C C2    . C B 3  ? 0.7772 0.4678 0.4828 -0.2421 -0.0586 -0.0941 3  C B C2    
408 O O2    . C B 3  ? 0.8312 0.4884 0.4744 -0.2372 -0.0755 -0.0694 3  C B O2    
409 N N3    . C B 3  ? 0.7182 0.4513 0.4753 -0.2240 -0.0735 -0.1103 3  C B N3    
410 C C4    . C B 3  ? 0.6940 0.4599 0.5177 -0.2291 -0.0558 -0.1349 3  C B C4    
411 N N4    . C B 3  ? 0.6454 0.4554 0.5164 -0.2106 -0.0721 -0.1510 3  C B N4    
412 C C5    . C B 3  ? 0.7060 0.4632 0.5447 -0.2502 -0.0243 -0.1416 3  C B C5    
413 C C6    . C B 3  ? 0.7288 0.4478 0.5148 -0.2662 -0.0115 -0.1265 3  C B C6    
414 P P     . G B 4  ? 1.0960 0.7908 0.7858 -0.3085 0.0548  -0.0774 4  G B P     
415 O OP1   . G B 4  ? 1.1607 0.8387 0.8084 -0.3306 0.0803  -0.0807 4  G B OP1   
416 O OP2   . G B 4  ? 0.9697 0.7087 0.7389 -0.2955 0.0531  -0.0902 4  G B OP2   
417 O "O5'" . G B 4  ? 0.7247 0.4123 0.3823 -0.2964 0.0319  -0.0546 4  G B "O5'" 
418 C "C5'" . G B 4  ? 0.7868 0.4991 0.4781 -0.2816 0.0138  -0.0508 4  G B "C5'" 
419 C "C4'" . G B 4  ? 0.8031 0.4922 0.4387 -0.2738 -0.0133 -0.0256 4  G B "C4'" 
420 O "O4'" . G B 4  ? 0.8180 0.4870 0.4334 -0.2640 -0.0392 -0.0238 4  G B "O4'" 
421 C "C3'" . G B 4  ? 0.6399 0.3641 0.3092 -0.2624 -0.0240 -0.0150 4  G B "C3'" 
422 O "O3'" . G B 4  ? 0.6361 0.3649 0.2938 -0.2657 -0.0130 -0.0056 4  G B "O3'" 
423 C "C2'" . G B 4  ? 0.7296 0.4354 0.3618 -0.2472 -0.0645 0.0039  4  G B "C2'" 
424 O "O2'" . G B 4  ? 0.7539 0.4186 0.3149 -0.2472 -0.0788 0.0310  4  G B "O2'" 
425 C "C1'" . G B 4  ? 0.7777 0.4642 0.4029 -0.2444 -0.0694 -0.0121 4  G B "C1'" 
426 N N9    . G B 4  ? 0.6357 0.3646 0.3277 -0.2348 -0.0719 -0.0366 4  G B N9    
427 C C8    . G B 4  ? 0.7210 0.4680 0.4648 -0.2458 -0.0438 -0.0634 4  G B C8    
428 N N7    . G B 4  ? 0.5981 0.3828 0.3961 -0.2340 -0.0527 -0.0825 4  G B N7    
429 C C5    . G B 4  ? 0.5784 0.3761 0.3570 -0.2106 -0.0924 -0.0673 4  G B C5    
430 C C6    . G B 4  ? 0.5688 0.4319 0.4021 -0.1645 -0.1139 -0.0680 4  G B C6    
431 O O6    . G B 4  ? 0.5011 0.4036 0.3963 -0.1576 -0.1057 -0.0922 4  G B O6    
432 N N1    . G B 4  ? 0.5045 0.3911 0.3194 -0.1190 -0.1452 -0.0353 4  G B N1    
433 C C2    . G B 4  ? 0.5305 0.3785 0.2795 -0.1225 -0.1566 -0.0083 4  G B C2    
434 N N2    . G B 4  ? 0.4983 0.3818 0.2497 -0.0724 -0.1800 0.0195  4  G B N2    
435 N N3    . G B 4  ? 0.5814 0.3641 0.2744 -0.1689 -0.1397 -0.0096 4  G B N3    
436 C C4    . G B 4  ? 0.6004 0.3648 0.3154 -0.2078 -0.1056 -0.0377 4  G B C4    
437 P P     . G B 5  ? 0.7224 0.5004 0.4542 -0.2617 0.0089  -0.0142 5  G B P     
438 O OP1   . G B 5  ? 0.7498 0.5192 0.4553 -0.2650 0.0183  -0.0098 5  G B OP1   
439 O OP2   . G B 5  ? 0.6514 0.4533 0.4443 -0.2633 0.0267  -0.0372 5  G B OP2   
440 O "O5'" . G B 5  ? 0.5497 0.3585 0.3078 -0.2484 -0.0118 0.0041  5  G B "O5'" 
441 C "C5'" . G B 5  ? 0.4984 0.3479 0.3206 -0.2417 -0.0151 -0.0035 5  G B "C5'" 
442 C "C4'" . G B 5  ? 0.7222 0.5891 0.5356 -0.2204 -0.0543 0.0203  5  G B "C4'" 
443 O "O4'" . G B 5  ? 0.7336 0.5834 0.5210 -0.2045 -0.0770 0.0108  5  G B "O4'" 
444 C "C3'" . G B 5  ? 0.4050 0.3549 0.3042 -0.1807 -0.0550 0.0250  5  G B "C3'" 
445 O "O3'" . G B 5  ? 0.3723 0.3500 0.2935 -0.1755 -0.0464 0.0459  5  G B "O3'" 
446 C "C2'" . G B 5  ? 0.5227 0.4975 0.4156 -0.1293 -0.0920 0.0367  5  G B "C2'" 
447 O "O2'" . G B 5  ? 0.5258 0.4953 0.3738 -0.1041 -0.1169 0.0691  5  G B "O2'" 
448 C "C1'" . G B 5  ? 0.4485 0.3642 0.2895 -0.1531 -0.0968 0.0158  5  G B "C1'" 
449 N N9    . G B 5  ? 0.4661 0.4007 0.3594 -0.1619 -0.0820 -0.0171 5  G B N9    
450 C C8    . G B 5  ? 0.4717 0.3713 0.3678 -0.2114 -0.0521 -0.0473 5  G B C8    
451 N N7    . G B 5  ? 0.4533 0.3844 0.4039 -0.2058 -0.0458 -0.0738 5  G B N7    
452 C C5    . G B 5  ? 0.4073 0.3967 0.3914 -0.1485 -0.0736 -0.0594 5  G B C5    
453 C C6    . G B 5  ? 0.3710 0.4149 0.4163 -0.1158 -0.0822 -0.0756 5  G B C6    
454 O O6    . G B 5  ? 0.3716 0.4242 0.4566 -0.1314 -0.0664 -0.1077 5  G B O6    
455 N N1    . G B 5  ? 0.3317 0.4240 0.3901 -0.0589 -0.1125 -0.0508 5  G B N1    
456 C C2    . G B 5  ? 0.3270 0.4165 0.3465 -0.0370 -0.1318 -0.0156 5  G B C2    
457 N N2    . G B 5  ? 0.3984 0.5397 0.4387 0.0184  -0.1593 0.0041  5  G B N2    
458 N N3    . G B 5  ? 0.3997 0.4398 0.3635 -0.0668 -0.1247 -0.0010 5  G B N3    
459 C C4    . G B 5  ? 0.4443 0.4362 0.3931 -0.1214 -0.0958 -0.0241 5  G B C4    
460 P P     . U B 6  ? 0.3299 0.3687 0.3416 -0.1734 -0.0204 0.0375  6  U B P     
461 O OP1   . U B 6  ? 0.3338 0.3804 0.3484 -0.1800 -0.0094 0.0588  6  U B OP1   
462 O OP2   . U B 6  ? 0.3805 0.4086 0.4222 -0.2061 0.0060  0.0012  6  U B OP2   
463 O "O5'" . U B 6  ? 0.3917 0.4992 0.4541 -0.1130 -0.0446 0.0480  6  U B "O5'" 
464 C "C5'" . U B 6  ? 0.2468 0.3740 0.2878 -0.0694 -0.0750 0.0800  6  U B "C5'" 
465 C "C4'" . U B 6  ? 0.3310 0.5228 0.4250 -0.0163 -0.0936 0.0839  6  U B "C4'" 
466 O "O4'" . U B 6  ? 0.2229 0.3993 0.3008 -0.0104 -0.1086 0.0643  6  U B "O4'" 
467 C "C3'" . U B 6  ? 0.2974 0.5464 0.4779 -0.0090 -0.0721 0.0713  6  U B "C3'" 
468 O "O3'" . U B 6  ? 0.1299 0.3870 0.3234 0.0035  -0.0567 0.0837  6  U B "O3'" 
469 C "C2'" . U B 6  ? 0.1492 0.4018 0.3362 0.0329  -0.0850 0.0523  6  U B "C2'" 
470 O "O2'" . U B 6  ? 0.2482 0.4489 0.3942 0.0608  -0.0895 0.0486  6  U B "O2'" 
471 C "C1'" . U B 6  ? 0.1809 0.4164 0.3283 0.0202  -0.1096 0.0518  6  U B "C1'" 
472 N N1    . U B 6  ? 0.2114 0.4290 0.3775 -0.0121 -0.0908 0.0139  6  U B N1    
473 C C2    . U B 6  ? 0.2419 0.5057 0.4597 0.0184  -0.0991 -0.0025 6  U B C2    
474 O O2    . U B 6  ? 0.2921 0.5527 0.5141 0.0542  -0.1063 0.0190  6  U B O2    
475 N N3    . U B 6  ? 0.1936 0.4418 0.4301 -0.0119 -0.0814 -0.0388 6  U B N3    
476 C C4    . U B 6  ? 0.2384 0.4294 0.4464 -0.0692 -0.0561 -0.0595 6  U B C4    
477 O O4    . U B 6  ? 0.2511 0.4364 0.4828 -0.0905 -0.0420 -0.0927 6  U B O4    
478 C C5    . U B 6  ? 0.2661 0.4107 0.4189 -0.0978 -0.0488 -0.0400 6  U B C5    
479 C C6    . U B 6  ? 0.2551 0.4143 0.3895 -0.0689 -0.0663 -0.0050 6  U B C6    
480 P P     . U B 7  ? 0.2047 0.4749 0.4504 -0.0144 -0.0238 0.0645  7  U B P     
481 O OP1   . U B 7  ? 0.2378 0.4918 0.4650 -0.0076 -0.0152 0.0788  7  U B OP1   
482 O OP2   . U B 7  ? 0.2234 0.4833 0.4869 -0.0697 -0.0030 0.0445  7  U B OP2   
483 O "O5'" . U B 7  ? 0.1556 0.4300 0.4187 0.0177  -0.0256 0.0337  7  U B "O5'" 
484 C "C5'" . U B 7  ? 0.1910 0.4429 0.4231 0.0503  -0.0409 0.0382  7  U B "C5'" 
485 C "C4'" . U B 7  ? 0.1576 0.4185 0.4162 0.0646  -0.0469 0.0195  7  U B "C4'" 
486 O "O4'" . U B 7  ? 0.1475 0.3979 0.4079 0.0621  -0.0611 0.0089  7  U B "O4'" 
487 C "C3'" . U B 7  ? 0.1192 0.4008 0.4140 0.0549  -0.0292 -0.0064 7  U B "C3'" 
488 O "O3'" . U B 7  ? 0.2239 0.5146 0.5270 0.0631  -0.0218 0.0022  7  U B "O3'" 
489 C "C2'" . U B 7  ? 0.1811 0.4423 0.5032 0.0580  -0.0370 -0.0097 7  U B "C2'" 
490 O "O2'" . U B 7  ? 0.1904 0.4567 0.5039 0.0807  -0.0470 0.0072  7  U B "O2'" 
491 C "C1'" . U B 7  ? 0.2031 0.4519 0.5081 0.0522  -0.0505 0.0051  7  U B "C1'" 
492 N N1    . U B 7  ? 0.2421 0.5612 0.5540 0.0253  -0.0343 0.0098  7  U B N1    
493 C C2    . U B 7  ? 0.2419 0.5658 0.5816 0.0184  -0.0296 -0.0213 7  U B C2    
494 O O2    . U B 7  ? 0.2433 0.5671 0.5769 0.0423  -0.0326 -0.0120 7  U B O2    
495 N N3    . U B 7  ? 0.2501 0.5589 0.6125 -0.0274 -0.0147 -0.0608 7  U B N3    
496 C C4    . U B 7  ? 0.1549 0.4343 0.5018 -0.0730 -0.0008 -0.0649 7  U B C4    
497 O O4    . U B 7  ? 0.1962 0.4283 0.5206 -0.1155 0.0184  -0.0886 7  U B O4    
498 C C5    . U B 7  ? 0.1364 0.4258 0.4699 -0.0621 -0.0101 -0.0327 7  U B C5    
499 C C6    . U B 7  ? 0.1123 0.4335 0.4348 -0.0095 -0.0291 -0.0020 7  U B C6    
500 P P     . U B 8  ? 0.3415 0.6568 0.6557 0.0453  0.0008  -0.0078 8  U B P     
501 O OP1   . U B 8  ? 0.3897 0.6995 0.7125 0.0579  0.0018  0.0061  8  U B OP1   
502 O OP2   . U B 8  ? 0.3422 0.6590 0.6507 0.0133  0.0154  -0.0044 8  U B OP2   
503 O "O5'" . U B 8  ? 0.2418 0.5870 0.5577 0.0458  0.0079  -0.0013 8  U B "O5'" 
504 C "C5'" . U B 8  ? 0.2310 0.5844 0.5443 0.0701  0.0018  0.0050  8  U B "C5'" 
505 C "C4'" . U B 8  ? 0.2141 0.5713 0.5771 0.0637  0.0083  0.0016  8  U B "C4'" 
506 O "O4'" . U B 8  ? 0.1979 0.5452 0.5605 0.0533  0.0024  -0.0063 8  U B "O4'" 
507 C "C3'" . U B 8  ? 0.2780 0.6249 0.6693 0.0379  0.0241  -0.0240 8  U B "C3'" 
508 O "O3'" . U B 8  ? 0.3365 0.6911 0.7419 0.0462  0.0294  -0.0247 8  U B "O3'" 
509 C "C2'" . U B 8  ? 0.2475 0.5826 0.6544 0.0262  0.0245  -0.0519 8  U B "C2'" 
510 O "O2'" . U B 8  ? 0.2465 0.5924 0.6657 0.0459  0.0173  -0.0597 8  U B "O2'" 
511 C "C1'" . U B 8  ? 0.2102 0.5449 0.5952 0.0288  0.0124  -0.0399 8  U B "C1'" 
512 N N1    . U B 8  ? 0.1529 0.4700 0.5308 -0.0050 0.0216  -0.0464 8  U B N1    
513 C C2    . U B 8  ? 0.1560 0.4523 0.5513 -0.0329 0.0331  -0.0838 8  U B C2    
514 O O2    . U B 8  ? 0.1641 0.4628 0.5747 -0.0269 0.0330  -0.1043 8  U B O2    
515 N N3    . U B 8  ? 0.1749 0.4416 0.5589 -0.0700 0.0466  -0.0958 8  U B N3    
516 C C4    . U B 8  ? 0.1723 0.4290 0.5333 -0.0817 0.0470  -0.0735 8  U B C4    
517 O O4    . U B 8  ? 0.2036 0.4199 0.5359 -0.1161 0.0587  -0.0816 8  U B O4    
518 C C5    . U B 8  ? 0.1407 0.4302 0.4980 -0.0494 0.0329  -0.0388 8  U B C5    
519 C C6    . U B 8  ? 0.1259 0.4429 0.4836 -0.0123 0.0217  -0.0249 8  U B C6    
520 P P     . U B 9  ? 0.5464 0.5281 0.6317 -0.0084 -0.1164 0.1135  9  U B P     
521 O OP1   . U B 9  ? 0.6025 0.5866 0.6938 -0.0002 -0.1166 0.1041  9  U B OP1   
522 O OP2   . U B 9  ? 0.5638 0.5436 0.6383 -0.0221 -0.1160 0.1283  9  U B OP2   
523 O "O5'" . U B 9  ? 0.3835 0.3724 0.5087 -0.0062 -0.1269 0.1101  9  U B "O5'" 
524 C "C5'" . U B 9  ? 0.2855 0.2725 0.4120 0.0017  -0.1246 0.0995  9  U B "C5'" 
525 C "C4'" . U B 9  ? 0.2269 0.2222 0.3938 0.0022  -0.1337 0.0954  9  U B "C4'" 
526 O "O4'" . U B 9  ? 0.3134 0.3062 0.4731 -0.0048 -0.1337 0.1057  9  U B "O4'" 
527 C "C3'" . U B 9  ? 0.2251 0.2385 0.4365 -0.0012 -0.1362 0.0846  9  U B "C3'" 
528 O "O3'" . U B 9  ? 0.3266 0.3474 0.5663 0.0077  -0.1428 0.0740  9  U B "O3'" 
529 C "C2'" . U B 9  ? 0.2290 0.2491 0.4581 -0.0079 -0.1286 0.0738  9  U B "C2'" 
530 O "O2'" . U B 9  ? 0.2177 0.2411 0.4766 0.0036  -0.1427 0.0705  9  U B "O2'" 
531 C "C1'" . U B 9  ? 0.3349 0.3415 0.5249 -0.0132 -0.1263 0.0913  9  U B "C1'" 
532 N N1    . U B 9  ? 0.3689 0.3754 0.5348 -0.0295 -0.1077 0.0897  9  U B N1    
533 C C2    . U B 9  ? 0.3444 0.3611 0.5260 -0.0414 -0.0926 0.0733  9  U B C2    
534 O O2    . U B 9  ? 0.3564 0.3819 0.5700 -0.0388 -0.0942 0.0611  9  U B O2    
535 N N3    . U B 9  ? 0.2996 0.3157 0.4578 -0.0571 -0.0756 0.0720  9  U B N3    
536 C C4    . U B 9  ? 0.2801 0.2865 0.4018 -0.0619 -0.0726 0.0854  9  U B C4    
537 O O4    . U B 9  ? 0.2936 0.3006 0.3980 -0.0769 -0.0568 0.0822  9  U B O4    
538 C C5    . U B 9  ? 0.2705 0.2669 0.3785 -0.0486 -0.0889 0.1022  9  U B C5    
539 C C6    . U B 9  ? 0.4174 0.4141 0.5473 -0.0332 -0.1053 0.1035  9  U B C6    
540 P P     . G B 10 ? 0.5363 0.5691 0.7919 0.0006  -0.1315 0.0586  10 G B P     
541 O OP1   . G B 10 ? 0.5403 0.5817 0.8319 0.0124  -0.1426 0.0491  10 G B OP1   
542 O OP2   . G B 10 ? 0.5866 0.6107 0.8027 -0.0067 -0.1243 0.0700  10 G B OP2   
543 O "O5'" . G B 10 ? 0.2408 0.2850 0.5144 -0.0134 -0.1135 0.0403  10 G B "O5'" 
544 C "C5'" . G B 10 ? 0.2555 0.3102 0.5693 -0.0098 -0.1162 0.0263  10 G B "C5'" 
545 C "C4'" . G B 10 ? 0.2966 0.3604 0.6209 -0.0246 -0.0975 0.0107  10 G B "C4'" 
546 O "O4'" . G B 10 ? 0.3369 0.3909 0.6244 -0.0341 -0.0898 0.0222  10 G B "O4'" 
547 C "C3'" . G B 10 ? 0.2904 0.3635 0.6218 -0.0362 -0.0799 -0.0051 10 G B "C3'" 
548 O "O3'" . G B 10 ? 0.2380 0.3244 0.6134 -0.0314 -0.0811 -0.0230 10 G B "O3'" 
549 C "C2'" . G B 10 ? 0.2584 0.3334 0.5798 -0.0522 -0.0622 -0.0116 10 G B "C2'" 
550 O "O2'" . G B 10 ? 0.2555 0.3414 0.6144 -0.0521 -0.0605 -0.0266 10 G B "O2'" 
551 C "C1'" . G B 10 ? 0.2596 0.3197 0.5431 -0.0508 -0.0691 0.0102  10 G B "C1'" 
552 N N9    . G B 10 ? 0.3002 0.3500 0.5404 -0.0590 -0.0622 0.0229  10 G B N9    
553 C C8    . G B 10 ? 0.3431 0.3818 0.5568 -0.0514 -0.0730 0.0405  10 G B C8    
554 N N7    . G B 10 ? 0.2768 0.3082 0.4547 -0.0621 -0.0633 0.0489  10 G B N7    
555 C C5    . G B 10 ? 0.2896 0.3273 0.4698 -0.0778 -0.0451 0.0360  10 G B C5    
556 C C6    . G B 10 ? 0.3058 0.3401 0.4560 -0.0948 -0.0286 0.0374  10 G B C6    
557 O O6    . G B 10 ? 0.3124 0.3368 0.4271 -0.0995 -0.0272 0.0510  10 G B O6    
558 N N1    . G B 10 ? 0.3149 0.3584 0.4801 -0.1073 -0.0130 0.0207  10 G B N1    
559 C C2    . G B 10 ? 0.3090 0.3638 0.5136 -0.1038 -0.0131 0.0050  10 G B C2    
560 N N2    . G B 10 ? 0.3200 0.3822 0.5333 -0.1177 0.0037  -0.0099 10 G B N2    
561 N N3    . G B 10 ? 0.2939 0.3522 0.5273 -0.0881 -0.0285 0.0037  10 G B N3    
562 C C4    . G B 10 ? 0.2850 0.3344 0.5039 -0.0759 -0.0439 0.0196  10 G B C4    
563 P P     . A B 11 ? 0.2678 0.3612 0.6516 -0.0360 -0.0713 -0.0351 11 A B P     
564 O OP1   . A B 11 ? 0.2890 0.3970 0.7240 -0.0303 -0.0733 -0.0541 11 A B OP1   
565 O OP2   . A B 11 ? 0.2742 0.3562 0.6259 -0.0299 -0.0804 -0.0177 11 A B OP2   
566 O "O5'" . A B 11 ? 0.3234 0.4194 0.6917 -0.0561 -0.0472 -0.0447 11 A B "O5'" 
567 C "C5'" . A B 11 ? 0.2654 0.3736 0.6632 -0.0653 -0.0334 -0.0646 11 A B "C5'" 
568 C "C4'" . A B 11 ? 0.3647 0.4717 0.7376 -0.0845 -0.0121 -0.0692 11 A B "C4'" 
569 O "O4'" . A B 11 ? 0.3618 0.4557 0.6930 -0.0878 -0.0141 -0.0502 11 A B "O4'" 
570 C "C3'" . A B 11 ? 0.2935 0.3997 0.6487 -0.0941 0.0001  -0.0727 11 A B "C3'" 
571 O "O3'" . A B 11 ? 0.3887 0.5079 0.7792 -0.0985 0.0113  -0.0950 11 A B "O3'" 
572 C "C2'" . A B 11 ? 0.3097 0.4083 0.6257 -0.1105 0.0144  -0.0664 11 A B "C2'" 
573 O "O2'" . A B 11 ? 0.4701 0.5780 0.8044 -0.1232 0.0312  -0.0844 11 A B "O2'" 
574 C "C1'" . A B 11 ? 0.3032 0.3913 0.5989 -0.1023 0.0002  -0.0466 11 A B "C1'" 
575 N N9    . A B 11 ? 0.3004 0.3751 0.5600 -0.0959 -0.0112 -0.0250 11 A B N9    
576 C C8    . A B 11 ? 0.2858 0.3558 0.5486 -0.0788 -0.0310 -0.0132 11 A B C8    
577 N N7    . A B 11 ? 0.2869 0.3447 0.5131 -0.0771 -0.0367 0.0054  11 A B N7    
578 C C5    . A B 11 ? 0.3035 0.3575 0.5001 -0.0943 -0.0201 0.0060  11 A B C5    
579 C C6    . A B 11 ? 0.3249 0.3670 0.4772 -0.1016 -0.0170 0.0220  11 A B C6    
580 N N6    . A B 11 ? 0.3064 0.3377 0.4358 -0.0917 -0.0308 0.0409  11 A B N6    
581 N N1    . A B 11 ? 0.3391 0.3804 0.4711 -0.1198 0.0010  0.0180  11 A B N1    
582 C C2    . A B 11 ? 0.3367 0.3886 0.4914 -0.1299 0.0151  -0.0012 11 A B C2    
583 N N3    . A B 11 ? 0.3289 0.3927 0.5257 -0.1243 0.0142  -0.0175 11 A B N3    
584 C C4    . A B 11 ? 0.3122 0.3764 0.5285 -0.1062 -0.0042 -0.0127 11 A B C4    
585 P P     . U B 12 ? 0.3877 0.5082 0.7779 -0.0983 0.0138  -0.0991 12 U B P     
586 O OP1   . U B 12 ? 0.3742 0.5095 0.8074 -0.1025 0.0257  -0.1239 12 U B OP1   
587 O OP2   . U B 12 ? 0.3786 0.4919 0.7610 -0.0814 -0.0073 -0.0824 12 U B OP2   
588 O "O5'" . U B 12 ? 0.3437 0.4551 0.6870 -0.1151 0.0288  -0.0923 12 U B "O5'" 
589 C "C5'" . U B 12 ? 0.3306 0.4447 0.6670 -0.1333 0.0491  -0.1031 12 U B "C5'" 
590 C "C4'" . U B 12 ? 0.4052 0.5077 0.6914 -0.1467 0.0581  -0.0907 12 U B "C4'" 
591 O "O4'" . U B 12 ? 0.3414 0.4313 0.5950 -0.1405 0.0447  -0.0672 12 U B "O4'" 
592 C "C3'" . U B 12 ? 0.4175 0.5157 0.6856 -0.1486 0.0596  -0.0873 12 U B "C3'" 
593 O "O3'" . U B 12 ? 0.4576 0.5645 0.7413 -0.1611 0.0779  -0.1079 12 U B "O3'" 
594 C "C2'" . U B 12 ? 0.3592 0.4426 0.5744 -0.1560 0.0594  -0.0662 12 U B "C2'" 
595 O "O2'" . U B 12 ? 0.3781 0.4610 0.5752 -0.1763 0.0793  -0.0731 12 U B "O2'" 
596 C "C1'" . U B 12 ? 0.4066 0.4850 0.6186 -0.1449 0.0445  -0.0517 12 U B "C1'" 
597 N N1    . U B 12 ? 0.3506 0.4217 0.5557 -0.1269 0.0230  -0.0339 12 U B N1    
598 C C2    . U B 12 ? 0.3663 0.4236 0.5283 -0.1275 0.0175  -0.0128 12 U B C2    
599 O O2    . U B 12 ? 0.4079 0.4589 0.5370 -0.1424 0.0292  -0.0077 12 U B O2    
600 N N3    . U B 12 ? 0.3221 0.3732 0.4809 -0.1103 -0.0023 0.0025  12 U B N3    
601 C C4    . U B 12 ? 0.3851 0.4421 0.5784 -0.0934 -0.0171 -0.0013 12 U B C4    
602 O O4    . U B 12 ? 0.3338 0.3838 0.5195 -0.0792 -0.0343 0.0136  12 U B O4    
603 C C5    . U B 12 ? 0.3653 0.4365 0.6021 -0.0940 -0.0107 -0.0230 12 U B C5    
604 C C6    . U B 12 ? 0.3163 0.3939 0.5575 -0.1102 0.0086  -0.0382 12 U B C6    
605 P P     . C B 13 ? 0.5802 0.6905 0.8765 -0.1567 0.0771  -0.1147 13 C B P     
606 O OP1   . C B 13 ? 0.6163 0.7386 0.9433 -0.1678 0.0960  -0.1403 13 C B OP1   
607 O OP2   . C B 13 ? 0.5070 0.6172 0.8207 -0.1353 0.0547  -0.1055 13 C B OP2   
608 O "O5'" . C B 13 ? 0.4590 0.5564 0.7045 -0.1664 0.0809  -0.0995 13 C B "O5'" 
609 C "C5'" . C B 13 ? 0.4822 0.5751 0.6977 -0.1872 0.0992  -0.1013 13 C B "C5'" 
610 C "C4'" . C B 13 ? 0.4914 0.5695 0.6561 -0.1913 0.0948  -0.0791 13 C B "C4'" 
611 O "O4'" . C B 13 ? 0.4996 0.5694 0.6475 -0.1806 0.0787  -0.0586 13 C B "O4'" 
612 C "C3'" . C B 13 ? 0.4679 0.5420 0.6240 -0.1835 0.0861  -0.0718 13 C B "C3'" 
613 O "O3'" . C B 13 ? 0.4862 0.5629 0.6393 -0.1970 0.1020  -0.0847 13 C B "O3'" 
614 C "C2'" . C B 13 ? 0.5006 0.5598 0.6119 -0.1809 0.0744  -0.0447 13 C B "C2'" 
615 O "O2'" . C B 13 ? 0.5261 0.5775 0.5986 -0.2005 0.0885  -0.0401 13 C B "O2'" 
616 C "C1'" . C B 13 ? 0.4878 0.5465 0.6056 -0.1734 0.0658  -0.0379 13 C B "C1'" 
617 N N1    . C B 13 ? 0.4530 0.5121 0.5901 -0.1513 0.0443  -0.0294 13 C B N1    
618 C C2    . C B 13 ? 0.4563 0.5030 0.5633 -0.1419 0.0286  -0.0054 13 C B C2    
619 O O2    . C B 13 ? 0.4367 0.4730 0.5032 -0.1522 0.0332  0.0077  13 C B O2    
620 N N3    . C B 13 ? 0.3370 0.3831 0.4594 -0.1220 0.0090  0.0029  13 C B N3    
621 C C4    . C B 13 ? 0.3251 0.3824 0.4913 -0.1118 0.0042  -0.0113 13 C B C4    
622 N N4    . C B 13 ? 0.3078 0.3633 0.4866 -0.0931 -0.0157 -0.0021 13 C B N4    
623 C C5    . C B 13 ? 0.3310 0.4014 0.5297 -0.1208 0.0195  -0.0356 13 C B C5    
624 C C6    . C B 13 ? 0.3494 0.4201 0.5324 -0.1402 0.0394  -0.0440 13 C B C6    
625 P P     . C B 14 ? 0.6244 0.7033 0.7894 -0.1882 0.0963  -0.0878 14 C B P     
626 O OP1   . C B 14 ? 0.6803 0.7629 0.8453 -0.2059 0.1173  -0.1053 14 C B OP1   
627 O OP2   . C B 14 ? 0.5093 0.5968 0.7165 -0.1679 0.0811  -0.0925 14 C B OP2   
628 O "O5'" . C B 14 ? 0.4324 0.4967 0.5534 -0.1836 0.0829  -0.0615 14 C B "O5'" 
629 C "C5'" . C B 14 ? 0.4551 0.5085 0.5300 -0.1999 0.0918  -0.0503 14 C B "C5'" 
630 C "C4'" . C B 14 ? 0.4747 0.5150 0.5145 -0.1910 0.0749  -0.0235 14 C B "C4'" 
631 O "O4'" . C B 14 ? 0.3950 0.4327 0.4382 -0.1776 0.0598  -0.0108 14 C B "O4'" 
632 C "C3'" . C B 14 ? 0.3969 0.4361 0.4415 -0.1770 0.0617  -0.0178 14 C B "C3'" 
633 O "O3'" . C B 14 ? 0.5944 0.6315 0.6228 -0.1884 0.0721  -0.0219 14 C B "O3'" 
634 C "C2'" . C B 14 ? 0.4609 0.4884 0.4792 -0.1648 0.0427  0.0086  14 C B "C2'" 
635 O "O2'" . C B 14 ? 0.4609 0.4760 0.4325 -0.1773 0.0466  0.0249  14 C B "O2'" 
636 C "C1'" . C B 14 ? 0.3818 0.4116 0.4123 -0.1617 0.0404  0.0086  14 C B "C1'" 
637 N N1    . C B 14 ? 0.3611 0.3976 0.4284 -0.1416 0.0250  0.0057  14 C B N1    
638 C C2    . C B 14 ? 0.4000 0.4285 0.4571 -0.1247 0.0045  0.0254  14 C B C2    
639 O O2    . C B 14 ? 0.4214 0.4378 0.4402 -0.1266 -0.0001 0.0448  14 C B O2    
640 N N3    . C B 14 ? 0.3284 0.3623 0.4175 -0.1067 -0.0101 0.0233  14 C B N3    
641 C C4    . C B 14 ? 0.3295 0.3766 0.4605 -0.1052 -0.0051 0.0028  14 C B C4    
642 N N4    . C B 14 ? 0.3065 0.3584 0.4681 -0.0878 -0.0203 0.0018  14 C B N4    
643 C C5    . C B 14 ? 0.3460 0.4018 0.4895 -0.1217 0.0159  -0.0178 14 C B C5    
644 C C6    . C B 14 ? 0.3566 0.4065 0.4670 -0.1395 0.0305  -0.0158 14 C B C6    
645 P P     . G B 15 ? 0.5500 0.5920 0.5994 -0.1774 0.0660  -0.0287 15 G B P     
646 O OP1   . G B 15 ? 0.5619 0.6015 0.5914 -0.1947 0.0817  -0.0351 15 G B OP1   
647 O OP2   . G B 15 ? 0.5318 0.5873 0.6326 -0.1650 0.0625  -0.0461 15 G B OP2   
648 O "O5'" . G B 15 ? 0.3858 0.4177 0.4145 -0.1607 0.0435  -0.0036 15 G B "O5'" 
649 C "C5'" . G B 15 ? 0.3949 0.4129 0.3761 -0.1676 0.0410  0.0175  15 G B "C5'" 
650 C "C4'" . G B 15 ? 0.4372 0.4471 0.4067 -0.1491 0.0189  0.0392  15 G B "C4'" 
651 O "O4'" . G B 15 ? 0.4243 0.4334 0.4025 -0.1380 0.0076  0.0473  15 G B "O4'" 
652 C "C3'" . G B 15 ? 0.3626 0.3779 0.3585 -0.1320 0.0068  0.0352  15 G B "C3'" 
653 O "O3'" . G B 15 ? 0.4550 0.4680 0.4373 -0.1373 0.0110  0.0344  15 G B "O3'" 
654 C "C2'" . G B 15 ? 0.4725 0.4802 0.4602 -0.1140 -0.0149 0.0563  15 G B "C2'" 
655 O "O2'" . G B 15 ? 0.5169 0.5110 0.4618 -0.1164 -0.0205 0.0783  15 G B "O2'" 
656 C "C1'" . G B 15 ? 0.3965 0.4042 0.3861 -0.1169 -0.0127 0.0575  15 G B "C1'" 
657 N N9    . G B 15 ? 0.3864 0.4050 0.4200 -0.1048 -0.0181 0.0438  15 G B N9    
658 C C8    . G B 15 ? 0.3363 0.3674 0.4036 -0.1107 -0.0058 0.0214  15 G B C8    
659 N N7    . G B 15 ? 0.5158 0.5542 0.6188 -0.0958 -0.0165 0.0154  15 G B N7    
660 C C5    . G B 15 ? 0.3066 0.3368 0.3982 -0.0796 -0.0367 0.0347  15 G B C5    
661 C C6    . G B 15 ? 0.3246 0.3566 0.4401 -0.0600 -0.0552 0.0388  15 G B C6    
662 O O6    . G B 15 ? 0.2785 0.3205 0.4321 -0.0530 -0.0581 0.0258  15 G B O6    
663 N N1    . G B 15 ? 0.2794 0.3000 0.3702 -0.0488 -0.0717 0.0605  15 G B N1    
664 C C2    . G B 15 ? 0.3153 0.3244 0.3645 -0.0553 -0.0705 0.0765  15 G B C2    
665 N N2    . G B 15 ? 0.3148 0.3137 0.3459 -0.0423 -0.0878 0.0965  15 G B N2    
666 N N3    . G B 15 ? 0.3290 0.3365 0.3557 -0.0735 -0.0539 0.0735  15 G B N3    
667 C C4    . G B 15 ? 0.3142 0.3324 0.3637 -0.0847 -0.0376 0.0522  15 G B C4    
668 P P     . G B 16 ? 0.5398 0.5629 0.5583 -0.1262 0.0074  0.0195  16 G B P     
669 O OP1   . G B 16 ? 0.4730 0.4929 0.4719 -0.1375 0.0172  0.0171  16 G B OP1   
670 O OP2   . G B 16 ? 0.4966 0.5333 0.5596 -0.1247 0.0144  -0.0027 16 G B OP2   
671 O "O5'" . G B 16 ? 0.4274 0.4461 0.4493 -0.1029 -0.0173 0.0365  16 G B "O5'" 
672 C "C5'" . G B 16 ? 0.4299 0.4361 0.4154 -0.0990 -0.0282 0.0588  16 G B "C5'" 
673 C "C4'" . G B 16 ? 0.3834 0.3860 0.3756 -0.0771 -0.0511 0.0734  16 G B "C4'" 
674 O "O4'" . G B 16 ? 0.4379 0.4404 0.4384 -0.0715 -0.0570 0.0776  16 G B "O4'" 
675 C "C3'" . G B 16 ? 0.3533 0.3651 0.3842 -0.0606 -0.0612 0.0627  16 G B "C3'" 
676 O "O3'" . G B 16 ? 0.3239 0.3347 0.3485 -0.0591 -0.0625 0.0630  16 G B "O3'" 
677 C "C2'" . G B 16 ? 0.2817 0.2888 0.3164 -0.0423 -0.0817 0.0777  16 G B "C2'" 
678 O "O2'" . G B 16 ? 0.3902 0.3848 0.3913 -0.0362 -0.0941 0.1004  16 G B "O2'" 
679 C "C1'" . G B 16 ? 0.2887 0.2937 0.3145 -0.0508 -0.0753 0.0804  16 G B "C1'" 
680 N N9    . G B 16 ? 0.3865 0.4036 0.4539 -0.0474 -0.0727 0.0622  16 G B N9    
681 C C8    . G B 16 ? 0.2924 0.3193 0.3796 -0.0601 -0.0554 0.0422  16 G B C8    
682 N N7    . G B 16 ? 0.2818 0.3183 0.4076 -0.0514 -0.0595 0.0304  16 G B N7    
683 C C5    . G B 16 ? 0.2644 0.2969 0.3954 -0.0323 -0.0808 0.0432  16 G B C5    
684 C C6    . G B 16 ? 0.2481 0.2865 0.4135 -0.0167 -0.0944 0.0395  16 G B C6    
685 O O6    . G B 16 ? 0.2454 0.2943 0.4457 -0.0166 -0.0904 0.0236  16 G B O6    
686 N N1    . G B 16 ? 0.2345 0.2649 0.3906 -0.0004 -0.1147 0.0569  16 G B N1    
687 C C2    . G B 16 ? 0.3850 0.4033 0.5038 0.0009  -0.1208 0.0756  16 G B C2    
688 N N2    . G B 16 ? 0.2255 0.2352 0.3317 0.0151  -0.1288 0.0828  16 G B N2    
689 N N3    . G B 16 ? 0.2510 0.2640 0.3382 -0.0134 -0.1083 0.0796  16 G B N3    
690 C C4    . G B 16 ? 0.2646 0.2852 0.3598 -0.0296 -0.0888 0.0628  16 G B C4    
691 P P     . A B 17 ? 0.2894 0.3128 0.3569 -0.0501 -0.0636 0.0435  17 A B P     
692 O OP1   . A B 17 ? 0.2912 0.3105 0.3427 -0.0496 -0.0656 0.0482  17 A B OP1   
693 O OP2   . A B 17 ? 0.2973 0.3326 0.3948 -0.0609 -0.0463 0.0195  17 A B OP2   
694 O "O5'" . A B 17 ? 0.4187 0.4443 0.5129 -0.0279 -0.0848 0.0487  17 A B "O5'" 
695 C "C5'" . A B 17 ? 0.2549 0.2714 0.3329 -0.0128 -0.1043 0.0685  17 A B "C5'" 
696 C "C4'" . A B 17 ? 0.2546 0.2757 0.3652 0.0065  -0.1218 0.0680  17 A B "C4'" 
697 O "O4'" . A B 17 ? 0.2348 0.2562 0.3512 0.0053  -0.1215 0.0687  17 A B "O4'" 
698 C "C3'" . A B 17 ? 0.2267 0.2621 0.3854 0.0132  -0.1214 0.0466  17 A B "C3'" 
699 O "O3'" . A B 17 ? 0.2199 0.2559 0.3833 0.0216  -0.1289 0.0468  17 A B "O3'" 
700 C "C2'" . A B 17 ? 0.2662 0.3046 0.4511 0.0266  -0.1350 0.0472  17 A B "C2'" 
701 O "O2'" . A B 17 ? 0.2635 0.2872 0.4110 0.0350  -0.1292 0.0526  17 A B "O2'" 
702 C "C1'" . A B 17 ? 0.2221 0.2543 0.3828 0.0163  -0.1281 0.0554  17 A B "C1'" 
703 N N9    . A B 17 ? 0.2640 0.3066 0.4473 0.0038  -0.1109 0.0357  17 A B N9    
704 C C8    . A B 17 ? 0.2491 0.2939 0.4220 -0.0151 -0.0899 0.0251  17 A B C8    
705 N N7    . A B 17 ? 0.2531 0.3081 0.4536 -0.0220 -0.0783 0.0074  17 A B N7    
706 C C5    . A B 17 ? 0.2818 0.3415 0.5134 -0.0067 -0.0930 0.0063  17 A B C5    
707 C C6    . A B 17 ? 0.2324 0.3026 0.5025 -0.0048 -0.0911 -0.0085 17 A B C6    
708 N N6    . A B 17 ? 0.2436 0.3223 0.5289 -0.0186 -0.0726 -0.0260 17 A B N6    
709 N N1    . A B 17 ? 0.2160 0.2875 0.5084 0.0119  -0.1094 -0.0042 17 A B N1    
710 C C2    . A B 17 ? 0.2051 0.2680 0.4821 0.0256  -0.1277 0.0131  17 A B C2    
711 N N3    . A B 17 ? 0.2075 0.2602 0.4496 0.0259  -0.1312 0.0279  17 A B N3    
712 C C4    . A B 17 ? 0.2592 0.3110 0.4800 0.0092  -0.1131 0.0236  17 A B C4    
# 
